data_1JK1
# 
_entry.id   1JK1 
# 
_audit_conform.dict_name       mmcif_pdbx.dic 
_audit_conform.dict_version    5.376 
_audit_conform.dict_location   http://mmcif.pdb.org/dictionaries/ascii/mmcif_pdbx.dic 
# 
loop_
_database_2.database_id 
_database_2.database_code 
_database_2.pdbx_database_accession 
_database_2.pdbx_DOI 
PDB   1JK1         pdb_00001jk1 10.2210/pdb1jk1/pdb 
NDB   PD0230       ?            ?                   
RCSB  RCSB013864   ?            ?                   
WWPDB D_1000013864 ?            ?                   
# 
loop_
_pdbx_database_related.db_name 
_pdbx_database_related.db_id 
_pdbx_database_related.details 
_pdbx_database_related.content_type 
PDB 1AAY 'WT Zif268 zinc finger-DNA complex'            unspecified 
PDB 1JK2 'Zif268 D20A mutant bound to the GCT DNA site' unspecified 
# 
_pdbx_database_status.status_code                     REL 
_pdbx_database_status.entry_id                        1JK1 
_pdbx_database_status.recvd_initial_deposition_date   2001-07-11 
_pdbx_database_status.deposit_site                    RCSB 
_pdbx_database_status.process_site                    RCSB 
_pdbx_database_status.SG_entry                        . 
_pdbx_database_status.pdb_format_compatible           Y 
_pdbx_database_status.status_code_mr                  ? 
_pdbx_database_status.status_code_sf                  ? 
_pdbx_database_status.status_code_cs                  ? 
_pdbx_database_status.status_code_nmr_data            ? 
_pdbx_database_status.methods_development_category    ? 
# 
loop_
_audit_author.name 
_audit_author.pdbx_ordinal 
'Miller, J.C.' 1 
'Pabo, C.O.'   2 
# 
loop_
_citation.id 
_citation.title 
_citation.journal_abbrev 
_citation.journal_volume 
_citation.page_first 
_citation.page_last 
_citation.year 
_citation.journal_id_ASTM 
_citation.country 
_citation.journal_id_ISSN 
_citation.journal_id_CSD 
_citation.book_publisher 
_citation.pdbx_database_id_PubMed 
_citation.pdbx_database_id_DOI 
primary 'Rearrangement of side-chains in a Zif268 mutant highlights the complexities of zinc finger-DNA recognition.' J.Mol.Biol.  
313 309   315   2001 JMOBAK UK 0022-2836 0070 ? 11800559 10.1006/jmbi.2001.4975          
1       'Zif268 Protein-DNA Complex Refined at 1.6 A: A Model System for Understanding Zinc Finger-DNA Interactions' Structure    
4   1171  1180  1996 STRUE6 UK 0969-2126 2005 ? ?        '10.1016/S0969-2126(96)00125-6' 
2       
;Binding Studies with Mutants of Zif268. Contribution of Individual Side Chains to Binding Affinity and Specificity in the Zif268 Zinc Finger-DNA Complex
;
J.Biol.Chem. 274 19281 19285 1999 JBCHA3 US 0021-9258 0071 ? ?        10.1074/jbc.274.27.19281        
# 
loop_
_citation_author.citation_id 
_citation_author.name 
_citation_author.ordinal 
_citation_author.identifier_ORCID 
primary 'Miller, J.C.'       1 ? 
primary 'Pabo, C.O.'         2 ? 
1       'Elrod-Erickson, M.' 3 ? 
1       'Rould, M.A.'        4 ? 
1       'Nekludova, L.'      5 ? 
1       'Pabo, C.O.'         6 ? 
2       'Elrod-Erickson, M.' 7 ? 
2       'Pabo, C.O.'         8 ? 
# 
_cell.entry_id           1JK1 
_cell.length_a           44.260 
_cell.length_b           56.240 
_cell.length_c           131.470 
_cell.angle_alpha        90.00 
_cell.angle_beta         90.00 
_cell.angle_gamma        90.00 
_cell.Z_PDB              8 
_cell.pdbx_unique_axis   ? 
# 
_symmetry.entry_id                         1JK1 
_symmetry.space_group_name_H-M             'C 2 2 21' 
_symmetry.pdbx_full_space_group_name_H-M   ? 
_symmetry.cell_setting                     ? 
_symmetry.Int_Tables_number                20 
# 
loop_
_entity.id 
_entity.type 
_entity.src_method 
_entity.pdbx_description 
_entity.formula_weight 
_entity.pdbx_number_of_molecules 
_entity.pdbx_ec 
_entity.pdbx_mutation 
_entity.pdbx_fragment 
_entity.details 
1 polymer     syn "5'-D(*AP*GP*CP*GP*TP*GP*GP*GP*CP*GP*G)-3'" 3455.246  1   ? ?     ?                                 ? 
2 polymer     syn "5'-D(*TP*CP*CP*GP*CP*CP*CP*AP*CP*GP*C)-3'" 3255.126  1   ? ?     ?                                 ? 
3 polymer     man ZIF268                                      10809.488 1   ? D120A 'ZINC FINGERS (Residues 333-421)' ? 
4 non-polymer syn 'ZINC ION'                                  65.409    3   ? ?     ?                                 ? 
5 water       nat water                                       18.015    136 ? ?     ?                                 ? 
# 
_entity_name_com.entity_id   3 
_entity_name_com.name        'EARLY GROWTH RESPONSE PROTEIN 1' 
# 
loop_
_entity_poly.entity_id 
_entity_poly.type 
_entity_poly.nstd_linkage 
_entity_poly.nstd_monomer 
_entity_poly.pdbx_seq_one_letter_code 
_entity_poly.pdbx_seq_one_letter_code_can 
_entity_poly.pdbx_strand_id 
_entity_poly.pdbx_target_identifier 
1 polydeoxyribonucleotide no no '(DA)(DG)(DC)(DG)(DT)(DG)(DG)(DG)(DC)(DG)(DG)'                                                
AGCGTGGGCGG                                                                                   B ? 
2 polydeoxyribonucleotide no no '(DT)(DC)(DC)(DG)(DC)(DC)(DC)(DA)(DC)(DG)(DC)'                                                
TCCGCCCACGC                                                                                   C ? 
3 'polypeptide(L)'        no no 
;MERPYACPVESCDRRFSRSAELTRHIRIHTGQKPFQCRICMRNFSRSDHLTTHIRTHTGEKPFACDICGRKFARSDERKR
HTKIHLRQKD
;
;MERPYACPVESCDRRFSRSAELTRHIRIHTGQKPFQCRICMRNFSRSDHLTTHIRTHTGEKPFACDICGRKFARSDERKR
HTKIHLRQKD
;
A ? 
# 
loop_
_entity_poly_seq.entity_id 
_entity_poly_seq.num 
_entity_poly_seq.mon_id 
_entity_poly_seq.hetero 
1 1  DA  n 
1 2  DG  n 
1 3  DC  n 
1 4  DG  n 
1 5  DT  n 
1 6  DG  n 
1 7  DG  n 
1 8  DG  n 
1 9  DC  n 
1 10 DG  n 
1 11 DG  n 
2 1  DT  n 
2 2  DC  n 
2 3  DC  n 
2 4  DG  n 
2 5  DC  n 
2 6  DC  n 
2 7  DC  n 
2 8  DA  n 
2 9  DC  n 
2 10 DG  n 
2 11 DC  n 
3 1  MET n 
3 2  GLU n 
3 3  ARG n 
3 4  PRO n 
3 5  TYR n 
3 6  ALA n 
3 7  CYS n 
3 8  PRO n 
3 9  VAL n 
3 10 GLU n 
3 11 SER n 
3 12 CYS n 
3 13 ASP n 
3 14 ARG n 
3 15 ARG n 
3 16 PHE n 
3 17 SER n 
3 18 ARG n 
3 19 SER n 
3 20 ALA n 
3 21 GLU n 
3 22 LEU n 
3 23 THR n 
3 24 ARG n 
3 25 HIS n 
3 26 ILE n 
3 27 ARG n 
3 28 ILE n 
3 29 HIS n 
3 30 THR n 
3 31 GLY n 
3 32 GLN n 
3 33 LYS n 
3 34 PRO n 
3 35 PHE n 
3 36 GLN n 
3 37 CYS n 
3 38 ARG n 
3 39 ILE n 
3 40 CYS n 
3 41 MET n 
3 42 ARG n 
3 43 ASN n 
3 44 PHE n 
3 45 SER n 
3 46 ARG n 
3 47 SER n 
3 48 ASP n 
3 49 HIS n 
3 50 LEU n 
3 51 THR n 
3 52 THR n 
3 53 HIS n 
3 54 ILE n 
3 55 ARG n 
3 56 THR n 
3 57 HIS n 
3 58 THR n 
3 59 GLY n 
3 60 GLU n 
3 61 LYS n 
3 62 PRO n 
3 63 PHE n 
3 64 ALA n 
3 65 CYS n 
3 66 ASP n 
3 67 ILE n 
3 68 CYS n 
3 69 GLY n 
3 70 ARG n 
3 71 LYS n 
3 72 PHE n 
3 73 ALA n 
3 74 ARG n 
3 75 SER n 
3 76 ASP n 
3 77 GLU n 
3 78 ARG n 
3 79 LYS n 
3 80 ARG n 
3 81 HIS n 
3 82 THR n 
3 83 LYS n 
3 84 ILE n 
3 85 HIS n 
3 86 LEU n 
3 87 ARG n 
3 88 GLN n 
3 89 LYS n 
3 90 ASP n 
# 
_entity_src_gen.entity_id                          3 
_entity_src_gen.pdbx_src_id                        1 
_entity_src_gen.pdbx_alt_source_flag               sample 
_entity_src_gen.pdbx_seq_type                      ? 
_entity_src_gen.pdbx_beg_seq_num                   ? 
_entity_src_gen.pdbx_end_seq_num                   ? 
_entity_src_gen.gene_src_common_name               'house mouse' 
_entity_src_gen.gene_src_genus                     Mus 
_entity_src_gen.pdbx_gene_src_gene                 ? 
_entity_src_gen.gene_src_species                   ? 
_entity_src_gen.gene_src_strain                    ? 
_entity_src_gen.gene_src_tissue                    ? 
_entity_src_gen.gene_src_tissue_fraction           ? 
_entity_src_gen.gene_src_details                   ? 
_entity_src_gen.pdbx_gene_src_fragment             ? 
_entity_src_gen.pdbx_gene_src_scientific_name      'Mus musculus' 
_entity_src_gen.pdbx_gene_src_ncbi_taxonomy_id     10090 
_entity_src_gen.pdbx_gene_src_variant              ? 
_entity_src_gen.pdbx_gene_src_cell_line            ? 
_entity_src_gen.pdbx_gene_src_atcc                 ? 
_entity_src_gen.pdbx_gene_src_organ                ? 
_entity_src_gen.pdbx_gene_src_organelle            ? 
_entity_src_gen.pdbx_gene_src_cell                 ? 
_entity_src_gen.pdbx_gene_src_cellular_location    ? 
_entity_src_gen.host_org_common_name               ? 
_entity_src_gen.pdbx_host_org_scientific_name      'Escherichia coli BL21(DE3)' 
_entity_src_gen.pdbx_host_org_ncbi_taxonomy_id     469008 
_entity_src_gen.host_org_genus                     Escherichia 
_entity_src_gen.pdbx_host_org_gene                 ? 
_entity_src_gen.pdbx_host_org_organ                ? 
_entity_src_gen.host_org_species                   'Escherichia coli' 
_entity_src_gen.pdbx_host_org_tissue               ? 
_entity_src_gen.pdbx_host_org_tissue_fraction      ? 
_entity_src_gen.pdbx_host_org_strain               'BL21 (DE3)' 
_entity_src_gen.pdbx_host_org_variant              ? 
_entity_src_gen.pdbx_host_org_cell_line            ? 
_entity_src_gen.pdbx_host_org_atcc                 ? 
_entity_src_gen.pdbx_host_org_culture_collection   ? 
_entity_src_gen.pdbx_host_org_cell                 ? 
_entity_src_gen.pdbx_host_org_organelle            ? 
_entity_src_gen.pdbx_host_org_cellular_location    ? 
_entity_src_gen.pdbx_host_org_vector_type          plasmid 
_entity_src_gen.pdbx_host_org_vector               ? 
_entity_src_gen.host_org_details                   ? 
_entity_src_gen.expression_system_id               ? 
_entity_src_gen.plasmid_name                       pZifD20A 
_entity_src_gen.plasmid_details                    ? 
_entity_src_gen.pdbx_description                   ? 
# 
loop_
_struct_ref.id 
_struct_ref.db_name 
_struct_ref.db_code 
_struct_ref.entity_id 
_struct_ref.pdbx_seq_one_letter_code 
_struct_ref.pdbx_align_begin 
_struct_ref.pdbx_db_accession 
_struct_ref.pdbx_db_isoform 
1 UNP EGR1_MOUSE 3 
;ERPYACPVESCDRRFSRSDELTRHIRIHTGQKPFQCRICMRNFSRSDHLTTHIRTHTGEKPFACDICGRKFARSDERKRH
TKIHLRQKD
;
333 P08046 ? 
2 PDB 1JK1       1 ?                                                                                            ?   1JK1   ? 
3 PDB 1JK1       2 ?                                                                                            ?   1JK1   ? 
# 
loop_
_struct_ref_seq.align_id 
_struct_ref_seq.ref_id 
_struct_ref_seq.pdbx_PDB_id_code 
_struct_ref_seq.pdbx_strand_id 
_struct_ref_seq.seq_align_beg 
_struct_ref_seq.pdbx_seq_align_beg_ins_code 
_struct_ref_seq.seq_align_end 
_struct_ref_seq.pdbx_seq_align_end_ins_code 
_struct_ref_seq.pdbx_db_accession 
_struct_ref_seq.db_align_beg 
_struct_ref_seq.pdbx_db_align_beg_ins_code 
_struct_ref_seq.db_align_end 
_struct_ref_seq.pdbx_db_align_end_ins_code 
_struct_ref_seq.pdbx_auth_seq_align_beg 
_struct_ref_seq.pdbx_auth_seq_align_end 
1 1 1JK1 A 2 ? 90 ? P08046 333 ? 421 ? 102 190 
2 2 1JK1 B 1 ? 11 ? 1JK1   1   ? 11  ? 1   11  
3 3 1JK1 C 1 ? 11 ? 1JK1   51  ? 61  ? 51  61  
# 
loop_
_struct_ref_seq_dif.align_id 
_struct_ref_seq_dif.pdbx_pdb_id_code 
_struct_ref_seq_dif.mon_id 
_struct_ref_seq_dif.pdbx_pdb_strand_id 
_struct_ref_seq_dif.seq_num 
_struct_ref_seq_dif.pdbx_pdb_ins_code 
_struct_ref_seq_dif.pdbx_seq_db_name 
_struct_ref_seq_dif.pdbx_seq_db_accession_code 
_struct_ref_seq_dif.db_mon_id 
_struct_ref_seq_dif.pdbx_seq_db_seq_num 
_struct_ref_seq_dif.details 
_struct_ref_seq_dif.pdbx_auth_seq_num 
_struct_ref_seq_dif.pdbx_ordinal 
1 1JK1 MET A 1  ? UNP P08046 ?   ?   'cloning artifact'    101 1 
1 1JK1 ALA A 20 ? UNP P08046 ASP 351 'engineered mutation' 120 2 
# 
loop_
_chem_comp.id 
_chem_comp.type 
_chem_comp.mon_nstd_flag 
_chem_comp.name 
_chem_comp.pdbx_synonyms 
_chem_comp.formula 
_chem_comp.formula_weight 
ALA 'L-peptide linking' y ALANINE                              ? 'C3 H7 N O2'      89.093  
ARG 'L-peptide linking' y ARGININE                             ? 'C6 H15 N4 O2 1'  175.209 
ASN 'L-peptide linking' y ASPARAGINE                           ? 'C4 H8 N2 O3'     132.118 
ASP 'L-peptide linking' y 'ASPARTIC ACID'                      ? 'C4 H7 N O4'      133.103 
CYS 'L-peptide linking' y CYSTEINE                             ? 'C3 H7 N O2 S'    121.158 
DA  'DNA linking'       y "2'-DEOXYADENOSINE-5'-MONOPHOSPHATE" ? 'C10 H14 N5 O6 P' 331.222 
DC  'DNA linking'       y "2'-DEOXYCYTIDINE-5'-MONOPHOSPHATE"  ? 'C9 H14 N3 O7 P'  307.197 
DG  'DNA linking'       y "2'-DEOXYGUANOSINE-5'-MONOPHOSPHATE" ? 'C10 H14 N5 O7 P' 347.221 
DT  'DNA linking'       y "THYMIDINE-5'-MONOPHOSPHATE"         ? 'C10 H15 N2 O8 P' 322.208 
GLN 'L-peptide linking' y GLUTAMINE                            ? 'C5 H10 N2 O3'    146.144 
GLU 'L-peptide linking' y 'GLUTAMIC ACID'                      ? 'C5 H9 N O4'      147.129 
GLY 'peptide linking'   y GLYCINE                              ? 'C2 H5 N O2'      75.067  
HIS 'L-peptide linking' y HISTIDINE                            ? 'C6 H10 N3 O2 1'  156.162 
HOH non-polymer         . WATER                                ? 'H2 O'            18.015  
ILE 'L-peptide linking' y ISOLEUCINE                           ? 'C6 H13 N O2'     131.173 
LEU 'L-peptide linking' y LEUCINE                              ? 'C6 H13 N O2'     131.173 
LYS 'L-peptide linking' y LYSINE                               ? 'C6 H15 N2 O2 1'  147.195 
MET 'L-peptide linking' y METHIONINE                           ? 'C5 H11 N O2 S'   149.211 
PHE 'L-peptide linking' y PHENYLALANINE                        ? 'C9 H11 N O2'     165.189 
PRO 'L-peptide linking' y PROLINE                              ? 'C5 H9 N O2'      115.130 
SER 'L-peptide linking' y SERINE                               ? 'C3 H7 N O3'      105.093 
THR 'L-peptide linking' y THREONINE                            ? 'C4 H9 N O3'      119.119 
TYR 'L-peptide linking' y TYROSINE                             ? 'C9 H11 N O3'     181.189 
VAL 'L-peptide linking' y VALINE                               ? 'C5 H11 N O2'     117.146 
ZN  non-polymer         . 'ZINC ION'                           ? 'Zn 2'            65.409  
# 
_exptl.entry_id          1JK1 
_exptl.method            'X-RAY DIFFRACTION' 
_exptl.crystals_number   1 
# 
_exptl_crystal.id                    1 
_exptl_crystal.density_meas          ? 
_exptl_crystal.density_Matthews      2.29 
_exptl_crystal.density_percent_sol   46.35 
_exptl_crystal.description           ? 
# 
_exptl_crystal_grow.crystal_id      1 
_exptl_crystal_grow.method          'VAPOR DIFFUSION, HANGING DROP' 
_exptl_crystal_grow.temp            298 
_exptl_crystal_grow.temp_details    ? 
_exptl_crystal_grow.pH              8.0 
_exptl_crystal_grow.pdbx_details    
'300 mM NaCl, 10% PEG 1450, 25 mM Bis-Tris propane, pH 8.0, VAPOR DIFFUSION, HANGING DROP, temperature 298K' 
_exptl_crystal_grow.pdbx_pH_range   ? 
# 
loop_
_exptl_crystal_grow_comp.crystal_id 
_exptl_crystal_grow_comp.id 
_exptl_crystal_grow_comp.sol_id 
_exptl_crystal_grow_comp.name 
_exptl_crystal_grow_comp.conc 
_exptl_crystal_grow_comp.volume 
_exptl_crystal_grow_comp.details 
1 1 1 'PEG 1450'         ? ? ? 
1 2 1 'bis-tris propane' ? ? ? 
1 3 1 NaCl               ? ? ? 
# 
_diffrn.id                     1 
_diffrn.ambient_temp           125 
_diffrn.ambient_temp_details   ? 
_diffrn.crystal_id             1 
# 
_diffrn_detector.diffrn_id              1 
_diffrn_detector.detector               'IMAGE PLATE' 
_diffrn_detector.type                   'RIGAKU RAXIS IV' 
_diffrn_detector.pdbx_collection_date   1999-05-18 
_diffrn_detector.details                'Yale Mirrors' 
# 
_diffrn_radiation.diffrn_id                        1 
_diffrn_radiation.wavelength_id                    1 
_diffrn_radiation.pdbx_monochromatic_or_laue_m_l   M 
_diffrn_radiation.monochromator                    'Yale Mirrors' 
_diffrn_radiation.pdbx_diffrn_protocol             'SINGLE WAVELENGTH' 
_diffrn_radiation.pdbx_scattering_type             x-ray 
# 
_diffrn_radiation_wavelength.id           1 
_diffrn_radiation_wavelength.wavelength   1.5418 
_diffrn_radiation_wavelength.wt           1.0 
# 
_diffrn_source.diffrn_id                   1 
_diffrn_source.source                      'ROTATING ANODE' 
_diffrn_source.type                        'RIGAKU RU200' 
_diffrn_source.pdbx_synchrotron_site       ? 
_diffrn_source.pdbx_synchrotron_beamline   ? 
_diffrn_source.pdbx_wavelength             ? 
_diffrn_source.pdbx_wavelength_list        1.5418 
# 
_reflns.entry_id                     1JK1 
_reflns.observed_criterion_sigma_I   0.0 
_reflns.observed_criterion_sigma_F   0.0 
_reflns.d_resolution_low             20.00 
_reflns.d_resolution_high            1.90 
_reflns.number_obs                   13117 
_reflns.number_all                   13117 
_reflns.percent_possible_obs         98.3 
_reflns.pdbx_Rmerge_I_obs            0.0560000 
_reflns.pdbx_Rsym_value              ? 
_reflns.pdbx_netI_over_sigmaI        ? 
_reflns.B_iso_Wilson_estimate        18.8 
_reflns.pdbx_redundancy              ? 
_reflns.R_free_details               ? 
_reflns.pdbx_diffrn_id               1 
_reflns.pdbx_ordinal                 1 
# 
_reflns_shell.d_res_high             1.90 
_reflns_shell.d_res_low              1.97 
_reflns_shell.percent_possible_all   87.0 
_reflns_shell.Rmerge_I_obs           ? 
_reflns_shell.pdbx_Rsym_value        ? 
_reflns_shell.meanI_over_sigI_obs    ? 
_reflns_shell.pdbx_redundancy        ? 
_reflns_shell.percent_possible_obs   ? 
_reflns_shell.number_unique_all      1113 
_reflns_shell.pdbx_diffrn_id         ? 
_reflns_shell.pdbx_ordinal           1 
# 
_refine.entry_id                                 1JK1 
_refine.ls_number_reflns_obs                     11780 
_refine.ls_number_reflns_all                     13117 
_refine.pdbx_ls_sigma_I                          ? 
_refine.pdbx_ls_sigma_F                          2.0 
_refine.pdbx_data_cutoff_high_absF               10000000.00 
_refine.pdbx_data_cutoff_low_absF                0.001000 
_refine.ls_d_res_low                             20.00 
_refine.ls_d_res_high                            1.90 
_refine.ls_percent_reflns_obs                    88.6 
_refine.ls_R_factor_obs                          0.2140000 
_refine.ls_R_factor_all                          0.2140000 
_refine.ls_R_factor_R_work                       0.2140000 
_refine.ls_R_factor_R_free                       0.2660000 
_refine.ls_R_factor_R_free_error                 0.008 
_refine.ls_R_factor_R_free_error_details         ? 
_refine.ls_percent_reflns_R_free                 10.2 
_refine.ls_number_reflns_R_free                  1207 
_refine.ls_number_parameters                     ? 
_refine.ls_number_restraints                     ? 
_refine.occupancy_min                            ? 
_refine.occupancy_max                            ? 
_refine.B_iso_mean                               28.8 
_refine.aniso_B[1][1]                            0.00 
_refine.aniso_B[2][2]                            0.00 
_refine.aniso_B[3][3]                            0.00 
_refine.aniso_B[1][2]                            0.00 
_refine.aniso_B[1][3]                            0.00 
_refine.aniso_B[2][3]                            0.00 
_refine.solvent_model_details                    ? 
_refine.solvent_model_param_ksol                 ? 
_refine.solvent_model_param_bsol                 ? 
_refine.pdbx_ls_cross_valid_method               THROUGHOUT 
_refine.details                                  ? 
_refine.pdbx_starting_model                      '1AAY.pdb with waters and sidechains for residues 18,20, and 21 removed' 
_refine.pdbx_method_to_determine_struct          'MOLECULAR REPLACEMENT' 
_refine.pdbx_isotropic_thermal_model             RESTRAINED 
_refine.pdbx_stereochemistry_target_values       'X_PLOR PARAMETERS PARHCSDX.PRO and PARNDBX.DNA' 
_refine.pdbx_stereochem_target_val_spec_case     ? 
_refine.pdbx_R_Free_selection_details            RANDOM 
_refine.pdbx_overall_ESU_R_Free                  ? 
_refine.overall_SU_B                             ? 
_refine.ls_redundancy_reflns_obs                 ? 
_refine.correlation_coeff_Fo_to_Fc               ? 
_refine.correlation_coeff_Fo_to_Fc_free          ? 
_refine.overall_SU_R_Cruickshank_DPI             ? 
_refine.overall_SU_R_free                        ? 
_refine.overall_SU_ML                            ? 
_refine.pdbx_overall_ESU_R                       ? 
_refine.pdbx_data_cutoff_high_rms_absF           ? 
_refine.pdbx_refine_id                           'X-RAY DIFFRACTION' 
_refine.pdbx_diffrn_id                           1 
_refine.pdbx_TLS_residual_ADP_flag               ? 
_refine.pdbx_solvent_vdw_probe_radii             ? 
_refine.pdbx_solvent_ion_probe_radii             ? 
_refine.pdbx_solvent_shrinkage_radii             ? 
_refine.pdbx_overall_phase_error                 ? 
_refine.pdbx_overall_SU_R_free_Cruickshank_DPI   ? 
_refine.pdbx_overall_SU_R_Blow_DPI               ? 
_refine.pdbx_overall_SU_R_free_Blow_DPI          ? 
# 
_refine_analyze.entry_id                        1JK1 
_refine_analyze.Luzzati_coordinate_error_obs    0.25 
_refine_analyze.Luzzati_sigma_a_obs             0.30 
_refine_analyze.Luzzati_d_res_low_obs           5.00 
_refine_analyze.Luzzati_coordinate_error_free   0.31 
_refine_analyze.Luzzati_sigma_a_free            0.31 
_refine_analyze.Luzzati_d_res_low_free          ? 
_refine_analyze.number_disordered_residues      ? 
_refine_analyze.occupancy_sum_hydrogen          ? 
_refine_analyze.occupancy_sum_non_hydrogen      ? 
_refine_analyze.pdbx_refine_id                  'X-RAY DIFFRACTION' 
# 
_refine_hist.pdbx_refine_id                   'X-RAY DIFFRACTION' 
_refine_hist.cycle_id                         LAST 
_refine_hist.pdbx_number_atoms_protein        709 
_refine_hist.pdbx_number_atoms_nucleic_acid   445 
_refine_hist.pdbx_number_atoms_ligand         3 
_refine_hist.number_atoms_solvent             136 
_refine_hist.number_atoms_total               1293 
_refine_hist.d_res_high                       1.90 
_refine_hist.d_res_low                        20.00 
# 
loop_
_refine_ls_restr.type 
_refine_ls_restr.dev_ideal 
_refine_ls_restr.dev_ideal_target 
_refine_ls_restr.weight 
_refine_ls_restr.number 
_refine_ls_restr.pdbx_refine_id 
_refine_ls_restr.pdbx_restraint_function 
x_bond_d           0.008 ?    ? ? 'X-RAY DIFFRACTION' ? 
x_angle_deg        1.3   ?    ? ? 'X-RAY DIFFRACTION' ? 
x_dihedral_angle_d 21.7  ?    ? ? 'X-RAY DIFFRACTION' ? 
x_improper_angle_d 1.38  ?    ? ? 'X-RAY DIFFRACTION' ? 
x_mcbond_it        1.92  1.50 ? ? 'X-RAY DIFFRACTION' ? 
x_mcangle_it       3.09  2.00 ? ? 'X-RAY DIFFRACTION' ? 
x_scbond_it        2.34  2.00 ? ? 'X-RAY DIFFRACTION' ? 
x_scangle_it       3.62  2.50 ? ? 'X-RAY DIFFRACTION' ? 
# 
_refine_ls_shell.pdbx_total_number_of_bins_used   6 
_refine_ls_shell.d_res_high                       1.90 
_refine_ls_shell.d_res_low                        2.02 
_refine_ls_shell.number_reflns_R_work             1303 
_refine_ls_shell.R_factor_R_work                  0.3400000 
_refine_ls_shell.percent_reflns_obs               67.2 
_refine_ls_shell.R_factor_R_free                  0.3520000 
_refine_ls_shell.R_factor_R_free_error            0.028 
_refine_ls_shell.percent_reflns_R_free            10.7 
_refine_ls_shell.number_reflns_R_free             156 
_refine_ls_shell.redundancy_reflns_obs            ? 
_refine_ls_shell.pdbx_refine_id                   'X-RAY DIFFRACTION' 
_refine_ls_shell.number_reflns_all                ? 
_refine_ls_shell.R_factor_all                     ? 
# 
loop_
_pdbx_xplor_file.serial_no 
_pdbx_xplor_file.param_file 
_pdbx_xplor_file.topol_file 
_pdbx_xplor_file.pdbx_refine_id 
1 PARHCSDX.PRO TOPHCSDX.PRO 'X-RAY DIFFRACTION' 
2 PARNDBX.DNA  TOPNDBX.DNA  'X-RAY DIFFRACTION' 
3 PARAM11.WAT  TOPH11.WAT   'X-RAY DIFFRACTION' 
# 
_struct.entry_id                  1JK1 
_struct.title                     'Zif268 D20A Mutant Bound to WT DNA Site' 
_struct.pdbx_model_details        ? 
_struct.pdbx_CASP_flag            ? 
_struct.pdbx_model_type_details   ? 
# 
_struct_keywords.entry_id        1JK1 
_struct_keywords.pdbx_keywords   TRANSCRIPTION/DNA 
_struct_keywords.text            'Zinc Finger, Double-Stranded DNA, protein-DNA complex, TRANSCRIPTION-DNA COMPLEX' 
# 
loop_
_struct_asym.id 
_struct_asym.pdbx_blank_PDB_chainid_flag 
_struct_asym.pdbx_modified 
_struct_asym.entity_id 
_struct_asym.details 
A N N 1 ? 
B N N 2 ? 
C N N 3 ? 
D N N 4 ? 
E N N 4 ? 
F N N 4 ? 
G N N 5 ? 
H N N 5 ? 
I N N 5 ? 
# 
_struct_biol.id                    1 
_struct_biol.pdbx_parent_biol_id   ? 
_struct_biol.details               ? 
# 
loop_
_struct_conf.conf_type_id 
_struct_conf.id 
_struct_conf.pdbx_PDB_helix_id 
_struct_conf.beg_label_comp_id 
_struct_conf.beg_label_asym_id 
_struct_conf.beg_label_seq_id 
_struct_conf.pdbx_beg_PDB_ins_code 
_struct_conf.end_label_comp_id 
_struct_conf.end_label_asym_id 
_struct_conf.end_label_seq_id 
_struct_conf.pdbx_end_PDB_ins_code 
_struct_conf.beg_auth_comp_id 
_struct_conf.beg_auth_asym_id 
_struct_conf.beg_auth_seq_id 
_struct_conf.end_auth_comp_id 
_struct_conf.end_auth_asym_id 
_struct_conf.end_auth_seq_id 
_struct_conf.pdbx_PDB_helix_class 
_struct_conf.details 
_struct_conf.pdbx_PDB_helix_length 
HELX_P HELX_P1 1 SER C 19 ? THR C 30 ? SER A 119 THR A 130 1 ? 12 
HELX_P HELX_P2 2 SER C 47 ? THR C 58 ? SER A 147 THR A 158 1 ? 12 
HELX_P HELX_P3 3 SER C 75 ? HIS C 85 ? SER A 175 HIS A 185 1 ? 11 
# 
_struct_conf_type.id          HELX_P 
_struct_conf_type.criteria    ? 
_struct_conf_type.reference   ? 
# 
loop_
_struct_conn.id 
_struct_conn.conn_type_id 
_struct_conn.pdbx_leaving_atom_flag 
_struct_conn.pdbx_PDB_id 
_struct_conn.ptnr1_label_asym_id 
_struct_conn.ptnr1_label_comp_id 
_struct_conn.ptnr1_label_seq_id 
_struct_conn.ptnr1_label_atom_id 
_struct_conn.pdbx_ptnr1_label_alt_id 
_struct_conn.pdbx_ptnr1_PDB_ins_code 
_struct_conn.pdbx_ptnr1_standard_comp_id 
_struct_conn.ptnr1_symmetry 
_struct_conn.ptnr2_label_asym_id 
_struct_conn.ptnr2_label_comp_id 
_struct_conn.ptnr2_label_seq_id 
_struct_conn.ptnr2_label_atom_id 
_struct_conn.pdbx_ptnr2_label_alt_id 
_struct_conn.pdbx_ptnr2_PDB_ins_code 
_struct_conn.ptnr1_auth_asym_id 
_struct_conn.ptnr1_auth_comp_id 
_struct_conn.ptnr1_auth_seq_id 
_struct_conn.ptnr2_auth_asym_id 
_struct_conn.ptnr2_auth_comp_id 
_struct_conn.ptnr2_auth_seq_id 
_struct_conn.ptnr2_symmetry 
_struct_conn.pdbx_ptnr3_label_atom_id 
_struct_conn.pdbx_ptnr3_label_seq_id 
_struct_conn.pdbx_ptnr3_label_comp_id 
_struct_conn.pdbx_ptnr3_label_asym_id 
_struct_conn.pdbx_ptnr3_label_alt_id 
_struct_conn.pdbx_ptnr3_PDB_ins_code 
_struct_conn.details 
_struct_conn.pdbx_dist_value 
_struct_conn.pdbx_value_order 
_struct_conn.pdbx_role 
metalc1  metalc ? ? C CYS 7  SG  ? ? ? 1_555 D ZN .  ZN ? ? A CYS 107 A ZN 201 1_555 ? ? ? ? ? ? ?            2.237 ? ? 
metalc2  metalc ? ? C CYS 12 SG  ? ? ? 1_555 D ZN .  ZN ? ? A CYS 112 A ZN 201 1_555 ? ? ? ? ? ? ?            2.484 ? ? 
metalc3  metalc ? ? C HIS 25 NE2 ? ? ? 1_555 D ZN .  ZN ? ? A HIS 125 A ZN 201 1_555 ? ? ? ? ? ? ?            2.596 ? ? 
metalc4  metalc ? ? C HIS 29 NE2 ? ? ? 1_555 D ZN .  ZN ? ? A HIS 129 A ZN 201 1_555 ? ? ? ? ? ? ?            1.849 ? ? 
metalc5  metalc ? ? C CYS 37 SG  ? ? ? 1_555 E ZN .  ZN ? ? A CYS 137 A ZN 202 1_555 ? ? ? ? ? ? ?            2.284 ? ? 
metalc6  metalc ? ? C CYS 40 SG  ? ? ? 1_555 E ZN .  ZN ? ? A CYS 140 A ZN 202 1_555 ? ? ? ? ? ? ?            2.187 ? ? 
metalc7  metalc ? ? C HIS 53 NE2 ? ? ? 1_555 E ZN .  ZN ? ? A HIS 153 A ZN 202 1_555 ? ? ? ? ? ? ?            2.001 ? ? 
metalc8  metalc ? ? C HIS 57 NE2 ? ? ? 1_555 E ZN .  ZN ? ? A HIS 157 A ZN 202 1_555 ? ? ? ? ? ? ?            2.092 ? ? 
metalc9  metalc ? ? C CYS 65 SG  ? ? ? 1_555 F ZN .  ZN ? ? A CYS 165 A ZN 203 1_555 ? ? ? ? ? ? ?            2.240 ? ? 
metalc10 metalc ? ? C CYS 68 SG  ? ? ? 1_555 F ZN .  ZN ? ? A CYS 168 A ZN 203 1_555 ? ? ? ? ? ? ?            2.212 ? ? 
metalc11 metalc ? ? C HIS 81 NE2 ? ? ? 1_555 F ZN .  ZN ? ? A HIS 181 A ZN 203 1_555 ? ? ? ? ? ? ?            2.140 ? ? 
metalc12 metalc ? ? C HIS 85 NE2 ? ? ? 1_555 F ZN .  ZN ? ? A HIS 185 A ZN 203 1_555 ? ? ? ? ? ? ?            2.023 ? ? 
hydrog1  hydrog ? ? A DG  2  N1  ? ? ? 1_555 B DC 11 N3 ? ? B DG  2   C DC 61  1_555 ? ? ? ? ? ? WATSON-CRICK ?     ? ? 
hydrog2  hydrog ? ? A DG  2  N2  ? ? ? 1_555 B DC 11 O2 ? ? B DG  2   C DC 61  1_555 ? ? ? ? ? ? WATSON-CRICK ?     ? ? 
hydrog3  hydrog ? ? A DG  2  O6  ? ? ? 1_555 B DC 11 N4 ? ? B DG  2   C DC 61  1_555 ? ? ? ? ? ? WATSON-CRICK ?     ? ? 
hydrog4  hydrog ? ? A DC  3  N3  ? ? ? 1_555 B DG 10 N1 ? ? B DC  3   C DG 60  1_555 ? ? ? ? ? ? WATSON-CRICK ?     ? ? 
hydrog5  hydrog ? ? A DC  3  N4  ? ? ? 1_555 B DG 10 O6 ? ? B DC  3   C DG 60  1_555 ? ? ? ? ? ? WATSON-CRICK ?     ? ? 
hydrog6  hydrog ? ? A DC  3  O2  ? ? ? 1_555 B DG 10 N2 ? ? B DC  3   C DG 60  1_555 ? ? ? ? ? ? WATSON-CRICK ?     ? ? 
hydrog7  hydrog ? ? A DG  4  N1  ? ? ? 1_555 B DC 9  N3 ? ? B DG  4   C DC 59  1_555 ? ? ? ? ? ? WATSON-CRICK ?     ? ? 
hydrog8  hydrog ? ? A DG  4  N2  ? ? ? 1_555 B DC 9  O2 ? ? B DG  4   C DC 59  1_555 ? ? ? ? ? ? WATSON-CRICK ?     ? ? 
hydrog9  hydrog ? ? A DG  4  O6  ? ? ? 1_555 B DC 9  N4 ? ? B DG  4   C DC 59  1_555 ? ? ? ? ? ? WATSON-CRICK ?     ? ? 
hydrog10 hydrog ? ? A DT  5  N3  ? ? ? 1_555 B DA 8  N1 ? ? B DT  5   C DA 58  1_555 ? ? ? ? ? ? WATSON-CRICK ?     ? ? 
hydrog11 hydrog ? ? A DT  5  O4  ? ? ? 1_555 B DA 8  N6 ? ? B DT  5   C DA 58  1_555 ? ? ? ? ? ? WATSON-CRICK ?     ? ? 
hydrog12 hydrog ? ? A DG  6  N1  ? ? ? 1_555 B DC 7  N3 ? ? B DG  6   C DC 57  1_555 ? ? ? ? ? ? WATSON-CRICK ?     ? ? 
hydrog13 hydrog ? ? A DG  6  N2  ? ? ? 1_555 B DC 7  O2 ? ? B DG  6   C DC 57  1_555 ? ? ? ? ? ? WATSON-CRICK ?     ? ? 
hydrog14 hydrog ? ? A DG  6  O6  ? ? ? 1_555 B DC 7  N4 ? ? B DG  6   C DC 57  1_555 ? ? ? ? ? ? WATSON-CRICK ?     ? ? 
hydrog15 hydrog ? ? A DG  7  N1  ? ? ? 1_555 B DC 6  N3 ? ? B DG  7   C DC 56  1_555 ? ? ? ? ? ? WATSON-CRICK ?     ? ? 
hydrog16 hydrog ? ? A DG  7  N2  ? ? ? 1_555 B DC 6  O2 ? ? B DG  7   C DC 56  1_555 ? ? ? ? ? ? WATSON-CRICK ?     ? ? 
hydrog17 hydrog ? ? A DG  7  O6  ? ? ? 1_555 B DC 6  N4 ? ? B DG  7   C DC 56  1_555 ? ? ? ? ? ? WATSON-CRICK ?     ? ? 
hydrog18 hydrog ? ? A DG  8  N1  ? ? ? 1_555 B DC 5  N3 ? ? B DG  8   C DC 55  1_555 ? ? ? ? ? ? WATSON-CRICK ?     ? ? 
hydrog19 hydrog ? ? A DG  8  N2  ? ? ? 1_555 B DC 5  O2 ? ? B DG  8   C DC 55  1_555 ? ? ? ? ? ? WATSON-CRICK ?     ? ? 
hydrog20 hydrog ? ? A DG  8  O6  ? ? ? 1_555 B DC 5  N4 ? ? B DG  8   C DC 55  1_555 ? ? ? ? ? ? WATSON-CRICK ?     ? ? 
hydrog21 hydrog ? ? A DC  9  N3  ? ? ? 1_555 B DG 4  N1 ? ? B DC  9   C DG 54  1_555 ? ? ? ? ? ? WATSON-CRICK ?     ? ? 
hydrog22 hydrog ? ? A DC  9  N4  ? ? ? 1_555 B DG 4  O6 ? ? B DC  9   C DG 54  1_555 ? ? ? ? ? ? WATSON-CRICK ?     ? ? 
hydrog23 hydrog ? ? A DC  9  O2  ? ? ? 1_555 B DG 4  N2 ? ? B DC  9   C DG 54  1_555 ? ? ? ? ? ? WATSON-CRICK ?     ? ? 
hydrog24 hydrog ? ? A DG  10 N1  ? ? ? 1_555 B DC 3  N3 ? ? B DG  10  C DC 53  1_555 ? ? ? ? ? ? WATSON-CRICK ?     ? ? 
hydrog25 hydrog ? ? A DG  10 N2  ? ? ? 1_555 B DC 3  O2 ? ? B DG  10  C DC 53  1_555 ? ? ? ? ? ? WATSON-CRICK ?     ? ? 
hydrog26 hydrog ? ? A DG  10 O6  ? ? ? 1_555 B DC 3  N4 ? ? B DG  10  C DC 53  1_555 ? ? ? ? ? ? WATSON-CRICK ?     ? ? 
hydrog27 hydrog ? ? A DG  11 N1  ? ? ? 1_555 B DC 2  N3 ? ? B DG  11  C DC 52  1_555 ? ? ? ? ? ? WATSON-CRICK ?     ? ? 
hydrog28 hydrog ? ? A DG  11 N2  ? ? ? 1_555 B DC 2  O2 ? ? B DG  11  C DC 52  1_555 ? ? ? ? ? ? WATSON-CRICK ?     ? ? 
hydrog29 hydrog ? ? A DG  11 O6  ? ? ? 1_555 B DC 2  N4 ? ? B DG  11  C DC 52  1_555 ? ? ? ? ? ? WATSON-CRICK ?     ? ? 
# 
loop_
_struct_conn_type.id 
_struct_conn_type.criteria 
_struct_conn_type.reference 
metalc ? ? 
hydrog ? ? 
# 
loop_
_struct_sheet.id 
_struct_sheet.type 
_struct_sheet.number_strands 
_struct_sheet.details 
A ? 2 ? 
B ? 2 ? 
C ? 2 ? 
# 
loop_
_struct_sheet_order.sheet_id 
_struct_sheet_order.range_id_1 
_struct_sheet_order.range_id_2 
_struct_sheet_order.offset 
_struct_sheet_order.sense 
A 1 2 ? anti-parallel 
B 1 2 ? anti-parallel 
C 1 2 ? anti-parallel 
# 
loop_
_struct_sheet_range.sheet_id 
_struct_sheet_range.id 
_struct_sheet_range.beg_label_comp_id 
_struct_sheet_range.beg_label_asym_id 
_struct_sheet_range.beg_label_seq_id 
_struct_sheet_range.pdbx_beg_PDB_ins_code 
_struct_sheet_range.end_label_comp_id 
_struct_sheet_range.end_label_asym_id 
_struct_sheet_range.end_label_seq_id 
_struct_sheet_range.pdbx_end_PDB_ins_code 
_struct_sheet_range.beg_auth_comp_id 
_struct_sheet_range.beg_auth_asym_id 
_struct_sheet_range.beg_auth_seq_id 
_struct_sheet_range.end_auth_comp_id 
_struct_sheet_range.end_auth_asym_id 
_struct_sheet_range.end_auth_seq_id 
A 1 TYR C 5  ? ALA C 6  ? TYR A 105 ALA A 106 
A 2 ARG C 15 ? PHE C 16 ? ARG A 115 PHE A 116 
B 1 PHE C 35 ? GLN C 36 ? PHE A 135 GLN A 136 
B 2 ASN C 43 ? PHE C 44 ? ASN A 143 PHE A 144 
C 1 PHE C 63 ? ALA C 64 ? PHE A 163 ALA A 164 
C 2 LYS C 71 ? PHE C 72 ? LYS A 171 PHE A 172 
# 
loop_
_pdbx_struct_sheet_hbond.sheet_id 
_pdbx_struct_sheet_hbond.range_id_1 
_pdbx_struct_sheet_hbond.range_id_2 
_pdbx_struct_sheet_hbond.range_1_label_atom_id 
_pdbx_struct_sheet_hbond.range_1_label_comp_id 
_pdbx_struct_sheet_hbond.range_1_label_asym_id 
_pdbx_struct_sheet_hbond.range_1_label_seq_id 
_pdbx_struct_sheet_hbond.range_1_PDB_ins_code 
_pdbx_struct_sheet_hbond.range_1_auth_atom_id 
_pdbx_struct_sheet_hbond.range_1_auth_comp_id 
_pdbx_struct_sheet_hbond.range_1_auth_asym_id 
_pdbx_struct_sheet_hbond.range_1_auth_seq_id 
_pdbx_struct_sheet_hbond.range_2_label_atom_id 
_pdbx_struct_sheet_hbond.range_2_label_comp_id 
_pdbx_struct_sheet_hbond.range_2_label_asym_id 
_pdbx_struct_sheet_hbond.range_2_label_seq_id 
_pdbx_struct_sheet_hbond.range_2_PDB_ins_code 
_pdbx_struct_sheet_hbond.range_2_auth_atom_id 
_pdbx_struct_sheet_hbond.range_2_auth_comp_id 
_pdbx_struct_sheet_hbond.range_2_auth_asym_id 
_pdbx_struct_sheet_hbond.range_2_auth_seq_id 
A 1 2 O TYR C 5  ? O TYR A 105 N PHE C 16 ? N PHE A 116 
B 1 2 N PHE C 35 ? N PHE A 135 O PHE C 44 ? O PHE A 144 
C 1 2 N PHE C 63 ? N PHE A 163 O PHE C 72 ? O PHE A 172 
# 
loop_
_struct_site.id 
_struct_site.pdbx_evidence_code 
_struct_site.pdbx_auth_asym_id 
_struct_site.pdbx_auth_comp_id 
_struct_site.pdbx_auth_seq_id 
_struct_site.pdbx_auth_ins_code 
_struct_site.pdbx_num_residues 
_struct_site.details 
AC1 Software A ZN 201 ? 4 'BINDING SITE FOR RESIDUE ZN A 201' 
AC2 Software A ZN 202 ? 4 'BINDING SITE FOR RESIDUE ZN A 202' 
AC3 Software A ZN 203 ? 4 'BINDING SITE FOR RESIDUE ZN A 203' 
# 
loop_
_struct_site_gen.id 
_struct_site_gen.site_id 
_struct_site_gen.pdbx_num_res 
_struct_site_gen.label_comp_id 
_struct_site_gen.label_asym_id 
_struct_site_gen.label_seq_id 
_struct_site_gen.pdbx_auth_ins_code 
_struct_site_gen.auth_comp_id 
_struct_site_gen.auth_asym_id 
_struct_site_gen.auth_seq_id 
_struct_site_gen.label_atom_id 
_struct_site_gen.label_alt_id 
_struct_site_gen.symmetry 
_struct_site_gen.details 
1  AC1 4 CYS C 7  ? CYS A 107 . ? 1_555 ? 
2  AC1 4 CYS C 12 ? CYS A 112 . ? 1_555 ? 
3  AC1 4 HIS C 25 ? HIS A 125 . ? 1_555 ? 
4  AC1 4 HIS C 29 ? HIS A 129 . ? 1_555 ? 
5  AC2 4 CYS C 37 ? CYS A 137 . ? 1_555 ? 
6  AC2 4 CYS C 40 ? CYS A 140 . ? 1_555 ? 
7  AC2 4 HIS C 53 ? HIS A 153 . ? 1_555 ? 
8  AC2 4 HIS C 57 ? HIS A 157 . ? 1_555 ? 
9  AC3 4 CYS C 65 ? CYS A 165 . ? 1_555 ? 
10 AC3 4 CYS C 68 ? CYS A 168 . ? 1_555 ? 
11 AC3 4 HIS C 81 ? HIS A 181 . ? 1_555 ? 
12 AC3 4 HIS C 85 ? HIS A 185 . ? 1_555 ? 
# 
_atom_sites.entry_id                    1JK1 
_atom_sites.fract_transf_matrix[1][1]   -0.01025626 
_atom_sites.fract_transf_matrix[1][2]   0.00443328 
_atom_sites.fract_transf_matrix[1][3]   0.01963782 
_atom_sites.fract_transf_matrix[2][1]   0.00296415 
_atom_sites.fract_transf_matrix[2][2]   -0.01670573 
_atom_sites.fract_transf_matrix[2][3]   0.00531944 
_atom_sites.fract_transf_matrix[3][1]   0.00665753 
_atom_sites.fract_transf_matrix[3][2]   0.00213496 
_atom_sites.fract_transf_matrix[3][3]   0.00299507 
_atom_sites.fract_transf_vector[1]      0.107813 
_atom_sites.fract_transf_vector[2]      0.178258 
_atom_sites.fract_transf_vector[3]      0.366578 
# 
loop_
_atom_type.symbol 
C  
N  
O  
P  
S  
ZN 
# 
loop_
_atom_site.group_PDB 
_atom_site.id 
_atom_site.type_symbol 
_atom_site.label_atom_id 
_atom_site.label_alt_id 
_atom_site.label_comp_id 
_atom_site.label_asym_id 
_atom_site.label_entity_id 
_atom_site.label_seq_id 
_atom_site.pdbx_PDB_ins_code 
_atom_site.Cartn_x 
_atom_site.Cartn_y 
_atom_site.Cartn_z 
_atom_site.occupancy 
_atom_site.B_iso_or_equiv 
_atom_site.pdbx_formal_charge 
_atom_site.auth_seq_id 
_atom_site.auth_comp_id 
_atom_site.auth_asym_id 
_atom_site.auth_atom_id 
_atom_site.pdbx_PDB_model_num 
ATOM   1    O  "O5'" . DA  A 1 1  ? -7.539  -14.644 7.855   1.00 23.29 ? 1   DA  B "O5'" 1 
ATOM   2    C  "C5'" . DA  A 1 1  ? -8.560  -14.928 8.790   1.00 22.17 ? 1   DA  B "C5'" 1 
ATOM   3    C  "C4'" . DA  A 1 1  ? -8.646  -13.860 9.851   1.00 21.64 ? 1   DA  B "C4'" 1 
ATOM   4    O  "O4'" . DA  A 1 1  ? -7.439  -13.834 10.642  1.00 22.42 ? 1   DA  B "O4'" 1 
ATOM   5    C  "C3'" . DA  A 1 1  ? -8.830  -12.439 9.324   1.00 21.70 ? 1   DA  B "C3'" 1 
ATOM   6    O  "O3'" . DA  A 1 1  ? -9.669  -11.729 10.224  1.00 25.73 ? 1   DA  B "O3'" 1 
ATOM   7    C  "C2'" . DA  A 1 1  ? -7.441  -11.846 9.404   1.00 20.90 ? 1   DA  B "C2'" 1 
ATOM   8    C  "C1'" . DA  A 1 1  ? -6.899  -12.517 10.655  1.00 19.51 ? 1   DA  B "C1'" 1 
ATOM   9    N  N9    . DA  A 1 1  ? -5.446  -12.635 10.639  1.00 15.50 ? 1   DA  B N9    1 
ATOM   10   C  C8    . DA  A 1 1  ? -4.551  -12.038 11.485  1.00 14.50 ? 1   DA  B C8    1 
ATOM   11   N  N7    . DA  A 1 1  ? -3.302  -12.323 11.218  1.00 14.96 ? 1   DA  B N7    1 
ATOM   12   C  C5    . DA  A 1 1  ? -3.381  -13.162 10.116  1.00 14.16 ? 1   DA  B C5    1 
ATOM   13   C  C6    . DA  A 1 1  ? -2.400  -13.789 9.347   1.00 15.98 ? 1   DA  B C6    1 
ATOM   14   N  N6    . DA  A 1 1  ? -1.092  -13.648 9.575   1.00 20.33 ? 1   DA  B N6    1 
ATOM   15   N  N1    . DA  A 1 1  ? -2.807  -14.573 8.317   1.00 18.31 ? 1   DA  B N1    1 
ATOM   16   C  C2    . DA  A 1 1  ? -4.121  -14.691 8.085   1.00 17.34 ? 1   DA  B C2    1 
ATOM   17   N  N3    . DA  A 1 1  ? -5.139  -14.136 8.742   1.00 15.70 ? 1   DA  B N3    1 
ATOM   18   C  C4    . DA  A 1 1  ? -4.694  -13.374 9.755   1.00 13.87 ? 1   DA  B C4    1 
ATOM   19   P  P     . DG  A 1 2  ? -10.492 -10.471 9.697   1.00 27.56 ? 2   DG  B P     1 
ATOM   20   O  OP1   . DG  A 1 2  ? -11.638 -10.243 10.614  1.00 28.06 ? 2   DG  B OP1   1 
ATOM   21   O  OP2   . DG  A 1 2  ? -10.719 -10.675 8.235   1.00 27.81 ? 2   DG  B OP2   1 
ATOM   22   O  "O5'" . DG  A 1 2  ? -9.475  -9.270  9.894   1.00 27.05 ? 2   DG  B "O5'" 1 
ATOM   23   C  "C5'" . DG  A 1 2  ? -9.301  -8.698  11.184  1.00 24.45 ? 2   DG  B "C5'" 1 
ATOM   24   C  "C4'" . DG  A 1 2  ? -8.368  -7.517  11.104  1.00 25.45 ? 2   DG  B "C4'" 1 
ATOM   25   O  "O4'" . DG  A 1 2  ? -6.992  -7.942  10.999  1.00 22.72 ? 2   DG  B "O4'" 1 
ATOM   26   C  "C3'" . DG  A 1 2  ? -8.618  -6.588  9.918   1.00 24.34 ? 2   DG  B "C3'" 1 
ATOM   27   O  "O3'" . DG  A 1 2  ? -8.490  -5.258  10.409  1.00 28.03 ? 2   DG  B "O3'" 1 
ATOM   28   C  "C2'" . DG  A 1 2  ? -7.501  -6.933  8.946   1.00 21.05 ? 2   DG  B "C2'" 1 
ATOM   29   C  "C1'" . DG  A 1 2  ? -6.379  -7.288  9.900   1.00 20.06 ? 2   DG  B "C1'" 1 
ATOM   30   N  N9    . DG  A 1 2  ? -5.346  -8.173  9.382   1.00 16.09 ? 2   DG  B N9    1 
ATOM   31   C  C8    . DG  A 1 2  ? -5.475  -9.162  8.442   1.00 12.02 ? 2   DG  B C8    1 
ATOM   32   N  N7    . DG  A 1 2  ? -4.354  -9.779  8.198   1.00 13.14 ? 2   DG  B N7    1 
ATOM   33   C  C5    . DG  A 1 2  ? -3.429  -9.161  9.033   1.00 12.42 ? 2   DG  B C5    1 
ATOM   34   C  C6    . DG  A 1 2  ? -2.032  -9.402  9.217   1.00 13.39 ? 2   DG  B C6    1 
ATOM   35   O  O6    . DG  A 1 2  ? -1.315  -10.237 8.658   1.00 13.01 ? 2   DG  B O6    1 
ATOM   36   N  N1    . DG  A 1 2  ? -1.480  -8.540  10.166  1.00 12.55 ? 2   DG  B N1    1 
ATOM   37   C  C2    . DG  A 1 2  ? -2.181  -7.580  10.853  1.00 14.15 ? 2   DG  B C2    1 
ATOM   38   N  N2    . DG  A 1 2  ? -1.484  -6.857  11.733  1.00 15.56 ? 2   DG  B N2    1 
ATOM   39   N  N3    . DG  A 1 2  ? -3.475  -7.345  10.691  1.00 14.74 ? 2   DG  B N3    1 
ATOM   40   C  C4    . DG  A 1 2  ? -4.028  -8.169  9.769   1.00 15.37 ? 2   DG  B C4    1 
ATOM   41   P  P     . DC  A 1 3  ? -8.906  -4.021  9.488   1.00 27.45 ? 3   DC  B P     1 
ATOM   42   O  OP1   . DC  A 1 3  ? -9.575  -3.050  10.386  1.00 25.94 ? 3   DC  B OP1   1 
ATOM   43   O  OP2   . DC  A 1 3  ? -9.579  -4.491  8.241   1.00 22.32 ? 3   DC  B OP2   1 
ATOM   44   O  "O5'" . DC  A 1 3  ? -7.487  -3.450  9.058   1.00 24.79 ? 3   DC  B "O5'" 1 
ATOM   45   C  "C5'" . DC  A 1 3  ? -6.473  -3.196  10.037  1.00 20.38 ? 3   DC  B "C5'" 1 
ATOM   46   C  "C4'" . DC  A 1 3  ? -5.135  -3.032  9.361   1.00 18.91 ? 3   DC  B "C4'" 1 
ATOM   47   O  "O4'" . DC  A 1 3  ? -4.524  -4.303  9.013   1.00 17.22 ? 3   DC  B "O4'" 1 
ATOM   48   C  "C3'" . DC  A 1 3  ? -5.150  -2.205  8.067   1.00 18.04 ? 3   DC  B "C3'" 1 
ATOM   49   O  "O3'" . DC  A 1 3  ? -4.029  -1.327  8.095   1.00 20.83 ? 3   DC  B "O3'" 1 
ATOM   50   C  "C2'" . DC  A 1 3  ? -4.882  -3.240  6.987   1.00 16.17 ? 3   DC  B "C2'" 1 
ATOM   51   C  "C1'" . DC  A 1 3  ? -3.915  -4.101  7.760   1.00 15.00 ? 3   DC  B "C1'" 1 
ATOM   52   N  N1    . DC  A 1 3  ? -3.494  -5.393  7.210   1.00 15.78 ? 3   DC  B N1    1 
ATOM   53   C  C2    . DC  A 1 3  ? -2.250  -5.898  7.611   1.00 14.61 ? 3   DC  B C2    1 
ATOM   54   O  O2    . DC  A 1 3  ? -1.626  -5.311  8.518   1.00 13.34 ? 3   DC  B O2    1 
ATOM   55   N  N3    . DC  A 1 3  ? -1.766  -7.005  7.017   1.00 13.53 ? 3   DC  B N3    1 
ATOM   56   C  C4    . DC  A 1 3  ? -2.487  -7.628  6.082   1.00 12.95 ? 3   DC  B C4    1 
ATOM   57   N  N4    . DC  A 1 3  ? -1.945  -8.699  5.492   1.00 10.91 ? 3   DC  B N4    1 
ATOM   58   C  C5    . DC  A 1 3  ? -3.790  -7.176  5.704   1.00 12.03 ? 3   DC  B C5    1 
ATOM   59   C  C6    . DC  A 1 3  ? -4.251  -6.068  6.290   1.00 13.15 ? 3   DC  B C6    1 
ATOM   60   P  P     . DG  A 1 4  ? -4.158  0.164   7.517   1.00 18.84 ? 4   DG  B P     1 
ATOM   61   O  OP1   . DG  A 1 4  ? -5.159  0.861   8.317   1.00 17.33 ? 4   DG  B OP1   1 
ATOM   62   O  OP2   . DG  A 1 4  ? -4.299  0.104   6.036   1.00 18.28 ? 4   DG  B OP2   1 
ATOM   63   O  "O5'" . DG  A 1 4  ? -2.725  0.763   7.858   1.00 19.48 ? 4   DG  B "O5'" 1 
ATOM   64   C  "C5'" . DG  A 1 4  ? -2.211  0.691   9.199   1.00 16.36 ? 4   DG  B "C5'" 1 
ATOM   65   C  "C4'" . DG  A 1 4  ? -0.719  0.495   9.161   1.00 17.25 ? 4   DG  B "C4'" 1 
ATOM   66   O  "O4'" . DG  A 1 4  ? -0.406  -0.869  8.788   1.00 15.83 ? 4   DG  B "O4'" 1 
ATOM   67   C  "C3'" . DG  A 1 4  ? -0.043  1.385   8.123   1.00 18.92 ? 4   DG  B "C3'" 1 
ATOM   68   O  "O3'" . DG  A 1 4  ? 1.138   1.969   8.671   1.00 24.49 ? 4   DG  B "O3'" 1 
ATOM   69   C  "C2'" . DG  A 1 4  ? 0.270   0.438   6.977   1.00 16.29 ? 4   DG  B "C2'" 1 
ATOM   70   C  "C1'" . DG  A 1 4  ? 0.461   -0.893  7.677   1.00 11.80 ? 4   DG  B "C1'" 1 
ATOM   71   N  N9    . DG  A 1 4  ? 0.097   -2.045  6.870   1.00 13.19 ? 4   DG  B N9    1 
ATOM   72   C  C8    . DG  A 1 4  ? -1.164  -2.399  6.464   1.00 9.82  ? 4   DG  B C8    1 
ATOM   73   N  N7    . DG  A 1 4  ? -1.181  -3.485  5.743   1.00 11.60 ? 4   DG  B N7    1 
ATOM   74   C  C5    . DG  A 1 4  ? 0.148   -3.876  5.669   1.00 11.15 ? 4   DG  B C5    1 
ATOM   75   C  C6    . DG  A 1 4  ? 0.751   -4.985  5.014   1.00 10.96 ? 4   DG  B C6    1 
ATOM   76   O  O6    . DG  A 1 4  ? 0.215   -5.869  4.352   1.00 14.90 ? 4   DG  B O6    1 
ATOM   77   N  N1    . DG  A 1 4  ? 2.130   -5.003  5.194   1.00 14.18 ? 4   DG  B N1    1 
ATOM   78   C  C2    . DG  A 1 4  ? 2.837   -4.078  5.922   1.00 13.97 ? 4   DG  B C2    1 
ATOM   79   N  N2    . DG  A 1 4  ? 4.163   -4.273  6.006   1.00 15.87 ? 4   DG  B N2    1 
ATOM   80   N  N3    . DG  A 1 4  ? 2.290   -3.041  6.530   1.00 14.40 ? 4   DG  B N3    1 
ATOM   81   C  C4    . DG  A 1 4  ? 0.952   -2.999  6.360   1.00 12.30 ? 4   DG  B C4    1 
ATOM   82   P  P     . DT  A 1 5  ? 1.825   3.210   7.919   1.00 25.37 ? 5   DT  B P     1 
ATOM   83   O  OP1   . DT  A 1 5  ? 2.772   3.821   8.878   1.00 26.82 ? 5   DT  B OP1   1 
ATOM   84   O  OP2   . DT  A 1 5  ? 0.764   4.055   7.291   1.00 24.50 ? 5   DT  B OP2   1 
ATOM   85   O  "O5'" . DT  A 1 5  ? 2.636   2.516   6.742   1.00 21.14 ? 5   DT  B "O5'" 1 
ATOM   86   C  "C5'" . DT  A 1 5  ? 3.889   1.898   6.984   1.00 19.13 ? 5   DT  B "C5'" 1 
ATOM   87   C  "C4'" . DT  A 1 5  ? 4.445   1.354   5.695   1.00 19.97 ? 5   DT  B "C4'" 1 
ATOM   88   O  "O4'" . DT  A 1 5  ? 3.690   0.179   5.300   1.00 20.94 ? 5   DT  B "O4'" 1 
ATOM   89   C  "C3'" . DT  A 1 5  ? 4.405   2.311   4.495   1.00 21.74 ? 5   DT  B "C3'" 1 
ATOM   90   O  "O3'" . DT  A 1 5  ? 5.662   2.289   3.823   1.00 22.91 ? 5   DT  B "O3'" 1 
ATOM   91   C  "C2'" . DT  A 1 5  ? 3.367   1.682   3.570   1.00 19.62 ? 5   DT  B "C2'" 1 
ATOM   92   C  "C1'" . DT  A 1 5  ? 3.575   0.215   3.893   1.00 20.58 ? 5   DT  B "C1'" 1 
ATOM   93   N  N1    . DT  A 1 5  ? 2.524   -0.740  3.469   1.00 19.60 ? 5   DT  B N1    1 
ATOM   94   C  C2    . DT  A 1 5  ? 2.948   -1.912  2.871   1.00 18.44 ? 5   DT  B C2    1 
ATOM   95   O  O2    . DT  A 1 5  ? 4.122   -2.220  2.764   1.00 18.66 ? 5   DT  B O2    1 
ATOM   96   N  N3    . DT  A 1 5  ? 1.942   -2.715  2.405   1.00 18.19 ? 5   DT  B N3    1 
ATOM   97   C  C4    . DT  A 1 5  ? 0.587   -2.479  2.479   1.00 18.26 ? 5   DT  B C4    1 
ATOM   98   O  O4    . DT  A 1 5  ? -0.195  -3.278  1.963   1.00 19.92 ? 5   DT  B O4    1 
ATOM   99   C  C5    . DT  A 1 5  ? 0.207   -1.252  3.173   1.00 18.23 ? 5   DT  B C5    1 
ATOM   100  C  C7    . DT  A 1 5  ? -1.242  -0.924  3.342   1.00 17.78 ? 5   DT  B C7    1 
ATOM   101  C  C6    . DT  A 1 5  ? 1.184   -0.458  3.628   1.00 16.66 ? 5   DT  B C6    1 
ATOM   102  P  P     . DG  A 1 6  ? 6.213   3.616   3.090   1.00 24.28 ? 6   DG  B P     1 
ATOM   103  O  OP1   . DG  A 1 6  ? 6.620   4.535   4.154   1.00 25.33 ? 6   DG  B OP1   1 
ATOM   104  O  OP2   . DG  A 1 6  ? 5.241   4.082   2.054   1.00 25.47 ? 6   DG  B OP2   1 
ATOM   105  O  "O5'" . DG  A 1 6  ? 7.499   3.081   2.322   1.00 22.98 ? 6   DG  B "O5'" 1 
ATOM   106  C  "C5'" . DG  A 1 6  ? 8.421   2.180   2.962   1.00 26.08 ? 6   DG  B "C5'" 1 
ATOM   107  C  "C4'" . DG  A 1 6  ? 8.924   1.154   1.974   1.00 25.26 ? 6   DG  B "C4'" 1 
ATOM   108  O  "O4'" . DG  A 1 6  ? 7.919   0.124   1.776   1.00 23.26 ? 6   DG  B "O4'" 1 
ATOM   109  C  "C3'" . DG  A 1 6  ? 9.234   1.739   0.593   1.00 27.83 ? 6   DG  B "C3'" 1 
ATOM   110  O  "O3'" . DG  A 1 6  ? 10.493  1.294   0.079   1.00 27.76 ? 6   DG  B "O3'" 1 
ATOM   111  C  "C2'" . DG  A 1 6  ? 8.094   1.240   -0.276  1.00 26.86 ? 6   DG  B "C2'" 1 
ATOM   112  C  "C1'" . DG  A 1 6  ? 7.680   -0.066  0.389   1.00 25.07 ? 6   DG  B "C1'" 1 
ATOM   113  N  N9    . DG  A 1 6  ? 6.256   -0.353  0.205   1.00 23.70 ? 6   DG  B N9    1 
ATOM   114  C  C8    . DG  A 1 6  ? 5.199   0.415   0.639   1.00 22.69 ? 6   DG  B C8    1 
ATOM   115  N  N7    . DG  A 1 6  ? 4.038   -0.061  0.286   1.00 18.60 ? 6   DG  B N7    1 
ATOM   116  C  C5    . DG  A 1 6  ? 4.338   -1.221  -0.415  1.00 18.52 ? 6   DG  B C5    1 
ATOM   117  C  C6    . DG  A 1 6  ? 3.488   -2.156  -1.035  1.00 14.37 ? 6   DG  B C6    1 
ATOM   118  O  O6    . DG  A 1 6  ? 2.265   -2.151  -1.098  1.00 15.99 ? 6   DG  B O6    1 
ATOM   119  N  N1    . DG  A 1 6  ? 4.198   -3.184  -1.629  1.00 15.19 ? 6   DG  B N1    1 
ATOM   120  C  C2    . DG  A 1 6  ? 5.559   -3.297  -1.638  1.00 18.20 ? 6   DG  B C2    1 
ATOM   121  N  N2    . DG  A 1 6  ? 6.051   -4.350  -2.303  1.00 17.61 ? 6   DG  B N2    1 
ATOM   122  N  N3    . DG  A 1 6  ? 6.374   -2.436  -1.053  1.00 19.67 ? 6   DG  B N3    1 
ATOM   123  C  C4    . DG  A 1 6  ? 5.701   -1.425  -0.466  1.00 20.31 ? 6   DG  B C4    1 
ATOM   124  P  P     . DG  A 1 7  ? 10.997  1.836   -1.348  1.00 29.59 ? 7   DG  B P     1 
ATOM   125  O  OP1   . DG  A 1 7  ? 12.459  2.085   -1.309  1.00 32.33 ? 7   DG  B OP1   1 
ATOM   126  O  OP2   . DG  A 1 7  ? 10.084  2.924   -1.785  1.00 33.83 ? 7   DG  B OP2   1 
ATOM   127  O  "O5'" . DG  A 1 7  ? 10.738  0.596   -2.313  1.00 29.90 ? 7   DG  B "O5'" 1 
ATOM   128  C  "C5'" . DG  A 1 7  ? 11.356  -0.669  -2.055  1.00 25.79 ? 7   DG  B "C5'" 1 
ATOM   129  C  "C4'" . DG  A 1 7  ? 11.100  -1.613  -3.204  1.00 24.88 ? 7   DG  B "C4'" 1 
ATOM   130  O  "O4'" . DG  A 1 7  ? 9.704   -1.990  -3.215  1.00 23.87 ? 7   DG  B "O4'" 1 
ATOM   131  C  "C3'" . DG  A 1 7  ? 11.399  -1.066  -4.597  1.00 25.06 ? 7   DG  B "C3'" 1 
ATOM   132  O  "O3'" . DG  A 1 7  ? 11.919  -2.134  -5.398  1.00 28.56 ? 7   DG  B "O3'" 1 
ATOM   133  C  "C2'" . DG  A 1 7  ? 10.027  -0.639  -5.093  1.00 23.74 ? 7   DG  B "C2'" 1 
ATOM   134  C  "C1'" . DG  A 1 7  ? 9.126   -1.695  -4.470  1.00 20.94 ? 7   DG  B "C1'" 1 
ATOM   135  N  N9    . DG  A 1 7  ? 7.750   -1.281  -4.220  1.00 20.27 ? 7   DG  B N9    1 
ATOM   136  C  C8    . DG  A 1 7  ? 7.338   -0.246  -3.415  1.00 20.65 ? 7   DG  B C8    1 
ATOM   137  N  N7    . DG  A 1 7  ? 6.039   -0.149  -3.329  1.00 19.31 ? 7   DG  B N7    1 
ATOM   138  C  C5    . DG  A 1 7  ? 5.565   -1.170  -4.141  1.00 17.39 ? 7   DG  B C5    1 
ATOM   139  C  C6    . DG  A 1 7  ? 4.243   -1.554  -4.431  1.00 16.58 ? 7   DG  B C6    1 
ATOM   140  O  O6    . DG  A 1 7  ? 3.193   -1.044  -4.018  1.00 18.62 ? 7   DG  B O6    1 
ATOM   141  N  N1    . DG  A 1 7  ? 4.203   -2.651  -5.292  1.00 15.00 ? 7   DG  B N1    1 
ATOM   142  C  C2    . DG  A 1 7  ? 5.307   -3.289  -5.803  1.00 14.47 ? 7   DG  B C2    1 
ATOM   143  N  N2    . DG  A 1 7  ? 5.072   -4.344  -6.596  1.00 14.20 ? 7   DG  B N2    1 
ATOM   144  N  N3    . DG  A 1 7  ? 6.553   -2.925  -5.548  1.00 14.86 ? 7   DG  B N3    1 
ATOM   145  C  C4    . DG  A 1 7  ? 6.607   -1.871  -4.710  1.00 16.96 ? 7   DG  B C4    1 
ATOM   146  P  P     . DG  A 1 8  ? 12.726  -1.820  -6.751  1.00 31.64 ? 8   DG  B P     1 
ATOM   147  O  OP1   . DG  A 1 8  ? 14.070  -2.449  -6.645  1.00 34.65 ? 8   DG  B OP1   1 
ATOM   148  O  OP2   . DG  A 1 8  ? 12.612  -0.373  -7.038  1.00 34.75 ? 8   DG  B OP2   1 
ATOM   149  O  "O5'" . DG  A 1 8  ? 11.924  -2.616  -7.864  1.00 31.43 ? 8   DG  B "O5'" 1 
ATOM   150  C  "C5'" . DG  A 1 8  ? 10.544  -2.888  -7.682  1.00 29.06 ? 8   DG  B "C5'" 1 
ATOM   151  C  "C4'" . DG  A 1 8  ? 9.974   -3.572  -8.897  1.00 27.62 ? 8   DG  B "C4'" 1 
ATOM   152  O  "O4'" . DG  A 1 8  ? 8.544   -3.428  -8.780  1.00 25.36 ? 8   DG  B "O4'" 1 
ATOM   153  C  "C3'" . DG  A 1 8  ? 10.332  -2.905  -10.217 1.00 26.90 ? 8   DG  B "C3'" 1 
ATOM   154  O  "O3'" . DG  A 1 8  ? 10.224  -3.879  -11.255 1.00 28.93 ? 8   DG  B "O3'" 1 
ATOM   155  C  "C2'" . DG  A 1 8  ? 9.288   -1.812  -10.342 1.00 25.69 ? 8   DG  B "C2'" 1 
ATOM   156  C  "C1'" . DG  A 1 8  ? 8.068   -2.443  -9.692  1.00 23.30 ? 8   DG  B "C1'" 1 
ATOM   157  N  N9    . DG  A 1 8  ? 7.248   -1.511  -8.932  1.00 19.63 ? 8   DG  B N9    1 
ATOM   158  C  C8    . DG  A 1 8  ? 7.685   -0.483  -8.134  1.00 18.02 ? 8   DG  B C8    1 
ATOM   159  N  N7    . DG  A 1 8  ? 6.709   0.165   -7.553  1.00 17.54 ? 8   DG  B N7    1 
ATOM   160  C  C5    . DG  A 1 8  ? 5.554   -0.470  -8.004  1.00 16.85 ? 8   DG  B C5    1 
ATOM   161  C  C6    . DG  A 1 8  ? 4.187   -0.207  -7.723  1.00 12.69 ? 8   DG  B C6    1 
ATOM   162  O  O6    . DG  A 1 8  ? 3.707   0.668   -7.000  1.00 12.69 ? 8   DG  B O6    1 
ATOM   163  N  N1    . DG  A 1 8  ? 3.343   -1.093  -8.391  1.00 15.48 ? 8   DG  B N1    1 
ATOM   164  C  C2    . DG  A 1 8  ? 3.756   -2.101  -9.227  1.00 14.29 ? 8   DG  B C2    1 
ATOM   165  N  N2    . DG  A 1 8  ? 2.788   -2.847  -9.783  1.00 14.54 ? 8   DG  B N2    1 
ATOM   166  N  N3    . DG  A 1 8  ? 5.028   -2.358  -9.500  1.00 17.63 ? 8   DG  B N3    1 
ATOM   167  C  C4    . DG  A 1 8  ? 5.869   -1.506  -8.858  1.00 18.17 ? 8   DG  B C4    1 
ATOM   168  P  P     . DC  A 1 9  ? 10.416  -3.448  -12.787 1.00 32.05 ? 9   DC  B P     1 
ATOM   169  O  OP1   . DC  A 1 9  ? 10.715  -4.663  -13.589 1.00 29.72 ? 9   DC  B OP1   1 
ATOM   170  O  OP2   . DC  A 1 9  ? 11.339  -2.278  -12.837 1.00 33.03 ? 9   DC  B OP2   1 
ATOM   171  O  "O5'" . DC  A 1 9  ? 8.971   -2.931  -13.196 1.00 32.92 ? 9   DC  B "O5'" 1 
ATOM   172  C  "C5'" . DC  A 1 9  ? 7.820   -3.737  -12.938 1.00 31.39 ? 9   DC  B "C5'" 1 
ATOM   173  C  "C4'" . DC  A 1 9  ? 6.582   -3.067  -13.478 1.00 30.13 ? 9   DC  B "C4'" 1 
ATOM   174  O  "O4'" . DC  A 1 9  ? 5.949   -2.209  -12.499 1.00 28.46 ? 9   DC  B "O4'" 1 
ATOM   175  C  "C3'" . DC  A 1 9  ? 6.800   -2.220  -14.729 1.00 30.57 ? 9   DC  B "C3'" 1 
ATOM   176  O  "O3'" . DC  A 1 9  ? 5.832   -2.603  -15.689 1.00 33.52 ? 9   DC  B "O3'" 1 
ATOM   177  C  "C2'" . DC  A 1 9  ? 6.531   -0.801  -14.255 1.00 28.89 ? 9   DC  B "C2'" 1 
ATOM   178  C  "C1'" . DC  A 1 9  ? 5.511   -1.034  -13.152 1.00 25.91 ? 9   DC  B "C1'" 1 
ATOM   179  N  N1    . DC  A 1 9  ? 5.415   0.038   -12.147 1.00 20.76 ? 9   DC  B N1    1 
ATOM   180  C  C2    . DC  A 1 9  ? 4.152   0.400   -11.658 1.00 17.20 ? 9   DC  B C2    1 
ATOM   181  O  O2    . DC  A 1 9  ? 3.149   -0.194  -12.067 1.00 17.60 ? 9   DC  B O2    1 
ATOM   182  N  N3    . DC  A 1 9  ? 4.057   1.384   -10.750 1.00 17.71 ? 9   DC  B N3    1 
ATOM   183  C  C4    . DC  A 1 9  ? 5.155   2.005   -10.321 1.00 16.17 ? 9   DC  B C4    1 
ATOM   184  N  N4    . DC  A 1 9  ? 5.003   2.982   -9.425  1.00 13.33 ? 9   DC  B N4    1 
ATOM   185  C  C5    . DC  A 1 9  ? 6.455   1.654   -10.794 1.00 16.31 ? 9   DC  B C5    1 
ATOM   186  C  C6    . DC  A 1 9  ? 6.537   0.676   -11.699 1.00 17.99 ? 9   DC  B C6    1 
ATOM   187  P  P     . DG  A 1 10 ? 6.055   -2.259  -17.237 1.00 35.74 ? 10  DG  B P     1 
ATOM   188  O  OP1   . DG  A 1 10 ? 6.422   -3.511  -17.950 1.00 35.41 ? 10  DG  B OP1   1 
ATOM   189  O  OP2   . DG  A 1 10 ? 6.913   -1.050  -17.365 1.00 33.97 ? 10  DG  B OP2   1 
ATOM   190  O  "O5'" . DG  A 1 10 ? 4.582   -1.879  -17.675 1.00 32.04 ? 10  DG  B "O5'" 1 
ATOM   191  C  "C5'" . DG  A 1 10 ? 3.506   -2.734  -17.313 1.00 28.18 ? 10  DG  B "C5'" 1 
ATOM   192  C  "C4'" . DG  A 1 10 ? 2.202   -1.984  -17.387 1.00 26.86 ? 10  DG  B "C4'" 1 
ATOM   193  O  "O4'" . DG  A 1 10 ? 2.088   -1.040  -16.300 1.00 27.12 ? 10  DG  B "O4'" 1 
ATOM   194  C  "C3'" . DG  A 1 10 ? 2.006   -1.187  -18.669 1.00 26.22 ? 10  DG  B "C3'" 1 
ATOM   195  O  "O3'" . DG  A 1 10 ? 0.649   -1.368  -19.066 1.00 29.33 ? 10  DG  B "O3'" 1 
ATOM   196  C  "C2'" . DG  A 1 10 ? 2.323   0.242   -18.253 1.00 22.67 ? 10  DG  B "C2'" 1 
ATOM   197  C  "C1'" . DG  A 1 10 ? 1.870   0.271   -16.801 1.00 22.63 ? 10  DG  B "C1'" 1 
ATOM   198  N  N9    . DG  A 1 10 ? 2.581   1.198   -15.924 1.00 19.56 ? 10  DG  B N9    1 
ATOM   199  C  C8    . DG  A 1 10 ? 3.941   1.388   -15.831 1.00 16.81 ? 10  DG  B C8    1 
ATOM   200  N  N7    . DG  A 1 10 ? 4.274   2.261   -14.917 1.00 16.24 ? 10  DG  B N7    1 
ATOM   201  C  C5    . DG  A 1 10 ? 3.065   2.683   -14.383 1.00 16.38 ? 10  DG  B C5    1 
ATOM   202  C  C6    . DG  A 1 10 ? 2.787   3.620   -13.351 1.00 17.30 ? 10  DG  B C6    1 
ATOM   203  O  O6    . DG  A 1 10 ? 3.581   4.264   -12.657 1.00 16.49 ? 10  DG  B O6    1 
ATOM   204  N  N1    . DG  A 1 10 ? 1.415   3.759   -13.141 1.00 17.83 ? 10  DG  B N1    1 
ATOM   205  C  C2    . DG  A 1 10 ? 0.440   3.067   -13.817 1.00 16.09 ? 10  DG  B C2    1 
ATOM   206  N  N2    . DG  A 1 10 ? -0.825  3.325   -13.461 1.00 15.23 ? 10  DG  B N2    1 
ATOM   207  N  N3    . DG  A 1 10 ? 0.685   2.182   -14.765 1.00 18.39 ? 10  DG  B N3    1 
ATOM   208  C  C4    . DG  A 1 10 ? 2.009   2.043   -14.997 1.00 17.52 ? 10  DG  B C4    1 
ATOM   209  P  P     . DG  A 1 11 ? 0.138   -0.790  -20.471 1.00 28.92 ? 11  DG  B P     1 
ATOM   210  O  OP1   . DG  A 1 11 ? -0.960  -1.670  -20.959 1.00 28.70 ? 11  DG  B OP1   1 
ATOM   211  O  OP2   . DG  A 1 11 ? 1.325   -0.552  -21.327 1.00 27.59 ? 11  DG  B OP2   1 
ATOM   212  O  "O5'" . DG  A 1 11 ? -0.504  0.604   -20.043 1.00 24.93 ? 11  DG  B "O5'" 1 
ATOM   213  C  "C5'" . DG  A 1 11 ? -1.638  0.629   -19.187 1.00 20.62 ? 11  DG  B "C5'" 1 
ATOM   214  C  "C4'" . DG  A 1 11 ? -2.006  2.050   -18.843 1.00 20.34 ? 11  DG  B "C4'" 1 
ATOM   215  O  "O4'" . DG  A 1 11 ? -1.057  2.609   -17.899 1.00 21.66 ? 11  DG  B "O4'" 1 
ATOM   216  C  "C3'" . DG  A 1 11 ? -2.061  3.019   -20.028 1.00 19.16 ? 11  DG  B "C3'" 1 
ATOM   217  O  "O3'" . DG  A 1 11 ? -3.201  3.865   -19.880 1.00 18.64 ? 11  DG  B "O3'" 1 
ATOM   218  C  "C2'" . DG  A 1 11 ? -0.825  3.881   -19.827 1.00 20.72 ? 11  DG  B "C2'" 1 
ATOM   219  C  "C1'" . DG  A 1 11 ? -0.756  3.929   -18.314 1.00 20.20 ? 11  DG  B "C1'" 1 
ATOM   220  N  N9    . DG  A 1 11 ? 0.529   4.316   -17.738 1.00 17.80 ? 11  DG  B N9    1 
ATOM   221  C  C8    . DG  A 1 11 ? 1.786   3.918   -18.140 1.00 16.79 ? 11  DG  B C8    1 
ATOM   222  N  N7    . DG  A 1 11 ? 2.744   4.471   -17.441 1.00 16.63 ? 11  DG  B N7    1 
ATOM   223  C  C5    . DG  A 1 11 ? 2.079   5.277   -16.522 1.00 15.99 ? 11  DG  B C5    1 
ATOM   224  C  C6    . DG  A 1 11 ? 2.587   6.143   -15.502 1.00 16.89 ? 11  DG  B C6    1 
ATOM   225  O  O6    . DG  A 1 11 ? 3.764   6.374   -15.191 1.00 20.79 ? 11  DG  B O6    1 
ATOM   226  N  N1    . DG  A 1 11 ? 1.561   6.771   -14.812 1.00 15.71 ? 11  DG  B N1    1 
ATOM   227  C  C2    . DG  A 1 11 ? 0.223   6.592   -15.052 1.00 15.97 ? 11  DG  B C2    1 
ATOM   228  N  N2    . DG  A 1 11 ? -0.613  7.284   -14.266 1.00 15.60 ? 11  DG  B N2    1 
ATOM   229  N  N3    . DG  A 1 11 ? -0.262  5.796   -15.991 1.00 15.75 ? 11  DG  B N3    1 
ATOM   230  C  C4    . DG  A 1 11 ? 0.713   5.179   -16.684 1.00 15.84 ? 11  DG  B C4    1 
ATOM   231  O  "O5'" . DT  B 2 1  ? 8.228   12.650  -10.538 1.00 38.44 ? 51  DT  C "O5'" 1 
ATOM   232  C  "C5'" . DT  B 2 1  ? 7.927   14.020  -10.871 1.00 38.67 ? 51  DT  C "C5'" 1 
ATOM   233  C  "C4'" . DT  B 2 1  ? 6.457   14.365  -10.816 1.00 38.78 ? 51  DT  C "C4'" 1 
ATOM   234  O  "O4'" . DT  B 2 1  ? 5.896   14.244  -12.153 1.00 36.95 ? 51  DT  C "O4'" 1 
ATOM   235  C  "C3'" . DT  B 2 1  ? 5.651   13.428  -9.915  1.00 40.71 ? 51  DT  C "C3'" 1 
ATOM   236  O  "O3'" . DT  B 2 1  ? 4.879   14.087  -8.915  1.00 44.62 ? 51  DT  C "O3'" 1 
ATOM   237  C  "C2'" . DT  B 2 1  ? 4.729   12.665  -10.849 1.00 36.87 ? 51  DT  C "C2'" 1 
ATOM   238  C  "C1'" . DT  B 2 1  ? 4.760   13.388  -12.177 1.00 31.36 ? 51  DT  C "C1'" 1 
ATOM   239  N  N1    . DT  B 2 1  ? 4.988   12.372  -13.214 1.00 26.93 ? 51  DT  C N1    1 
ATOM   240  C  C2    . DT  B 2 1  ? 3.970   12.045  -14.077 1.00 24.10 ? 51  DT  C C2    1 
ATOM   241  O  O2    . DT  B 2 1  ? 2.882   12.583  -14.049 1.00 23.65 ? 51  DT  C O2    1 
ATOM   242  N  N3    . DT  B 2 1  ? 4.274   11.048  -14.971 1.00 20.71 ? 51  DT  C N3    1 
ATOM   243  C  C4    . DT  B 2 1  ? 5.466   10.348  -15.066 1.00 23.21 ? 51  DT  C C4    1 
ATOM   244  O  O4    . DT  B 2 1  ? 5.591   9.465   -15.914 1.00 21.90 ? 51  DT  C O4    1 
ATOM   245  C  C5    . DT  B 2 1  ? 6.492   10.742  -14.120 1.00 22.97 ? 51  DT  C C5    1 
ATOM   246  C  C7    . DT  B 2 1  ? 7.804   10.026  -14.113 1.00 24.35 ? 51  DT  C C7    1 
ATOM   247  C  C6    . DT  B 2 1  ? 6.208   11.734  -13.273 1.00 24.29 ? 51  DT  C C6    1 
ATOM   248  P  P     . DC  B 2 2  ? 4.135   13.198  -7.795  1.00 45.04 ? 52  DC  C P     1 
ATOM   249  O  OP1   . DC  B 2 2  ? 3.892   14.054  -6.596  1.00 45.35 ? 52  DC  C OP1   1 
ATOM   250  O  OP2   . DC  B 2 2  ? 4.912   11.926  -7.656  1.00 42.25 ? 52  DC  C OP2   1 
ATOM   251  O  "O5'" . DC  B 2 2  ? 2.736   12.842  -8.479  1.00 41.36 ? 52  DC  C "O5'" 1 
ATOM   252  C  "C5'" . DC  B 2 2  ? 1.884   13.888  -8.994  1.00 36.95 ? 52  DC  C "C5'" 1 
ATOM   253  C  "C4'" . DC  B 2 2  ? 0.636   13.297  -9.605  1.00 32.37 ? 52  DC  C "C4'" 1 
ATOM   254  O  "O4'" . DC  B 2 2  ? 0.990   12.510  -10.763 1.00 31.25 ? 52  DC  C "O4'" 1 
ATOM   255  C  "C3'" . DC  B 2 2  ? -0.159  12.368  -8.690  1.00 33.64 ? 52  DC  C "C3'" 1 
ATOM   256  O  "O3'" . DC  B 2 2  ? -1.553  12.583  -8.910  1.00 34.51 ? 52  DC  C "O3'" 1 
ATOM   257  C  "C2'" . DC  B 2 2  ? 0.251   10.975  -9.142  1.00 31.88 ? 52  DC  C "C2'" 1 
ATOM   258  C  "C1'" . DC  B 2 2  ? 0.544   11.164  -10.621 1.00 29.19 ? 52  DC  C "C1'" 1 
ATOM   259  N  N1    . DC  B 2 2  ? 1.607   10.284  -11.147 1.00 26.26 ? 52  DC  C N1    1 
ATOM   260  C  C2    . DC  B 2 2  ? 1.348   9.513   -12.293 1.00 22.92 ? 52  DC  C C2    1 
ATOM   261  O  O2    . DC  B 2 2  ? 0.216   9.548   -12.799 1.00 22.47 ? 52  DC  C O2    1 
ATOM   262  N  N3    . DC  B 2 2  ? 2.337   8.741   -12.807 1.00 22.33 ? 52  DC  C N3    1 
ATOM   263  C  C4    . DC  B 2 2  ? 3.533   8.694   -12.207 1.00 18.68 ? 52  DC  C C4    1 
ATOM   264  N  N4    . DC  B 2 2  ? 4.473   7.913   -12.749 1.00 18.19 ? 52  DC  C N4    1 
ATOM   265  C  C5    . DC  B 2 2  ? 3.816   9.444   -11.025 1.00 21.82 ? 52  DC  C C5    1 
ATOM   266  C  C6    . DC  B 2 2  ? 2.835   10.225  -10.538 1.00 23.81 ? 52  DC  C C6    1 
ATOM   267  P  P     . DC  B 2 3  ? -2.627  12.128  -7.802  1.00 35.10 ? 53  DC  C P     1 
ATOM   268  O  OP1   . DC  B 2 3  ? -3.583  13.256  -7.623  1.00 38.08 ? 53  DC  C OP1   1 
ATOM   269  O  OP2   . DC  B 2 3  ? -1.931  11.564  -6.607  1.00 33.70 ? 53  DC  C OP2   1 
ATOM   270  O  "O5'" . DC  B 2 3  ? -3.388  10.961  -8.556  1.00 31.75 ? 53  DC  C "O5'" 1 
ATOM   271  C  "C5'" . DC  B 2 3  ? -2.681  10.166  -9.481  1.00 28.09 ? 53  DC  C "C5'" 1 
ATOM   272  C  "C4'" . DC  B 2 3  ? -3.564  9.072   -10.012 1.00 25.07 ? 53  DC  C "C4'" 1 
ATOM   273  O  "O4'" . DC  B 2 3  ? -2.680  8.212   -10.751 1.00 26.17 ? 53  DC  C "O4'" 1 
ATOM   274  C  "C3'" . DC  B 2 3  ? -4.172  8.198   -8.924  1.00 24.83 ? 53  DC  C "C3'" 1 
ATOM   275  O  "O3'" . DC  B 2 3  ? -5.376  7.617   -9.432  1.00 24.28 ? 53  DC  C "O3'" 1 
ATOM   276  C  "C2'" . DC  B 2 3  ? -3.081  7.177   -8.665  1.00 22.99 ? 53  DC  C "C2'" 1 
ATOM   277  C  "C1'" . DC  B 2 3  ? -2.461  7.005   -10.044 1.00 24.86 ? 53  DC  C "C1'" 1 
ATOM   278  N  N1    . DC  B 2 3  ? -1.016  6.719   -10.096 1.00 21.44 ? 53  DC  C N1    1 
ATOM   279  C  C2    . DC  B 2 3  ? -0.567  5.798   -11.034 1.00 19.29 ? 53  DC  C C2    1 
ATOM   280  O  O2    . DC  B 2 3  ? -1.400  5.221   -11.744 1.00 21.90 ? 53  DC  C O2    1 
ATOM   281  N  N3    . DC  B 2 3  ? 0.751   5.552   -11.145 1.00 18.57 ? 53  DC  C N3    1 
ATOM   282  C  C4    . DC  B 2 3  ? 1.614   6.182   -10.353 1.00 17.35 ? 53  DC  C C4    1 
ATOM   283  N  N4    . DC  B 2 3  ? 2.904   5.921   -10.523 1.00 19.70 ? 53  DC  C N4    1 
ATOM   284  C  C5    . DC  B 2 3  ? 1.188   7.109   -9.362  1.00 17.29 ? 53  DC  C C5    1 
ATOM   285  C  C6    . DC  B 2 3  ? -0.128  7.349   -9.267  1.00 20.19 ? 53  DC  C C6    1 
ATOM   286  P  P     . DG  B 2 4  ? -6.497  7.051   -8.424  1.00 23.96 ? 54  DG  C P     1 
ATOM   287  O  OP1   . DG  B 2 4  ? -7.833  7.343   -9.010  1.00 25.08 ? 54  DG  C OP1   1 
ATOM   288  O  OP2   . DG  B 2 4  ? -6.203  7.496   -7.035  1.00 23.25 ? 54  DG  C OP2   1 
ATOM   289  O  "O5'" . DG  B 2 4  ? -6.278  5.489   -8.536  1.00 21.42 ? 54  DG  C "O5'" 1 
ATOM   290  C  "C5'" . DG  B 2 4  ? -6.285  4.862   -9.819  1.00 21.13 ? 54  DG  C "C5'" 1 
ATOM   291  C  "C4'" . DG  B 2 4  ? -5.579  3.533   -9.739  1.00 21.75 ? 54  DG  C "C4'" 1 
ATOM   292  O  "O4'" . DG  B 2 4  ? -4.141  3.690   -9.796  1.00 20.69 ? 54  DG  C "O4'" 1 
ATOM   293  C  "C3'" . DG  B 2 4  ? -5.869  2.768   -8.446  1.00 22.10 ? 54  DG  C "C3'" 1 
ATOM   294  O  "O3'" . DG  B 2 4  ? -6.006  1.397   -8.769  1.00 25.19 ? 54  DG  C "O3'" 1 
ATOM   295  C  "C2'" . DG  B 2 4  ? -4.586  2.936   -7.655  1.00 19.31 ? 54  DG  C "C2'" 1 
ATOM   296  C  "C1'" . DG  B 2 4  ? -3.593  2.870   -8.790  1.00 17.91 ? 54  DG  C "C1'" 1 
ATOM   297  N  N9    . DG  B 2 4  ? -2.232  3.310   -8.514  1.00 15.36 ? 54  DG  C N9    1 
ATOM   298  C  C8    . DG  B 2 4  ? -1.815  4.230   -7.584  1.00 16.94 ? 54  DG  C C8    1 
ATOM   299  N  N7    . DG  B 2 4  ? -0.515  4.339   -7.528  1.00 16.89 ? 54  DG  C N7    1 
ATOM   300  C  C5    . DG  B 2 4  ? -0.053  3.448   -8.490  1.00 15.69 ? 54  DG  C C5    1 
ATOM   301  C  C6    . DG  B 2 4  ? 1.273   3.106   -8.875  1.00 15.58 ? 54  DG  C C6    1 
ATOM   302  O  O6    . DG  B 2 4  ? 2.345   3.529   -8.419  1.00 20.46 ? 54  DG  C O6    1 
ATOM   303  N  N1    . DG  B 2 4  ? 1.280   2.168   -9.897  1.00 12.16 ? 54  DG  C N1    1 
ATOM   304  C  C2    . DG  B 2 4  ? 0.166   1.624   -10.468 1.00 9.63  ? 54  DG  C C2    1 
ATOM   305  N  N2    . DG  B 2 4  ? 0.370   0.746   -11.443 1.00 9.39  ? 54  DG  C N2    1 
ATOM   306  N  N3    . DG  B 2 4  ? -1.062  1.918   -10.110 1.00 14.04 ? 54  DG  C N3    1 
ATOM   307  C  C4    . DG  B 2 4  ? -1.099  2.830   -9.123  1.00 13.03 ? 54  DG  C C4    1 
ATOM   308  P  P     . DC  B 2 5  ? -7.370  0.630   -8.445  1.00 24.81 ? 55  DC  C P     1 
ATOM   309  O  OP1   . DC  B 2 5  ? -8.300  0.841   -9.592  1.00 28.03 ? 55  DC  C OP1   1 
ATOM   310  O  OP2   . DC  B 2 5  ? -7.801  0.969   -7.069  1.00 25.62 ? 55  DC  C OP2   1 
ATOM   311  O  "O5'" . DC  B 2 5  ? -6.883  -0.870  -8.451  1.00 26.77 ? 55  DC  C "O5'" 1 
ATOM   312  C  "C5'" . DC  B 2 5  ? -5.581  -1.181  -7.974  1.00 26.04 ? 55  DC  C "C5'" 1 
ATOM   313  C  "C4'" . DC  B 2 5  ? -4.867  -2.028  -8.989  1.00 24.80 ? 55  DC  C "C4'" 1 
ATOM   314  O  "O4'" . DC  B 2 5  ? -3.748  -1.265  -9.502  1.00 25.57 ? 55  DC  C "O4'" 1 
ATOM   315  C  "C3'" . DC  B 2 5  ? -4.294  -3.276  -8.340  1.00 25.78 ? 55  DC  C "C3'" 1 
ATOM   316  O  "O3'" . DC  B 2 5  ? -4.826  -4.471  -8.867  1.00 27.11 ? 55  DC  C "O3'" 1 
ATOM   317  C  "C2'" . DC  B 2 5  ? -2.794  -3.208  -8.550  1.00 24.45 ? 55  DC  C "C2'" 1 
ATOM   318  C  "C1'" . DC  B 2 5  ? -2.511  -1.949  -9.340  1.00 21.80 ? 55  DC  C "C1'" 1 
ATOM   319  N  N1    . DC  B 2 5  ? -1.623  -1.105  -8.517  1.00 15.15 ? 55  DC  C N1    1 
ATOM   320  C  C2    . DC  B 2 5  ? -0.258  -1.195  -8.719  1.00 11.91 ? 55  DC  C C2    1 
ATOM   321  O  O2    . DC  B 2 5  ? 0.162   -1.950  -9.603  1.00 14.16 ? 55  DC  C O2    1 
ATOM   322  N  N3    . DC  B 2 5  ? 0.577   -0.476  -7.947  1.00 13.30 ? 55  DC  C N3    1 
ATOM   323  C  C4    . DC  B 2 5  ? 0.086   0.302   -6.985  1.00 12.59 ? 55  DC  C C4    1 
ATOM   324  N  N4    . DC  B 2 5  ? 0.952   0.974   -6.235  1.00 13.23 ? 55  DC  C N4    1 
ATOM   325  C  C5    . DC  B 2 5  ? -1.313  0.426   -6.753  1.00 12.37 ? 55  DC  C C5    1 
ATOM   326  C  C6    . DC  B 2 5  ? -2.128  -0.283  -7.545  1.00 12.37 ? 55  DC  C C6    1 
ATOM   327  P  P     . DC  B 2 6  ? -4.806  -5.783  -7.950  1.00 23.96 ? 56  DC  C P     1 
ATOM   328  O  OP1   . DC  B 2 6  ? -5.840  -6.703  -8.472  1.00 25.84 ? 56  DC  C OP1   1 
ATOM   329  O  OP2   . DC  B 2 6  ? -4.871  -5.325  -6.540  1.00 18.18 ? 56  DC  C OP2   1 
ATOM   330  O  "O5'" . DC  B 2 6  ? -3.362  -6.377  -8.249  1.00 22.57 ? 56  DC  C "O5'" 1 
ATOM   331  C  "C5'" . DC  B 2 6  ? -2.938  -6.578  -9.599  1.00 20.80 ? 56  DC  C "C5'" 1 
ATOM   332  C  "C4'" . DC  B 2 6  ? -1.474  -6.939  -9.637  1.00 22.74 ? 56  DC  C "C4'" 1 
ATOM   333  O  "O4'" . DC  B 2 6  ? -0.681  -5.826  -9.172  1.00 25.16 ? 56  DC  C "O4'" 1 
ATOM   334  C  "C3'" . DC  B 2 6  ? -1.076  -8.130  -8.770  1.00 22.32 ? 56  DC  C "C3'" 1 
ATOM   335  O  "O3'" . DC  B 2 6  ? -0.119  -8.899  -9.485  1.00 22.48 ? 56  DC  C "O3'" 1 
ATOM   336  C  "C2'" . DC  B 2 6  ? -0.458  -7.494  -7.535  1.00 20.92 ? 56  DC  C "C2'" 1 
ATOM   337  C  "C1'" . DC  B 2 6  ? 0.163   -6.232  -8.105  1.00 22.41 ? 56  DC  C "C1'" 1 
ATOM   338  N  N1    . DC  B 2 6  ? 0.237   -5.119  -7.153  1.00 19.01 ? 56  DC  C N1    1 
ATOM   339  C  C2    . DC  B 2 6  ? 1.475   -4.568  -6.874  1.00 17.13 ? 56  DC  C C2    1 
ATOM   340  O  O2    . DC  B 2 6  ? 2.473   -5.024  -7.455  1.00 18.98 ? 56  DC  C O2    1 
ATOM   341  N  N3    . DC  B 2 6  ? 1.563   -3.555  -5.987  1.00 14.79 ? 56  DC  C N3    1 
ATOM   342  C  C4    . DC  B 2 6  ? 0.469   -3.098  -5.393  1.00 12.30 ? 56  DC  C C4    1 
ATOM   343  N  N4    . DC  B 2 6  ? 0.605   -2.111  -4.517  1.00 12.73 ? 56  DC  C N4    1 
ATOM   344  C  C5    . DC  B 2 6  ? -0.816  -3.634  -5.668  1.00 14.24 ? 56  DC  C C5    1 
ATOM   345  C  C6    . DC  B 2 6  ? -0.885  -4.634  -6.547  1.00 15.45 ? 56  DC  C C6    1 
ATOM   346  P  P     . DC  B 2 7  ? 0.224   -10.383 -9.003  1.00 26.14 ? 57  DC  C P     1 
ATOM   347  O  OP1   . DC  B 2 7  ? 0.818   -11.106 -10.155 1.00 21.53 ? 57  DC  C OP1   1 
ATOM   348  O  OP2   . DC  B 2 7  ? -0.971  -10.933 -8.320  1.00 24.71 ? 57  DC  C OP2   1 
ATOM   349  O  "O5'" . DC  B 2 7  ? 1.354   -10.131 -7.915  1.00 25.07 ? 57  DC  C "O5'" 1 
ATOM   350  C  "C5'" . DC  B 2 7  ? 2.540   -9.450  -8.305  1.00 24.97 ? 57  DC  C "C5'" 1 
ATOM   351  C  "C4'" . DC  B 2 7  ? 3.393   -9.131  -7.109  1.00 22.73 ? 57  DC  C "C4'" 1 
ATOM   352  O  "O4'" . DC  B 2 7  ? 2.963   -7.923  -6.436  1.00 22.97 ? 57  DC  C "O4'" 1 
ATOM   353  C  "C3'" . DC  B 2 7  ? 3.471   -10.221 -6.046  1.00 24.21 ? 57  DC  C "C3'" 1 
ATOM   354  O  "O3'" . DC  B 2 7  ? 4.831   -10.613 -5.928  1.00 26.96 ? 57  DC  C "O3'" 1 
ATOM   355  C  "C2'" . DC  B 2 7  ? 2.989   -9.526  -4.775  1.00 22.75 ? 57  DC  C "C2'" 1 
ATOM   356  C  "C1'" . DC  B 2 7  ? 3.296   -8.068  -5.081  1.00 19.53 ? 57  DC  C "C1'" 1 
ATOM   357  N  N1    . DC  B 2 7  ? 2.548   -7.063  -4.315  1.00 18.30 ? 57  DC  C N1    1 
ATOM   358  C  C2    . DC  B 2 7  ? 3.266   -6.073  -3.648  1.00 16.00 ? 57  DC  C C2    1 
ATOM   359  O  O2    . DC  B 2 7  ? 4.494   -6.038  -3.784  1.00 18.99 ? 57  DC  C O2    1 
ATOM   360  N  N3    . DC  B 2 7  ? 2.612   -5.177  -2.882  1.00 15.42 ? 57  DC  C N3    1 
ATOM   361  C  C4    . DC  B 2 7  ? 1.284   -5.232  -2.784  1.00 15.62 ? 57  DC  C C4    1 
ATOM   362  N  N4    . DC  B 2 7  ? 0.683   -4.336  -2.001  1.00 14.97 ? 57  DC  C N4    1 
ATOM   363  C  C5    . DC  B 2 7  ? 0.515   -6.212  -3.480  1.00 15.60 ? 57  DC  C C5    1 
ATOM   364  C  C6    . DC  B 2 7  ? 1.183   -7.099  -4.230  1.00 17.57 ? 57  DC  C C6    1 
ATOM   365  P  P     . DA  B 2 8  ? 5.212   -11.954 -5.135  1.00 29.52 ? 58  DA  C P     1 
ATOM   366  O  OP1   . DA  B 2 8  ? 6.263   -12.662 -5.922  1.00 29.10 ? 58  DA  C OP1   1 
ATOM   367  O  OP2   . DA  B 2 8  ? 3.961   -12.671 -4.737  1.00 28.44 ? 58  DA  C OP2   1 
ATOM   368  O  "O5'" . DA  B 2 8  ? 5.874   -11.378 -3.814  1.00 29.78 ? 58  DA  C "O5'" 1 
ATOM   369  C  "C5'" . DA  B 2 8  ? 6.802   -10.286 -3.902  1.00 29.42 ? 58  DA  C "C5'" 1 
ATOM   370  C  "C4'" . DA  B 2 8  ? 7.026   -9.691  -2.539  1.00 26.84 ? 58  DA  C "C4'" 1 
ATOM   371  O  "O4'" . DA  B 2 8  ? 6.007   -8.718  -2.237  1.00 23.30 ? 58  DA  C "O4'" 1 
ATOM   372  C  "C3'" . DA  B 2 8  ? 6.979   -10.725 -1.421  1.00 29.97 ? 58  DA  C "C3'" 1 
ATOM   373  O  "O3'" . DA  B 2 8  ? 8.166   -10.666 -0.662  1.00 38.59 ? 58  DA  C "O3'" 1 
ATOM   374  C  "C2'" . DA  B 2 8  ? 5.807   -10.295 -0.559  1.00 27.13 ? 58  DA  C "C2'" 1 
ATOM   375  C  "C1'" . DA  B 2 8  ? 5.671   -8.822  -0.876  1.00 22.28 ? 58  DA  C "C1'" 1 
ATOM   376  N  N9    . DA  B 2 8  ? 4.309   -8.317  -0.694  1.00 18.34 ? 58  DA  C N9    1 
ATOM   377  C  C8    . DA  B 2 8  ? 3.134   -8.923  -1.059  1.00 15.34 ? 58  DA  C C8    1 
ATOM   378  N  N7    . DA  B 2 8  ? 2.066   -8.292  -0.645  1.00 15.11 ? 58  DA  C N7    1 
ATOM   379  C  C5    . DA  B 2 8  ? 2.567   -7.175  -0.001  1.00 13.49 ? 58  DA  C C5    1 
ATOM   380  C  C6    . DA  B 2 8  ? 1.948   -6.118  0.673   1.00 15.38 ? 58  DA  C C6    1 
ATOM   381  N  N6    . DA  B 2 8  ? 0.627   -6.010  0.836   1.00 13.96 ? 58  DA  C N6    1 
ATOM   382  N  N1    . DA  B 2 8  ? 2.740   -5.165  1.203   1.00 15.68 ? 58  DA  C N1    1 
ATOM   383  C  C2    . DA  B 2 8  ? 4.061   -5.281  1.059   1.00 11.57 ? 58  DA  C C2    1 
ATOM   384  N  N3    . DA  B 2 8  ? 4.760   -6.228  0.461   1.00 15.14 ? 58  DA  C N3    1 
ATOM   385  C  C4    . DA  B 2 8  ? 3.946   -7.161  -0.053  1.00 15.32 ? 58  DA  C C4    1 
ATOM   386  P  P     . DC  B 2 9  ? 8.495   -11.839 0.372   1.00 42.81 ? 59  DC  C P     1 
ATOM   387  O  OP1   . DC  B 2 9  ? 9.718   -12.531 -0.131  1.00 42.66 ? 59  DC  C OP1   1 
ATOM   388  O  OP2   . DC  B 2 9  ? 7.248   -12.624 0.666   1.00 39.76 ? 59  DC  C OP2   1 
ATOM   389  O  "O5'" . DC  B 2 9  ? 8.854   -11.027 1.680   1.00 41.20 ? 59  DC  C "O5'" 1 
ATOM   390  C  "C5'" . DC  B 2 9  ? 9.313   -9.683  1.578   1.00 41.94 ? 59  DC  C "C5'" 1 
ATOM   391  C  "C4'" . DC  B 2 9  ? 8.881   -8.919  2.799   1.00 41.31 ? 59  DC  C "C4'" 1 
ATOM   392  O  "O4'" . DC  B 2 9  ? 7.527   -8.418  2.654   1.00 39.64 ? 59  DC  C "O4'" 1 
ATOM   393  C  "C3'" . DC  B 2 9  ? 8.878   -9.805  4.043   1.00 41.87 ? 59  DC  C "C3'" 1 
ATOM   394  O  "O3'" . DC  B 2 9  ? 9.566   -9.130  5.083   1.00 46.88 ? 59  DC  C "O3'" 1 
ATOM   395  C  "C2'" . DC  B 2 9  ? 7.401   -9.956  4.372   1.00 40.52 ? 59  DC  C "C2'" 1 
ATOM   396  C  "C1'" . DC  B 2 9  ? 6.863   -8.634  3.876   1.00 36.51 ? 59  DC  C "C1'" 1 
ATOM   397  N  N1    . DC  B 2 9  ? 5.413   -8.542  3.650   1.00 32.66 ? 59  DC  C N1    1 
ATOM   398  C  C2    . DC  B 2 9  ? 4.733   -7.415  4.154   1.00 30.32 ? 59  DC  C C2    1 
ATOM   399  O  O2    . DC  B 2 9  ? 5.388   -6.509  4.704   1.00 27.46 ? 59  DC  C O2    1 
ATOM   400  N  N3    . DC  B 2 9  ? 3.392   -7.337  4.025   1.00 26.74 ? 59  DC  C N3    1 
ATOM   401  C  C4    . DC  B 2 9  ? 2.724   -8.311  3.406   1.00 27.13 ? 59  DC  C C4    1 
ATOM   402  N  N4    . DC  B 2 9  ? 1.399   -8.189  3.319   1.00 23.43 ? 59  DC  C N4    1 
ATOM   403  C  C5    . DC  B 2 9  ? 3.391   -9.454  2.854   1.00 28.32 ? 59  DC  C C5    1 
ATOM   404  C  C6    . DC  B 2 9  ? 4.726   -9.525  2.995   1.00 29.77 ? 59  DC  C C6    1 
ATOM   405  P  P     . DG  B 2 10 ? 9.861   -9.881  6.471   1.00 48.40 ? 60  DG  C P     1 
ATOM   406  O  OP1   . DG  B 2 10 ? 11.330  -9.807  6.678   1.00 48.59 ? 60  DG  C OP1   1 
ATOM   407  O  OP2   . DG  B 2 10 ? 9.172   -11.203 6.504   1.00 48.45 ? 60  DG  C OP2   1 
ATOM   408  O  "O5'" . DG  B 2 10 ? 9.141   -8.921  7.506   1.00 42.25 ? 60  DG  C "O5'" 1 
ATOM   409  C  "C5'" . DG  B 2 10 ? 9.117   -7.511  7.268   1.00 37.11 ? 60  DG  C "C5'" 1 
ATOM   410  C  "C4'" . DG  B 2 10 ? 8.187   -6.847  8.248   1.00 36.40 ? 60  DG  C "C4'" 1 
ATOM   411  O  "O4'" . DG  B 2 10 ? 6.846   -6.757  7.714   1.00 32.61 ? 60  DG  C "O4'" 1 
ATOM   412  C  "C3'" . DG  B 2 10 ? 8.090   -7.629  9.556   1.00 38.14 ? 60  DG  C "C3'" 1 
ATOM   413  O  "O3'" . DG  B 2 10 ? 8.264   -6.771  10.674  1.00 42.66 ? 60  DG  C "O3'" 1 
ATOM   414  C  "C2'" . DG  B 2 10 ? 6.696   -8.223  9.532   1.00 35.07 ? 60  DG  C "C2'" 1 
ATOM   415  C  "C1'" . DG  B 2 10 ? 5.915   -7.257  8.658   1.00 31.07 ? 60  DG  C "C1'" 1 
ATOM   416  N  N9    . DG  B 2 10 ? 4.858   -7.939  7.922   1.00 26.69 ? 60  DG  C N9    1 
ATOM   417  C  C8    . DG  B 2 10 ? 4.992   -9.062  7.137   1.00 25.01 ? 60  DG  C C8    1 
ATOM   418  N  N7    . DG  B 2 10 ? 3.862   -9.471  6.638   1.00 23.03 ? 60  DG  C N7    1 
ATOM   419  C  C5    . DG  B 2 10 ? 2.931   -8.556  7.112   1.00 21.49 ? 60  DG  C C5    1 
ATOM   420  C  C6    . DG  B 2 10 ? 1.533   -8.483  6.908   1.00 19.16 ? 60  DG  C C6    1 
ATOM   421  O  O6    . DG  B 2 10 ? 0.817   -9.231  6.249   1.00 18.88 ? 60  DG  C O6    1 
ATOM   422  N  N1    . DG  B 2 10 ? 0.977   -7.404  7.574   1.00 17.62 ? 60  DG  C N1    1 
ATOM   423  C  C2    . DG  B 2 10 ? 1.674   -6.509  8.337   1.00 17.67 ? 60  DG  C C2    1 
ATOM   424  N  N2    . DG  B 2 10 ? 0.960   -5.545  8.907   1.00 16.76 ? 60  DG  C N2    1 
ATOM   425  N  N3    . DG  B 2 10 ? 2.977   -6.560  8.531   1.00 20.48 ? 60  DG  C N3    1 
ATOM   426  C  C4    . DG  B 2 10 ? 3.536   -7.603  7.898   1.00 21.80 ? 60  DG  C C4    1 
ATOM   427  P  P     . DC  B 2 11 ? 8.692   -7.401  12.083  1.00 45.25 ? 61  DC  C P     1 
ATOM   428  O  OP1   . DC  B 2 11 ? 9.678   -6.460  12.687  1.00 45.68 ? 61  DC  C OP1   1 
ATOM   429  O  OP2   . DC  B 2 11 ? 9.036   -8.848  11.919  1.00 43.76 ? 61  DC  C OP2   1 
ATOM   430  O  "O5'" . DC  B 2 11 ? 7.347   -7.291  12.911  1.00 42.89 ? 61  DC  C "O5'" 1 
ATOM   431  C  "C5'" . DC  B 2 11 ? 6.769   -6.003  13.152  1.00 38.13 ? 61  DC  C "C5'" 1 
ATOM   432  C  "C4'" . DC  B 2 11 ? 5.396   -6.165  13.746  1.00 34.02 ? 61  DC  C "C4'" 1 
ATOM   433  O  "O4'" . DC  B 2 11 ? 4.489   -6.613  12.709  1.00 31.37 ? 61  DC  C "O4'" 1 
ATOM   434  C  "C3'" . DC  B 2 11 ? 5.339   -7.214  14.861  1.00 32.31 ? 61  DC  C "C3'" 1 
ATOM   435  O  "O3'" . DC  B 2 11 ? 4.624   -6.659  15.958  1.00 33.96 ? 61  DC  C "O3'" 1 
ATOM   436  C  "C2'" . DC  B 2 11 ? 4.619   -8.388  14.213  1.00 32.40 ? 61  DC  C "C2'" 1 
ATOM   437  C  "C1'" . DC  B 2 11 ? 3.709   -7.668  13.228  1.00 30.15 ? 61  DC  C "C1'" 1 
ATOM   438  N  N1    . DC  B 2 11 ? 3.180   -8.452  12.097  1.00 25.53 ? 61  DC  C N1    1 
ATOM   439  C  C2    . DC  B 2 11 ? 1.857   -8.238  11.707  1.00 21.17 ? 61  DC  C C2    1 
ATOM   440  O  O2    . DC  B 2 11 ? 1.199   -7.346  12.273  1.00 21.78 ? 61  DC  C O2    1 
ATOM   441  N  N3    . DC  B 2 11 ? 1.330   -8.997  10.725  1.00 19.71 ? 61  DC  C N3    1 
ATOM   442  C  C4    . DC  B 2 11 ? 2.075   -9.918  10.123  1.00 17.54 ? 61  DC  C C4    1 
ATOM   443  N  N4    . DC  B 2 11 ? 1.496   -10.667 9.188   1.00 16.69 ? 61  DC  C N4    1 
ATOM   444  C  C5    . DC  B 2 11 ? 3.442   -10.122 10.463  1.00 20.63 ? 61  DC  C C5    1 
ATOM   445  C  C6    . DC  B 2 11 ? 3.949   -9.378  11.453  1.00 21.68 ? 61  DC  C C6    1 
ATOM   446  N  N     . ARG C 3 3  ? 19.062  1.111   -13.171 1.00 80.29 ? 103 ARG A N     1 
ATOM   447  C  CA    . ARG C 3 3  ? 19.232  1.809   -11.897 1.00 79.75 ? 103 ARG A CA    1 
ATOM   448  C  C     . ARG C 3 3  ? 20.005  3.138   -12.003 1.00 78.74 ? 103 ARG A C     1 
ATOM   449  O  O     . ARG C 3 3  ? 21.013  3.328   -11.313 1.00 79.26 ? 103 ARG A O     1 
ATOM   450  C  CB    . ARG C 3 3  ? 19.922  0.884   -10.879 1.00 79.90 ? 103 ARG A CB    1 
ATOM   451  C  CG    . ARG C 3 3  ? 18.983  0.174   -9.901  1.00 79.00 ? 103 ARG A CG    1 
ATOM   452  C  CD    . ARG C 3 3  ? 18.041  -0.809  -10.574 1.00 77.74 ? 103 ARG A CD    1 
ATOM   453  N  NE    . ARG C 3 3  ? 17.076  -1.360  -9.624  1.00 76.78 ? 103 ARG A NE    1 
ATOM   454  C  CZ    . ARG C 3 3  ? 17.273  -2.451  -8.890  1.00 76.07 ? 103 ARG A CZ    1 
ATOM   455  N  NH1   . ARG C 3 3  ? 18.406  -3.133  -8.983  1.00 76.26 ? 103 ARG A NH1   1 
ATOM   456  N  NH2   . ARG C 3 3  ? 16.327  -2.863  -8.061  1.00 74.81 ? 103 ARG A NH2   1 
ATOM   457  N  N     . PRO C 3 4  ? 19.539  4.077   -12.859 1.00 76.71 ? 104 PRO A N     1 
ATOM   458  C  CA    . PRO C 3 4  ? 20.198  5.380   -13.036 1.00 74.98 ? 104 PRO A CA    1 
ATOM   459  C  C     . PRO C 3 4  ? 19.760  6.480   -12.051 1.00 74.01 ? 104 PRO A C     1 
ATOM   460  O  O     . PRO C 3 4  ? 20.133  7.647   -12.215 1.00 74.11 ? 104 PRO A O     1 
ATOM   461  C  CB    . PRO C 3 4  ? 19.816  5.746   -14.467 1.00 74.39 ? 104 PRO A CB    1 
ATOM   462  C  CG    . PRO C 3 4  ? 18.417  5.262   -14.544 1.00 74.86 ? 104 PRO A CG    1 
ATOM   463  C  CD    . PRO C 3 4  ? 18.479  3.898   -13.872 1.00 75.74 ? 104 PRO A CD    1 
ATOM   464  N  N     . TYR C 3 5  ? 18.971  6.114   -11.042 1.00 72.28 ? 105 TYR A N     1 
ATOM   465  C  CA    . TYR C 3 5  ? 18.482  7.075   -10.053 1.00 70.13 ? 105 TYR A CA    1 
ATOM   466  C  C     . TYR C 3 5  ? 18.764  6.611   -8.627  1.00 68.18 ? 105 TYR A C     1 
ATOM   467  O  O     . TYR C 3 5  ? 17.927  5.965   -7.997  1.00 68.30 ? 105 TYR A O     1 
ATOM   468  C  CB    . TYR C 3 5  ? 16.979  7.331   -10.253 1.00 72.56 ? 105 TYR A CB    1 
ATOM   469  C  CG    . TYR C 3 5  ? 16.652  7.850   -11.639 1.00 75.91 ? 105 TYR A CG    1 
ATOM   470  C  CD1   . TYR C 3 5  ? 17.071  9.119   -12.046 1.00 77.37 ? 105 TYR A CD1   1 
ATOM   471  C  CD2   . TYR C 3 5  ? 16.002  7.043   -12.575 1.00 76.90 ? 105 TYR A CD2   1 
ATOM   472  C  CE1   . TYR C 3 5  ? 16.857  9.568   -13.356 1.00 78.18 ? 105 TYR A CE1   1 
ATOM   473  C  CE2   . TYR C 3 5  ? 15.779  7.482   -13.888 1.00 77.52 ? 105 TYR A CE2   1 
ATOM   474  C  CZ    . TYR C 3 5  ? 16.213  8.745   -14.270 1.00 77.99 ? 105 TYR A CZ    1 
ATOM   475  O  OH    . TYR C 3 5  ? 16.018  9.178   -15.561 1.00 77.82 ? 105 TYR A OH    1 
ATOM   476  N  N     . ALA C 3 6  ? 19.950  6.960   -8.126  1.00 65.29 ? 106 ALA A N     1 
ATOM   477  C  CA    . ALA C 3 6  ? 20.379  6.591   -6.775  1.00 61.13 ? 106 ALA A CA    1 
ATOM   478  C  C     . ALA C 3 6  ? 19.884  7.550   -5.696  1.00 57.77 ? 106 ALA A C     1 
ATOM   479  O  O     . ALA C 3 6  ? 19.690  8.740   -5.950  1.00 56.49 ? 106 ALA A O     1 
ATOM   480  C  CB    . ALA C 3 6  ? 21.898  6.491   -6.717  1.00 62.08 ? 106 ALA A CB    1 
ATOM   481  N  N     . CYS C 3 7  ? 19.724  7.024   -4.483  1.00 54.09 ? 107 CYS A N     1 
ATOM   482  C  CA    . CYS C 3 7  ? 19.263  7.807   -3.342  1.00 51.77 ? 107 CYS A CA    1 
ATOM   483  C  C     . CYS C 3 7  ? 20.420  8.578   -2.694  1.00 55.08 ? 107 CYS A C     1 
ATOM   484  O  O     . CYS C 3 7  ? 21.333  7.980   -2.106  1.00 55.04 ? 107 CYS A O     1 
ATOM   485  C  CB    . CYS C 3 7  ? 18.593  6.897   -2.314  1.00 46.54 ? 107 CYS A CB    1 
ATOM   486  S  SG    . CYS C 3 7  ? 17.956  7.771   -0.888  1.00 36.53 ? 107 CYS A SG    1 
ATOM   487  N  N     . PRO C 3 8  ? 20.362  9.926   -2.751  1.00 56.58 ? 108 PRO A N     1 
ATOM   488  C  CA    . PRO C 3 8  ? 21.354  10.871  -2.208  1.00 56.88 ? 108 PRO A CA    1 
ATOM   489  C  C     . PRO C 3 8  ? 21.644  10.776  -0.709  1.00 56.60 ? 108 PRO A C     1 
ATOM   490  O  O     . PRO C 3 8  ? 22.784  10.969  -0.291  1.00 56.69 ? 108 PRO A O     1 
ATOM   491  C  CB    . PRO C 3 8  ? 20.771  12.231  -2.588  1.00 57.01 ? 108 PRO A CB    1 
ATOM   492  C  CG    . PRO C 3 8  ? 19.288  11.970  -2.594  1.00 57.85 ? 108 PRO A CG    1 
ATOM   493  C  CD    . PRO C 3 8  ? 19.207  10.653  -3.308  1.00 56.50 ? 108 PRO A CD    1 
ATOM   494  N  N     . VAL C 3 9  ? 20.621  10.501  0.097   1.00 56.30 ? 109 VAL A N     1 
ATOM   495  C  CA    . VAL C 3 9  ? 20.811  10.381  1.536   1.00 58.24 ? 109 VAL A CA    1 
ATOM   496  C  C     . VAL C 3 9  ? 21.938  9.382   1.792   1.00 62.04 ? 109 VAL A C     1 
ATOM   497  O  O     . VAL C 3 9  ? 21.904  8.245   1.322   1.00 62.44 ? 109 VAL A O     1 
ATOM   498  C  CB    . VAL C 3 9  ? 19.511  9.956   2.243   1.00 57.17 ? 109 VAL A CB    1 
ATOM   499  C  CG1   . VAL C 3 9  ? 19.757  9.718   3.724   1.00 56.66 ? 109 VAL A CG1   1 
ATOM   500  C  CG2   . VAL C 3 9  ? 18.460  11.037  2.070   1.00 56.13 ? 109 VAL A CG2   1 
ATOM   501  N  N     . GLU C 3 10 ? 22.970  9.866   2.476   1.00 67.37 ? 110 GLU A N     1 
ATOM   502  C  CA    . GLU C 3 10 ? 24.177  9.097   2.795   1.00 71.09 ? 110 GLU A CA    1 
ATOM   503  C  C     . GLU C 3 10 ? 23.995  7.729   3.457   1.00 71.24 ? 110 GLU A C     1 
ATOM   504  O  O     . GLU C 3 10 ? 24.667  6.757   3.086   1.00 71.50 ? 110 GLU A O     1 
ATOM   505  C  CB    . GLU C 3 10 ? 25.145  9.955   3.631   1.00 73.74 ? 110 GLU A CB    1 
ATOM   506  C  CG    . GLU C 3 10 ? 24.691  10.288  5.070   1.00 77.81 ? 110 GLU A CG    1 
ATOM   507  C  CD    . GLU C 3 10 ? 23.526  11.278  5.142   1.00 79.75 ? 110 GLU A CD    1 
ATOM   508  O  OE1   . GLU C 3 10 ? 22.363  10.831  5.256   1.00 80.09 ? 110 GLU A OE1   1 
ATOM   509  O  OE2   . GLU C 3 10 ? 23.777  12.504  5.104   1.00 81.30 ? 110 GLU A OE2   1 
ATOM   510  N  N     . SER C 3 11 ? 23.088  7.653   4.425   1.00 70.21 ? 111 SER A N     1 
ATOM   511  C  CA    . SER C 3 11 ? 22.837  6.409   5.148   1.00 68.53 ? 111 SER A CA    1 
ATOM   512  C  C     . SER C 3 11 ? 21.900  5.424   4.437   1.00 67.86 ? 111 SER A C     1 
ATOM   513  O  O     . SER C 3 11 ? 21.418  4.476   5.055   1.00 67.55 ? 111 SER A O     1 
ATOM   514  C  CB    . SER C 3 11 ? 22.305  6.725   6.544   1.00 69.36 ? 111 SER A CB    1 
ATOM   515  O  OG    . SER C 3 11 ? 21.208  7.620   6.472   1.00 71.15 ? 111 SER A OG    1 
ATOM   516  N  N     . CYS C 3 12 ? 21.669  5.635   3.140   1.00 65.96 ? 112 CYS A N     1 
ATOM   517  C  CA    . CYS C 3 12 ? 20.799  4.759   2.356   1.00 62.95 ? 112 CYS A CA    1 
ATOM   518  C  C     . CYS C 3 12 ? 21.472  4.294   1.066   1.00 63.42 ? 112 CYS A C     1 
ATOM   519  O  O     . CYS C 3 12 ? 22.111  5.090   0.373   1.00 61.48 ? 112 CYS A O     1 
ATOM   520  C  CB    . CYS C 3 12 ? 19.482  5.468   2.039   1.00 61.89 ? 112 CYS A CB    1 
ATOM   521  S  SG    . CYS C 3 12 ? 18.349  4.509   1.009   1.00 55.55 ? 112 CYS A SG    1 
ATOM   522  N  N     . ASP C 3 13 ? 21.296  3.011   0.743   1.00 65.85 ? 113 ASP A N     1 
ATOM   523  C  CA    . ASP C 3 13 ? 21.891  2.399   -0.450  1.00 69.16 ? 113 ASP A CA    1 
ATOM   524  C  C     . ASP C 3 13 ? 20.868  1.942   -1.513  1.00 68.48 ? 113 ASP A C     1 
ATOM   525  O  O     . ASP C 3 13 ? 20.996  0.853   -2.083  1.00 67.77 ? 113 ASP A O     1 
ATOM   526  C  CB    . ASP C 3 13 ? 22.783  1.217   -0.020  1.00 72.24 ? 113 ASP A CB    1 
ATOM   527  C  CG    . ASP C 3 13 ? 23.577  0.611   -1.180  1.00 75.01 ? 113 ASP A CG    1 
ATOM   528  O  OD1   . ASP C 3 13 ? 23.392  -0.593  -1.467  1.00 76.49 ? 113 ASP A OD1   1 
ATOM   529  O  OD2   . ASP C 3 13 ? 24.383  1.334   -1.808  1.00 76.59 ? 113 ASP A OD2   1 
ATOM   530  N  N     . ARG C 3 14 ? 19.872  2.777   -1.804  1.00 67.59 ? 114 ARG A N     1 
ATOM   531  C  CA    . ARG C 3 14 ? 18.859  2.409   -2.797  1.00 66.35 ? 114 ARG A CA    1 
ATOM   532  C  C     . ARG C 3 14 ? 19.074  3.038   -4.175  1.00 65.29 ? 114 ARG A C     1 
ATOM   533  O  O     . ARG C 3 14 ? 19.628  4.130   -4.298  1.00 64.25 ? 114 ARG A O     1 
ATOM   534  C  CB    . ARG C 3 14 ? 17.442  2.726   -2.290  1.00 65.40 ? 114 ARG A CB    1 
ATOM   535  C  CG    . ARG C 3 14 ? 17.020  2.003   -1.008  1.00 65.09 ? 114 ARG A CG    1 
ATOM   536  C  CD    . ARG C 3 14 ? 17.225  0.485   -1.072  1.00 67.10 ? 114 ARG A CD    1 
ATOM   537  N  NE    . ARG C 3 14 ? 16.388  -0.188  -2.065  1.00 68.52 ? 114 ARG A NE    1 
ATOM   538  C  CZ    . ARG C 3 14 ? 15.338  -0.955  -1.770  1.00 68.96 ? 114 ARG A CZ    1 
ATOM   539  N  NH1   . ARG C 3 14 ? 14.980  -1.145  -0.506  1.00 69.50 ? 114 ARG A NH1   1 
ATOM   540  N  NH2   . ARG C 3 14 ? 14.672  -1.574  -2.739  1.00 68.35 ? 114 ARG A NH2   1 
ATOM   541  N  N     . ARG C 3 15 ? 18.653  2.309   -5.207  1.00 64.72 ? 115 ARG A N     1 
ATOM   542  C  CA    . ARG C 3 15 ? 18.750  2.747   -6.598  1.00 64.98 ? 115 ARG A CA    1 
ATOM   543  C  C     . ARG C 3 15 ? 17.474  2.346   -7.344  1.00 63.68 ? 115 ARG A C     1 
ATOM   544  O  O     . ARG C 3 15 ? 16.991  1.218   -7.204  1.00 62.15 ? 115 ARG A O     1 
ATOM   545  C  CB    . ARG C 3 15 ? 19.974  2.138   -7.281  1.00 67.11 ? 115 ARG A CB    1 
ATOM   546  C  CG    . ARG C 3 15 ? 21.278  2.845   -6.978  1.00 69.77 ? 115 ARG A CG    1 
ATOM   547  C  CD    . ARG C 3 15 ? 22.390  2.344   -7.884  1.00 71.83 ? 115 ARG A CD    1 
ATOM   548  N  NE    . ARG C 3 15 ? 23.527  3.260   -7.908  1.00 73.71 ? 115 ARG A NE    1 
ATOM   549  C  CZ    . ARG C 3 15 ? 23.578  4.380   -8.629  1.00 74.83 ? 115 ARG A CZ    1 
ATOM   550  N  NH1   . ARG C 3 15 ? 22.556  4.740   -9.401  1.00 74.40 ? 115 ARG A NH1   1 
ATOM   551  N  NH2   . ARG C 3 15 ? 24.654  5.153   -8.573  1.00 76.10 ? 115 ARG A NH2   1 
ATOM   552  N  N     . PHE C 3 16 ? 16.951  3.266   -8.151  1.00 61.64 ? 116 PHE A N     1 
ATOM   553  C  CA    . PHE C 3 16 ? 15.710  3.037   -8.892  1.00 60.10 ? 116 PHE A CA    1 
ATOM   554  C  C     . PHE C 3 16 ? 15.830  3.124   -10.417 1.00 61.18 ? 116 PHE A C     1 
ATOM   555  O  O     . PHE C 3 16 ? 16.694  3.820   -10.952 1.00 62.16 ? 116 PHE A O     1 
ATOM   556  C  CB    . PHE C 3 16 ? 14.622  3.996   -8.378  1.00 56.08 ? 116 PHE A CB    1 
ATOM   557  C  CG    . PHE C 3 16 ? 14.284  3.792   -6.930  1.00 53.41 ? 116 PHE A CG    1 
ATOM   558  C  CD1   . PHE C 3 16 ? 15.102  4.304   -5.933  1.00 52.20 ? 116 PHE A CD1   1 
ATOM   559  C  CD2   . PHE C 3 16 ? 13.189  3.022   -6.559  1.00 53.68 ? 116 PHE A CD2   1 
ATOM   560  C  CE1   . PHE C 3 16 ? 14.843  4.044   -4.590  1.00 50.95 ? 116 PHE A CE1   1 
ATOM   561  C  CE2   . PHE C 3 16 ? 12.923  2.758   -5.214  1.00 52.50 ? 116 PHE A CE2   1 
ATOM   562  C  CZ    . PHE C 3 16 ? 13.754  3.271   -4.232  1.00 50.78 ? 116 PHE A CZ    1 
ATOM   563  N  N     . SER C 3 17 ? 14.952  2.404   -11.111 1.00 60.69 ? 117 SER A N     1 
ATOM   564  C  CA    . SER C 3 17 ? 14.946  2.388   -12.569 1.00 61.49 ? 117 SER A CA    1 
ATOM   565  C  C     . SER C 3 17 ? 14.268  3.611   -13.159 1.00 59.92 ? 117 SER A C     1 
ATOM   566  O  O     . SER C 3 17 ? 14.521  3.978   -14.307 1.00 61.09 ? 117 SER A O     1 
ATOM   567  C  CB    . SER C 3 17 ? 14.239  1.136   -13.087 1.00 63.12 ? 117 SER A CB    1 
ATOM   568  O  OG    . SER C 3 17 ? 14.979  -0.030  -12.780 1.00 66.21 ? 117 SER A OG    1 
ATOM   569  N  N     . ARG C 3 18 ? 13.418  4.247   -12.366 1.00 57.15 ? 118 ARG A N     1 
ATOM   570  C  CA    . ARG C 3 18 ? 12.687  5.415   -12.825 1.00 55.51 ? 118 ARG A CA    1 
ATOM   571  C  C     . ARG C 3 18 ? 12.722  6.489   -11.740 1.00 53.89 ? 118 ARG A C     1 
ATOM   572  O  O     . ARG C 3 18 ? 12.801  6.182   -10.544 1.00 51.86 ? 118 ARG A O     1 
ATOM   573  C  CB    . ARG C 3 18 ? 11.249  5.004   -13.161 1.00 55.48 ? 118 ARG A CB    1 
ATOM   574  C  CG    . ARG C 3 18 ? 10.561  5.815   -14.249 1.00 53.08 ? 118 ARG A CG    1 
ATOM   575  C  CD    . ARG C 3 18 ? 9.279   5.109   -14.708 1.00 51.63 ? 118 ARG A CD    1 
ATOM   576  N  NE    . ARG C 3 18 ? 8.337   4.927   -13.603 1.00 48.53 ? 118 ARG A NE    1 
ATOM   577  C  CZ    . ARG C 3 18 ? 7.017   4.935   -13.720 1.00 47.30 ? 118 ARG A CZ    1 
ATOM   578  N  NH1   . ARG C 3 18 ? 6.440   5.100   -14.904 1.00 46.81 ? 118 ARG A NH1   1 
ATOM   579  N  NH2   . ARG C 3 18 ? 6.267   4.877   -12.627 1.00 44.01 ? 118 ARG A NH2   1 
ATOM   580  N  N     . SER C 3 19 ? 12.707  7.746   -12.178 1.00 53.21 ? 119 SER A N     1 
ATOM   581  C  CA    . SER C 3 19 ? 12.749  8.898   -11.277 1.00 51.99 ? 119 SER A CA    1 
ATOM   582  C  C     . SER C 3 19 ? 11.527  8.995   -10.375 1.00 48.92 ? 119 SER A C     1 
ATOM   583  O  O     . SER C 3 19 ? 11.643  9.369   -9.204  1.00 48.14 ? 119 SER A O     1 
ATOM   584  C  CB    . SER C 3 19 ? 12.881  10.195  -12.079 1.00 54.62 ? 119 SER A CB    1 
ATOM   585  O  OG    . SER C 3 19 ? 14.029  10.163  -12.906 1.00 56.28 ? 119 SER A OG    1 
ATOM   586  N  N     . ALA C 3 20 ? 10.358  8.675   -10.935 1.00 45.64 ? 120 ALA A N     1 
ATOM   587  C  CA    . ALA C 3 20 ? 9.101   8.723   -10.194 1.00 41.62 ? 120 ALA A CA    1 
ATOM   588  C  C     . ALA C 3 20 ? 9.231   7.937   -8.893  1.00 38.54 ? 120 ALA A C     1 
ATOM   589  O  O     . ALA C 3 20 ? 8.686   8.316   -7.855  1.00 35.14 ? 120 ALA A O     1 
ATOM   590  C  CB    . ALA C 3 20 ? 7.953   8.160   -11.053 1.00 41.84 ? 120 ALA A CB    1 
ATOM   591  N  N     . GLU C 3 21 ? 10.014  6.868   -8.953  1.00 38.18 ? 121 GLU A N     1 
ATOM   592  C  CA    . GLU C 3 21 ? 10.228  6.010   -7.796  1.00 39.26 ? 121 GLU A CA    1 
ATOM   593  C  C     . GLU C 3 21 ? 11.214  6.580   -6.770  1.00 37.67 ? 121 GLU A C     1 
ATOM   594  O  O     . GLU C 3 21 ? 11.071  6.329   -5.568  1.00 37.31 ? 121 GLU A O     1 
ATOM   595  C  CB    . GLU C 3 21 ? 10.624  4.594   -8.249  1.00 39.94 ? 121 GLU A CB    1 
ATOM   596  C  CG    . GLU C 3 21 ? 9.432   3.679   -8.625  1.00 39.57 ? 121 GLU A CG    1 
ATOM   597  C  CD    . GLU C 3 21 ? 8.631   4.156   -9.834  1.00 40.53 ? 121 GLU A CD    1 
ATOM   598  O  OE1   . GLU C 3 21 ? 9.097   3.983   -10.983 1.00 38.78 ? 121 GLU A OE1   1 
ATOM   599  O  OE2   . GLU C 3 21 ? 7.523   4.699   -9.637  1.00 41.85 ? 121 GLU A OE2   1 
ATOM   600  N  N     . LEU C 3 22 ? 12.195  7.359   -7.229  1.00 35.25 ? 122 LEU A N     1 
ATOM   601  C  CA    . LEU C 3 22 ? 13.153  7.961   -6.304  1.00 32.24 ? 122 LEU A CA    1 
ATOM   602  C  C     . LEU C 3 22 ? 12.429  9.048   -5.528  1.00 30.17 ? 122 LEU A C     1 
ATOM   603  O  O     . LEU C 3 22 ? 12.638  9.188   -4.330  1.00 30.26 ? 122 LEU A O     1 
ATOM   604  C  CB    . LEU C 3 22 ? 14.354  8.568   -7.038  1.00 34.21 ? 122 LEU A CB    1 
ATOM   605  C  CG    . LEU C 3 22 ? 15.706  8.472   -6.307  1.00 34.25 ? 122 LEU A CG    1 
ATOM   606  C  CD1   . LEU C 3 22 ? 16.669  9.468   -6.919  1.00 34.34 ? 122 LEU A CD1   1 
ATOM   607  C  CD2   . LEU C 3 22 ? 15.573  8.722   -4.800  1.00 32.41 ? 122 LEU A CD2   1 
ATOM   608  N  N     . THR C 3 23 ? 11.571  9.801   -6.222  1.00 28.40 ? 123 THR A N     1 
ATOM   609  C  CA    . THR C 3 23 ? 10.781  10.880  -5.612  1.00 28.16 ? 123 THR A CA    1 
ATOM   610  C  C     . THR C 3 23 ? 9.847   10.324  -4.529  1.00 27.90 ? 123 THR A C     1 
ATOM   611  O  O     . THR C 3 23 ? 9.696   10.923  -3.451  1.00 26.40 ? 123 THR A O     1 
ATOM   612  C  CB    . THR C 3 23 ? 9.932   11.629  -6.687  1.00 29.60 ? 123 THR A CB    1 
ATOM   613  O  OG1   . THR C 3 23 ? 10.786  12.136  -7.724  1.00 30.59 ? 123 THR A OG1   1 
ATOM   614  C  CG2   . THR C 3 23 ? 9.164   12.780  -6.067  1.00 28.24 ? 123 THR A CG2   1 
ATOM   615  N  N     . ARG C 3 24 ? 9.212   9.184   -4.837  1.00 29.80 ? 124 ARG A N     1 
ATOM   616  C  CA    . ARG C 3 24 ? 8.295   8.503   -3.910  1.00 27.76 ? 124 ARG A CA    1 
ATOM   617  C  C     . ARG C 3 24 ? 9.078   7.928   -2.727  1.00 27.04 ? 124 ARG A C     1 
ATOM   618  O  O     . ARG C 3 24 ? 8.662   8.040   -1.578  1.00 24.14 ? 124 ARG A O     1 
ATOM   619  C  CB    . ARG C 3 24 ? 7.542   7.368   -4.618  1.00 27.37 ? 124 ARG A CB    1 
ATOM   620  C  CG    . ARG C 3 24 ? 6.622   6.557   -3.674  1.00 27.36 ? 124 ARG A CG    1 
ATOM   621  C  CD    . ARG C 3 24 ? 5.919   5.364   -4.352  1.00 24.32 ? 124 ARG A CD    1 
ATOM   622  N  NE    . ARG C 3 24 ? 6.813   4.264   -4.710  1.00 19.93 ? 124 ARG A NE    1 
ATOM   623  C  CZ    . ARG C 3 24 ? 6.449   3.206   -5.431  1.00 21.77 ? 124 ARG A CZ    1 
ATOM   624  N  NH1   . ARG C 3 24 ? 5.202   3.095   -5.874  1.00 19.15 ? 124 ARG A NH1   1 
ATOM   625  N  NH2   . ARG C 3 24 ? 7.335   2.271   -5.733  1.00 19.59 ? 124 ARG A NH2   1 
ATOM   626  N  N     . HIS C 3 25 ? 10.203  7.295   -3.037  1.00 29.10 ? 125 HIS A N     1 
ATOM   627  C  CA    . HIS C 3 25 ? 11.074  6.698   -2.032  1.00 33.46 ? 125 HIS A CA    1 
ATOM   628  C  C     . HIS C 3 25 ? 11.673  7.738   -1.086  1.00 35.05 ? 125 HIS A C     1 
ATOM   629  O  O     . HIS C 3 25 ? 11.857  7.457   0.100   1.00 36.59 ? 125 HIS A O     1 
ATOM   630  C  CB    . HIS C 3 25 ? 12.203  5.926   -2.713  1.00 35.31 ? 125 HIS A CB    1 
ATOM   631  C  CG    . HIS C 3 25 ? 13.350  5.613   -1.808  1.00 36.57 ? 125 HIS A CG    1 
ATOM   632  N  ND1   . HIS C 3 25 ? 13.213  4.850   -0.670  1.00 37.17 ? 125 HIS A ND1   1 
ATOM   633  C  CD2   . HIS C 3 25 ? 14.655  5.969   -1.868  1.00 37.00 ? 125 HIS A CD2   1 
ATOM   634  C  CE1   . HIS C 3 25 ? 14.382  4.744   -0.068  1.00 37.51 ? 125 HIS A CE1   1 
ATOM   635  N  NE2   . HIS C 3 25 ? 15.273  5.414   -0.775  1.00 38.86 ? 125 HIS A NE2   1 
ATOM   636  N  N     . ILE C 3 26 ? 11.992  8.921   -1.615  1.00 34.31 ? 126 ILE A N     1 
ATOM   637  C  CA    . ILE C 3 26 ? 12.573  9.995   -0.810  1.00 35.60 ? 126 ILE A CA    1 
ATOM   638  C  C     . ILE C 3 26 ? 11.670  10.385  0.360   1.00 34.89 ? 126 ILE A C     1 
ATOM   639  O  O     . ILE C 3 26 ? 12.161  10.750  1.432   1.00 33.00 ? 126 ILE A O     1 
ATOM   640  C  CB    . ILE C 3 26 ? 12.925  11.239  -1.692  1.00 37.95 ? 126 ILE A CB    1 
ATOM   641  C  CG1   . ILE C 3 26 ? 14.371  11.134  -2.187  1.00 38.94 ? 126 ILE A CG1   1 
ATOM   642  C  CG2   . ILE C 3 26 ? 12.718  12.558  -0.930  1.00 39.34 ? 126 ILE A CG2   1 
ATOM   643  C  CD1   . ILE C 3 26 ? 15.427  11.223  -1.079  1.00 38.62 ? 126 ILE A CD1   1 
ATOM   644  N  N     . ARG C 3 27 ? 10.355  10.249  0.168   1.00 35.13 ? 127 ARG A N     1 
ATOM   645  C  CA    . ARG C 3 27 ? 9.373   10.585  1.206   1.00 34.07 ? 127 ARG A CA    1 
ATOM   646  C  C     . ARG C 3 27 ? 9.573   9.793   2.506   1.00 30.08 ? 127 ARG A C     1 
ATOM   647  O  O     . ARG C 3 27 ? 9.121   10.211  3.571   1.00 26.97 ? 127 ARG A O     1 
ATOM   648  C  CB    . ARG C 3 27 ? 7.937   10.430  0.671   1.00 37.05 ? 127 ARG A CB    1 
ATOM   649  C  CG    . ARG C 3 27 ? 7.666   11.256  -0.593  1.00 42.48 ? 127 ARG A CG    1 
ATOM   650  C  CD    . ARG C 3 27 ? 6.204   11.728  -0.704  1.00 47.98 ? 127 ARG A CD    1 
ATOM   651  N  NE    . ARG C 3 27 ? 5.383   10.886  -1.576  1.00 51.89 ? 127 ARG A NE    1 
ATOM   652  C  CZ    . ARG C 3 27 ? 5.167   11.122  -2.873  1.00 53.46 ? 127 ARG A CZ    1 
ATOM   653  N  NH1   . ARG C 3 27 ? 4.410   10.288  -3.592  1.00 53.45 ? 127 ARG A NH1   1 
ATOM   654  N  NH2   . ARG C 3 27 ? 5.686   12.200  -3.451  1.00 53.28 ? 127 ARG A NH2   1 
ATOM   655  N  N     . ILE C 3 28 ? 10.275  8.664   2.410   1.00 29.69 ? 128 ILE A N     1 
ATOM   656  C  CA    . ILE C 3 28 ? 10.577  7.814   3.562   1.00 29.83 ? 128 ILE A CA    1 
ATOM   657  C  C     . ILE C 3 28 ? 11.494  8.588   4.513   1.00 31.83 ? 128 ILE A C     1 
ATOM   658  O  O     . ILE C 3 28 ? 11.299  8.577   5.735   1.00 31.28 ? 128 ILE A O     1 
ATOM   659  C  CB    . ILE C 3 28 ? 11.295  6.521   3.104   1.00 30.30 ? 128 ILE A CB    1 
ATOM   660  C  CG1   . ILE C 3 28 ? 10.290  5.572   2.454   1.00 29.76 ? 128 ILE A CG1   1 
ATOM   661  C  CG2   . ILE C 3 28 ? 11.995  5.841   4.264   1.00 31.13 ? 128 ILE A CG2   1 
ATOM   662  C  CD1   . ILE C 3 28 ? 10.923  4.520   1.599   1.00 29.02 ? 128 ILE A CD1   1 
ATOM   663  N  N     . HIS C 3 29 ? 12.457  9.295   3.924   1.00 30.04 ? 129 HIS A N     1 
ATOM   664  C  CA    . HIS C 3 29 ? 13.436  10.082  4.668   1.00 29.22 ? 129 HIS A CA    1 
ATOM   665  C  C     . HIS C 3 29 ? 12.882  11.432  5.132   1.00 32.92 ? 129 HIS A C     1 
ATOM   666  O  O     . HIS C 3 29 ? 13.229  11.907  6.216   1.00 34.90 ? 129 HIS A O     1 
ATOM   667  C  CB    . HIS C 3 29 ? 14.684  10.290  3.804   1.00 25.22 ? 129 HIS A CB    1 
ATOM   668  C  CG    . HIS C 3 29 ? 15.327  9.014   3.349   1.00 22.73 ? 129 HIS A CG    1 
ATOM   669  N  ND1   . HIS C 3 29 ? 15.582  7.963   4.204   1.00 21.35 ? 129 HIS A ND1   1 
ATOM   670  C  CD2   . HIS C 3 29 ? 15.768  8.620   2.130   1.00 20.16 ? 129 HIS A CD2   1 
ATOM   671  C  CE1   . HIS C 3 29 ? 16.152  6.976   3.533   1.00 21.00 ? 129 HIS A CE1   1 
ATOM   672  N  NE2   . HIS C 3 29 ? 16.276  7.349   2.272   1.00 17.39 ? 129 HIS A NE2   1 
ATOM   673  N  N     . THR C 3 30 ? 12.017  12.043  4.315   1.00 35.07 ? 130 THR A N     1 
ATOM   674  C  CA    . THR C 3 30 ? 11.417  13.342  4.648   1.00 35.46 ? 130 THR A CA    1 
ATOM   675  C  C     . THR C 3 30 ? 10.249  13.247  5.640   1.00 36.15 ? 130 THR A C     1 
ATOM   676  O  O     . THR C 3 30 ? 9.935   14.229  6.314   1.00 36.97 ? 130 THR A O     1 
ATOM   677  C  CB    . THR C 3 30 ? 10.922  14.108  3.380   1.00 36.00 ? 130 THR A CB    1 
ATOM   678  O  OG1   . THR C 3 30 ? 9.877   13.365  2.741   1.00 37.00 ? 130 THR A OG1   1 
ATOM   679  C  CG2   . THR C 3 30 ? 12.059  14.325  2.384   1.00 34.71 ? 130 THR A CG2   1 
ATOM   680  N  N     . GLY C 3 31 ? 9.618   12.070  5.720   1.00 37.91 ? 131 GLY A N     1 
ATOM   681  C  CA    . GLY C 3 31 ? 8.483   11.852  6.616   1.00 36.17 ? 131 GLY A CA    1 
ATOM   682  C  C     . GLY C 3 31 ? 7.200   12.434  6.039   1.00 37.41 ? 131 GLY A C     1 
ATOM   683  O  O     . GLY C 3 31 ? 6.191   12.610  6.732   1.00 38.00 ? 131 GLY A O     1 
ATOM   684  N  N     . GLN C 3 32 ? 7.262   12.727  4.747   1.00 36.58 ? 132 GLN A N     1 
ATOM   685  C  CA    . GLN C 3 32 ? 6.170   13.311  3.993   1.00 36.64 ? 132 GLN A CA    1 
ATOM   686  C  C     . GLN C 3 32 ? 4.972   12.365  3.839   1.00 33.75 ? 132 GLN A C     1 
ATOM   687  O  O     . GLN C 3 32 ? 5.065   11.361  3.134   1.00 32.48 ? 132 GLN A O     1 
ATOM   688  C  CB    . GLN C 3 32 ? 6.725   13.731  2.622   1.00 41.48 ? 132 GLN A CB    1 
ATOM   689  C  CG    . GLN C 3 32 ? 5.738   14.317  1.625   1.00 47.79 ? 132 GLN A CG    1 
ATOM   690  C  CD    . GLN C 3 32 ? 5.092   15.604  2.100   1.00 52.47 ? 132 GLN A CD    1 
ATOM   691  O  OE1   . GLN C 3 32 ? 4.121   16.073  1.497   1.00 54.59 ? 132 GLN A OE1   1 
ATOM   692  N  NE2   . GLN C 3 32 ? 5.623   16.188  3.181   1.00 54.15 ? 132 GLN A NE2   1 
ATOM   693  N  N     . LYS C 3 33 ? 3.857   12.702  4.498   1.00 30.66 ? 133 LYS A N     1 
ATOM   694  C  CA    . LYS C 3 33 ? 2.610   11.914  4.434   1.00 27.71 ? 133 LYS A CA    1 
ATOM   695  C  C     . LYS C 3 33 ? 1.456   12.781  3.923   1.00 24.59 ? 133 LYS A C     1 
ATOM   696  O  O     . LYS C 3 33 ? 0.618   13.241  4.699   1.00 23.32 ? 133 LYS A O     1 
ATOM   697  C  CB    . LYS C 3 33 ? 2.265   11.344  5.808   1.00 25.73 ? 133 LYS A CB    1 
ATOM   698  C  CG    . LYS C 3 33 ? 3.180   10.221  6.252   1.00 26.06 ? 133 LYS A CG    1 
ATOM   699  C  CD    . LYS C 3 33 ? 2.740   9.732   7.600   1.00 29.30 ? 133 LYS A CD    1 
ATOM   700  C  CE    . LYS C 3 33 ? 3.395   8.441   7.964   1.00 30.70 ? 133 LYS A CE    1 
ATOM   701  N  NZ    . LYS C 3 33 ? 2.891   8.009   9.292   1.00 34.91 ? 133 LYS A NZ    1 
ATOM   702  N  N     . PRO C 3 34 ? 1.372   12.952  2.591   1.00 25.42 ? 134 PRO A N     1 
ATOM   703  C  CA    . PRO C 3 34 ? 0.418   13.722  1.774   1.00 27.24 ? 134 PRO A CA    1 
ATOM   704  C  C     . PRO C 3 34 ? -1.068  13.337  1.732   1.00 28.83 ? 134 PRO A C     1 
ATOM   705  O  O     . PRO C 3 34 ? -1.904  14.151  1.317   1.00 28.98 ? 134 PRO A O     1 
ATOM   706  C  CB    . PRO C 3 34 ? 0.995   13.597  0.354   1.00 25.82 ? 134 PRO A CB    1 
ATOM   707  C  CG    . PRO C 3 34 ? 2.418   13.165  0.552   1.00 28.11 ? 134 PRO A CG    1 
ATOM   708  C  CD    . PRO C 3 34 ? 2.305   12.227  1.711   1.00 26.63 ? 134 PRO A CD    1 
ATOM   709  N  N     . PHE C 3 35 ? -1.404  12.115  2.133   1.00 26.14 ? 135 PHE A N     1 
ATOM   710  C  CA    . PHE C 3 35 ? -2.789  11.676  2.036   1.00 23.31 ? 135 PHE A CA    1 
ATOM   711  C  C     . PHE C 3 35 ? -3.447  11.368  3.368   1.00 22.73 ? 135 PHE A C     1 
ATOM   712  O  O     . PHE C 3 35 ? -3.110  10.397  4.031   1.00 26.46 ? 135 PHE A O     1 
ATOM   713  C  CB    . PHE C 3 35 ? -2.845  10.490  1.076   1.00 21.83 ? 135 PHE A CB    1 
ATOM   714  C  CG    . PHE C 3 35 ? -1.985  10.671  -0.152  1.00 20.91 ? 135 PHE A CG    1 
ATOM   715  C  CD1   . PHE C 3 35 ? -0.645  10.297  -0.143  1.00 20.90 ? 135 PHE A CD1   1 
ATOM   716  C  CD2   . PHE C 3 35 ? -2.504  11.238  -1.309  1.00 24.53 ? 135 PHE A CD2   1 
ATOM   717  C  CE1   . PHE C 3 35 ? 0.168   10.478  -1.262  1.00 21.45 ? 135 PHE A CE1   1 
ATOM   718  C  CE2   . PHE C 3 35 ? -1.692  11.427  -2.442  1.00 25.76 ? 135 PHE A CE2   1 
ATOM   719  C  CZ    . PHE C 3 35 ? -0.353  11.043  -2.414  1.00 22.61 ? 135 PHE A CZ    1 
ATOM   720  N  N     . GLN C 3 36 ? -4.398  12.210  3.751   1.00 23.43 ? 136 GLN A N     1 
ATOM   721  C  CA    . GLN C 3 36 ? -5.101  12.059  5.017   1.00 23.72 ? 136 GLN A CA    1 
ATOM   722  C  C     . GLN C 3 36 ? -6.508  11.437  4.919   1.00 24.31 ? 136 GLN A C     1 
ATOM   723  O  O     . GLN C 3 36 ? -7.245  11.662  3.948   1.00 23.25 ? 136 GLN A O     1 
ATOM   724  C  CB    . GLN C 3 36 ? -5.182  13.415  5.706   1.00 25.67 ? 136 GLN A CB    1 
ATOM   725  C  CG    . GLN C 3 36 ? -5.581  13.349  7.161   1.00 28.32 ? 136 GLN A CG    1 
ATOM   726  C  CD    . GLN C 3 36 ? -5.652  14.724  7.789   1.00 31.07 ? 136 GLN A CD    1 
ATOM   727  O  OE1   . GLN C 3 36 ? -6.157  15.670  7.181   1.00 32.63 ? 136 GLN A OE1   1 
ATOM   728  N  NE2   . GLN C 3 36 ? -5.157  14.841  9.015   1.00 32.71 ? 136 GLN A NE2   1 
ATOM   729  N  N     . CYS C 3 37 ? -6.868  10.668  5.943   1.00 23.09 ? 137 CYS A N     1 
ATOM   730  C  CA    . CYS C 3 37 ? -8.164  10.001  6.007   1.00 21.58 ? 137 CYS A CA    1 
ATOM   731  C  C     . CYS C 3 37 ? -9.161  10.939  6.648   1.00 23.28 ? 137 CYS A C     1 
ATOM   732  O  O     . CYS C 3 37 ? -8.957  11.381  7.771   1.00 24.80 ? 137 CYS A O     1 
ATOM   733  C  CB    . CYS C 3 37 ? -8.063  8.717   6.837   1.00 20.48 ? 137 CYS A CB    1 
ATOM   734  S  SG    . CYS C 3 37 ? -9.652  7.914   7.183   1.00 18.57 ? 137 CYS A SG    1 
ATOM   735  N  N     . ARG C 3 38 ? -10.248 11.219  5.937   1.00 24.30 ? 138 ARG A N     1 
ATOM   736  C  CA    . ARG C 3 38 ? -11.292 12.120  6.419   1.00 27.04 ? 138 ARG A CA    1 
ATOM   737  C  C     . ARG C 3 38 ? -11.911 11.652  7.719   1.00 25.53 ? 138 ARG A C     1 
ATOM   738  O  O     . ARG C 3 38 ? -12.279 12.452  8.574   1.00 24.43 ? 138 ARG A O     1 
ATOM   739  C  CB    . ARG C 3 38 ? -12.420 12.219  5.387   1.00 29.77 ? 138 ARG A CB    1 
ATOM   740  C  CG    . ARG C 3 38 ? -11.964 12.596  3.998   1.00 31.32 ? 138 ARG A CG    1 
ATOM   741  C  CD    . ARG C 3 38 ? -13.100 12.434  3.033   1.00 34.76 ? 138 ARG A CD    1 
ATOM   742  N  NE    . ARG C 3 38 ? -14.166 13.400  3.287   1.00 35.58 ? 138 ARG A NE    1 
ATOM   743  C  CZ    . ARG C 3 38 ? -14.356 14.489  2.550   1.00 34.91 ? 138 ARG A CZ    1 
ATOM   744  N  NH1   . ARG C 3 38 ? -13.547 14.746  1.517   1.00 31.14 ? 138 ARG A NH1   1 
ATOM   745  N  NH2   . ARG C 3 38 ? -15.360 15.306  2.833   1.00 33.29 ? 138 ARG A NH2   1 
ATOM   746  N  N     . ILE C 3 39 ? -12.045 10.341  7.845   1.00 23.27 ? 139 ILE A N     1 
ATOM   747  C  CA    . ILE C 3 39 ? -12.674 9.748   9.006   1.00 21.61 ? 139 ILE A CA    1 
ATOM   748  C  C     . ILE C 3 39 ? -11.872 9.752   10.313  1.00 22.94 ? 139 ILE A C     1 
ATOM   749  O  O     . ILE C 3 39 ? -12.366 10.233  11.339  1.00 22.88 ? 139 ILE A O     1 
ATOM   750  C  CB    . ILE C 3 39 ? -13.197 8.330   8.642   1.00 20.41 ? 139 ILE A CB    1 
ATOM   751  C  CG1   . ILE C 3 39 ? -14.221 8.461   7.502   1.00 19.46 ? 139 ILE A CG1   1 
ATOM   752  C  CG2   . ILE C 3 39 ? -13.806 7.649   9.874   1.00 14.68 ? 139 ILE A CG2   1 
ATOM   753  C  CD1   . ILE C 3 39 ? -14.068 7.452   6.383   1.00 21.18 ? 139 ILE A CD1   1 
ATOM   754  N  N     . CYS C 3 40 ? -10.636 9.262   10.283  1.00 23.47 ? 140 CYS A N     1 
ATOM   755  C  CA    . CYS C 3 40 ? -9.844  9.222   11.507  1.00 24.91 ? 140 CYS A CA    1 
ATOM   756  C  C     . CYS C 3 40 ? -8.693  10.217  11.545  1.00 27.54 ? 140 CYS A C     1 
ATOM   757  O  O     . CYS C 3 40 ? -7.967  10.277  12.540  1.00 28.72 ? 140 CYS A O     1 
ATOM   758  C  CB    . CYS C 3 40 ? -9.327  7.811   11.756  1.00 25.23 ? 140 CYS A CB    1 
ATOM   759  S  SG    . CYS C 3 40 ? -8.047  7.329   10.611  1.00 27.15 ? 140 CYS A SG    1 
ATOM   760  N  N     . MET C 3 41 ? -8.530  10.984  10.464  1.00 28.09 ? 141 MET A N     1 
ATOM   761  C  CA    . MET C 3 41 ? -7.492  12.019  10.339  1.00 31.40 ? 141 MET A CA    1 
ATOM   762  C  C     . MET C 3 41 ? -6.045  11.539  10.356  1.00 30.85 ? 141 MET A C     1 
ATOM   763  O  O     . MET C 3 41 ? -5.130  12.321  10.614  1.00 30.51 ? 141 MET A O     1 
ATOM   764  C  CB    . MET C 3 41 ? -7.681  13.131  11.385  1.00 34.41 ? 141 MET A CB    1 
ATOM   765  C  CG    . MET C 3 41 ? -9.003  13.864  11.287  1.00 39.46 ? 141 MET A CG    1 
ATOM   766  S  SD    . MET C 3 41 ? -9.405  14.298  9.569   1.00 49.80 ? 141 MET A SD    1 
ATOM   767  C  CE    . MET C 3 41 ? -8.532  15.890  9.348   1.00 47.17 ? 141 MET A CE    1 
ATOM   768  N  N     . ARG C 3 42 ? -5.841  10.255  10.083  1.00 28.77 ? 142 ARG A N     1 
ATOM   769  C  CA    . ARG C 3 42 ? -4.502  9.685   10.042  1.00 24.70 ? 142 ARG A CA    1 
ATOM   770  C  C     . ARG C 3 42 ? -3.861  9.952   8.678   1.00 24.84 ? 142 ARG A C     1 
ATOM   771  O  O     . ARG C 3 42 ? -4.498  9.805   7.637   1.00 27.12 ? 142 ARG A O     1 
ATOM   772  C  CB    . ARG C 3 42 ? -4.551  8.176   10.323  1.00 22.77 ? 142 ARG A CB    1 
ATOM   773  C  CG    . ARG C 3 42 ? -3.213  7.468   10.163  1.00 19.56 ? 142 ARG A CG    1 
ATOM   774  C  CD    . ARG C 3 42 ? -3.267  6.057   10.692  1.00 20.35 ? 142 ARG A CD    1 
ATOM   775  N  NE    . ARG C 3 42 ? -2.013  5.355   10.445  1.00 20.41 ? 142 ARG A NE    1 
ATOM   776  C  CZ    . ARG C 3 42 ? -1.678  4.213   11.034  1.00 24.12 ? 142 ARG A CZ    1 
ATOM   777  N  NH1   . ARG C 3 42 ? -2.510  3.643   11.889  1.00 22.56 ? 142 ARG A NH1   1 
ATOM   778  N  NH2   . ARG C 3 42 ? -0.481  3.678   10.828  1.00 26.19 ? 142 ARG A NH2   1 
ATOM   779  N  N     . ASN C 3 43 ? -2.585  10.316  8.691   1.00 23.63 ? 143 ASN A N     1 
ATOM   780  C  CA    . ASN C 3 43 ? -1.867  10.603  7.464   1.00 21.77 ? 143 ASN A CA    1 
ATOM   781  C  C     . ASN C 3 43 ? -1.167  9.388   6.896   1.00 19.74 ? 143 ASN A C     1 
ATOM   782  O  O     . ASN C 3 43 ? -0.745  8.499   7.624   1.00 19.79 ? 143 ASN A O     1 
ATOM   783  C  CB    . ASN C 3 43 ? -0.888  11.743  7.702   1.00 24.13 ? 143 ASN A CB    1 
ATOM   784  C  CG    . ASN C 3 43 ? -1.588  12.995  8.199   1.00 28.00 ? 143 ASN A CG    1 
ATOM   785  O  OD1   . ASN C 3 43 ? -1.461  13.368  9.367   1.00 30.87 ? 143 ASN A OD1   1 
ATOM   786  N  ND2   . ASN C 3 43 ? -2.369  13.624  7.329   1.00 25.74 ? 143 ASN A ND2   1 
ATOM   787  N  N     . PHE C 3 44 ? -1.058  9.358   5.576   1.00 20.84 ? 144 PHE A N     1 
ATOM   788  C  CA    . PHE C 3 44 ? -0.429  8.251   4.882   1.00 19.96 ? 144 PHE A CA    1 
ATOM   789  C  C     . PHE C 3 44 ? 0.520   8.761   3.814   1.00 21.30 ? 144 PHE A C     1 
ATOM   790  O  O     . PHE C 3 44 ? 0.313   9.837   3.242   1.00 20.91 ? 144 PHE A O     1 
ATOM   791  C  CB    . PHE C 3 44 ? -1.501  7.357   4.251   1.00 20.10 ? 144 PHE A CB    1 
ATOM   792  C  CG    . PHE C 3 44 ? -2.416  6.726   5.253   1.00 19.52 ? 144 PHE A CG    1 
ATOM   793  C  CD1   . PHE C 3 44 ? -3.546  7.404   5.704   1.00 17.52 ? 144 PHE A CD1   1 
ATOM   794  C  CD2   . PHE C 3 44 ? -2.113  5.469   5.798   1.00 20.25 ? 144 PHE A CD2   1 
ATOM   795  C  CE1   . PHE C 3 44 ? -4.367  6.848   6.690   1.00 17.74 ? 144 PHE A CE1   1 
ATOM   796  C  CE2   . PHE C 3 44 ? -2.918  4.904   6.777   1.00 17.01 ? 144 PHE A CE2   1 
ATOM   797  C  CZ    . PHE C 3 44 ? -4.048  5.593   7.228   1.00 18.08 ? 144 PHE A CZ    1 
ATOM   798  N  N     . SER C 3 45 ? 1.552   7.967   3.541   1.00 18.31 ? 145 SER A N     1 
ATOM   799  C  CA    . SER C 3 45 ? 2.555   8.307   2.549   1.00 22.61 ? 145 SER A CA    1 
ATOM   800  C  C     . SER C 3 45 ? 2.057   8.110   1.119   1.00 23.95 ? 145 SER A C     1 
ATOM   801  O  O     . SER C 3 45 ? 2.518   8.772   0.183   1.00 23.29 ? 145 SER A O     1 
ATOM   802  C  CB    . SER C 3 45 ? 3.794   7.436   2.761   1.00 23.99 ? 145 SER A CB    1 
ATOM   803  O  OG    . SER C 3 45 ? 3.506   6.059   2.542   1.00 24.02 ? 145 SER A OG    1 
ATOM   804  N  N     . ARG C 3 46 ? 1.102   7.205   0.961   1.00 23.32 ? 146 ARG A N     1 
ATOM   805  C  CA    . ARG C 3 46 ? 0.582   6.881   -0.348  1.00 23.72 ? 146 ARG A CA    1 
ATOM   806  C  C     . ARG C 3 46 ? -0.927  6.907   -0.469  1.00 24.04 ? 146 ARG A C     1 
ATOM   807  O  O     . ARG C 3 46 ? -1.670  6.608   0.484   1.00 22.44 ? 146 ARG A O     1 
ATOM   808  C  CB    . ARG C 3 46 ? 1.162   5.546   -0.802  1.00 24.97 ? 146 ARG A CB    1 
ATOM   809  C  CG    . ARG C 3 46 ? 2.606   5.689   -1.263  1.00 25.90 ? 146 ARG A CG    1 
ATOM   810  C  CD    . ARG C 3 46 ? 3.327   4.395   -1.312  1.00 25.50 ? 146 ARG A CD    1 
ATOM   811  N  NE    . ARG C 3 46 ? 2.621   3.409   -2.109  1.00 24.74 ? 146 ARG A NE    1 
ATOM   812  C  CZ    . ARG C 3 46 ? 3.216   2.390   -2.702  1.00 23.78 ? 146 ARG A CZ    1 
ATOM   813  N  NH1   . ARG C 3 46 ? 4.530   2.241   -2.592  1.00 21.33 ? 146 ARG A NH1   1 
ATOM   814  N  NH2   . ARG C 3 46 ? 2.491   1.497   -3.359  1.00 22.11 ? 146 ARG A NH2   1 
ATOM   815  N  N     . SER C 3 47 ? -1.364  7.323   -1.655  1.00 23.44 ? 147 SER A N     1 
ATOM   816  C  CA    . SER C 3 47 ? -2.777  7.445   -1.968  1.00 23.64 ? 147 SER A CA    1 
ATOM   817  C  C     . SER C 3 47 ? -3.467  6.092   -2.016  1.00 20.45 ? 147 SER A C     1 
ATOM   818  O  O     . SER C 3 47 ? -4.579  5.949   -1.513  1.00 21.98 ? 147 SER A O     1 
ATOM   819  C  CB    . SER C 3 47 ? -2.964  8.177   -3.301  1.00 20.80 ? 147 SER A CB    1 
ATOM   820  O  OG    . SER C 3 47 ? -2.346  7.481   -4.366  1.00 20.06 ? 147 SER A OG    1 
ATOM   821  N  N     . ASP C 3 48 ? -2.794  5.108   -2.611  1.00 20.69 ? 148 ASP A N     1 
ATOM   822  C  CA    . ASP C 3 48 ? -3.341  3.766   -2.736  1.00 18.43 ? 148 ASP A CA    1 
ATOM   823  C  C     . ASP C 3 48 ? -3.520  3.075   -1.383  1.00 20.10 ? 148 ASP A C     1 
ATOM   824  O  O     . ASP C 3 48 ? -4.474  2.315   -1.190  1.00 19.92 ? 148 ASP A O     1 
ATOM   825  C  CB    . ASP C 3 48 ? -2.520  2.921   -3.728  1.00 20.90 ? 148 ASP A CB    1 
ATOM   826  C  CG    . ASP C 3 48 ? -1.035  2.858   -3.389  1.00 23.77 ? 148 ASP A CG    1 
ATOM   827  O  OD1   . ASP C 3 48 ? -0.459  1.758   -3.460  1.00 23.02 ? 148 ASP A OD1   1 
ATOM   828  O  OD2   . ASP C 3 48 ? -0.421  3.899   -3.087  1.00 28.14 ? 148 ASP A OD2   1 
ATOM   829  N  N     . HIS C 3 49 ? -2.642  3.391   -0.432  1.00 18.21 ? 149 HIS A N     1 
ATOM   830  C  CA    . HIS C 3 49 ? -2.726  2.822   0.907   1.00 15.55 ? 149 HIS A CA    1 
ATOM   831  C  C     . HIS C 3 49 ? -3.798  3.535   1.706   1.00 16.33 ? 149 HIS A C     1 
ATOM   832  O  O     . HIS C 3 49 ? -4.367  2.964   2.636   1.00 15.69 ? 149 HIS A O     1 
ATOM   833  C  CB    . HIS C 3 49 ? -1.385  2.898   1.629   1.00 14.54 ? 149 HIS A CB    1 
ATOM   834  C  CG    . HIS C 3 49 ? -0.340  1.999   1.049   1.00 13.85 ? 149 HIS A CG    1 
ATOM   835  N  ND1   . HIS C 3 49 ? -0.649  0.891   0.293   1.00 13.48 ? 149 HIS A ND1   1 
ATOM   836  C  CD2   . HIS C 3 49 ? 1.012   2.051   1.101   1.00 13.42 ? 149 HIS A CD2   1 
ATOM   837  C  CE1   . HIS C 3 49 ? 0.461   0.297   -0.100  1.00 13.00 ? 149 HIS A CE1   1 
ATOM   838  N  NE2   . HIS C 3 49 ? 1.485   0.985   0.377   1.00 13.85 ? 149 HIS A NE2   1 
ATOM   839  N  N     . LEU C 3 50 ? -4.056  4.801   1.375   1.00 16.42 ? 150 LEU A N     1 
ATOM   840  C  CA    . LEU C 3 50 ? -5.108  5.534   2.060   1.00 15.12 ? 150 LEU A CA    1 
ATOM   841  C  C     . LEU C 3 50 ? -6.446  4.902   1.681   1.00 13.52 ? 150 LEU A C     1 
ATOM   842  O  O     . LEU C 3 50 ? -7.299  4.700   2.532   1.00 16.82 ? 150 LEU A O     1 
ATOM   843  C  CB    . LEU C 3 50 ? -5.113  7.005   1.640   1.00 18.09 ? 150 LEU A CB    1 
ATOM   844  C  CG    . LEU C 3 50 ? -6.392  7.769   2.021   1.00 17.32 ? 150 LEU A CG    1 
ATOM   845  C  CD1   . LEU C 3 50 ? -6.589  7.762   3.522   1.00 13.37 ? 150 LEU A CD1   1 
ATOM   846  C  CD2   . LEU C 3 50 ? -6.373  9.191   1.449   1.00 18.87 ? 150 LEU A CD2   1 
ATOM   847  N  N     . THR C 3 51 ? -6.617  4.622   0.393   1.00 15.30 ? 151 THR A N     1 
ATOM   848  C  CA    . THR C 3 51 ? -7.840  4.018   -0.144  1.00 16.22 ? 151 THR A CA    1 
ATOM   849  C  C     . THR C 3 51 ? -8.200  2.732   0.597   1.00 17.13 ? 151 THR A C     1 
ATOM   850  O  O     . THR C 3 51 ? -9.308  2.590   1.122   1.00 15.41 ? 151 THR A O     1 
ATOM   851  C  CB    . THR C 3 51 ? -7.669  3.685   -1.633  1.00 15.97 ? 151 THR A CB    1 
ATOM   852  O  OG1   . THR C 3 51 ? -7.485  4.893   -2.370  1.00 18.81 ? 151 THR A OG1   1 
ATOM   853  C  CG2   . THR C 3 51 ? -8.881  2.954   -2.177  1.00 19.34 ? 151 THR A CG2   1 
ATOM   854  N  N     . THR C 3 52 ? -7.243  1.814   0.669   1.00 18.16 ? 152 THR A N     1 
ATOM   855  C  CA    . THR C 3 52 ? -7.479  0.551   1.341   1.00 16.50 ? 152 THR A CA    1 
ATOM   856  C  C     . THR C 3 52 ? -7.704  0.743   2.838   1.00 16.39 ? 152 THR A C     1 
ATOM   857  O  O     . THR C 3 52 ? -8.543  0.065   3.425   1.00 16.67 ? 152 THR A O     1 
ATOM   858  C  CB    . THR C 3 52 ? -6.380  -0.475  1.026   1.00 17.01 ? 152 THR A CB    1 
ATOM   859  O  OG1   . THR C 3 52 ? -5.111  -0.001  1.487   1.00 19.07 ? 152 THR A OG1   1 
ATOM   860  C  CG2   . THR C 3 52 ? -6.308  -0.706  -0.472  1.00 15.15 ? 152 THR A CG2   1 
ATOM   861  N  N     . HIS C 3 53 ? -7.020  1.715   3.440   1.00 15.64 ? 153 HIS A N     1 
ATOM   862  C  CA    . HIS C 3 53 ? -7.205  1.989   4.860   1.00 13.15 ? 153 HIS A CA    1 
ATOM   863  C  C     . HIS C 3 53 ? -8.633  2.439   5.115   1.00 13.39 ? 153 HIS A C     1 
ATOM   864  O  O     . HIS C 3 53 ? -9.223  2.109   6.135   1.00 14.09 ? 153 HIS A O     1 
ATOM   865  C  CB    . HIS C 3 53 ? -6.243  3.094   5.349   1.00 12.61 ? 153 HIS A CB    1 
ATOM   866  C  CG    . HIS C 3 53 ? -6.738  3.828   6.562   1.00 11.64 ? 153 HIS A CG    1 
ATOM   867  N  ND1   . HIS C 3 53 ? -6.626  3.327   7.838   1.00 10.83 ? 153 HIS A ND1   1 
ATOM   868  C  CD2   . HIS C 3 53 ? -7.427  4.988   6.678   1.00 13.66 ? 153 HIS A CD2   1 
ATOM   869  C  CE1   . HIS C 3 53 ? -7.236  4.135   8.685   1.00 10.24 ? 153 HIS A CE1   1 
ATOM   870  N  NE2   . HIS C 3 53 ? -7.730  5.153   8.007   1.00 9.91  ? 153 HIS A NE2   1 
ATOM   871  N  N     . ILE C 3 54 ? -9.172  3.236   4.201   1.00 15.61 ? 154 ILE A N     1 
ATOM   872  C  CA    . ILE C 3 54 ? -10.518 3.757   4.359   1.00 15.91 ? 154 ILE A CA    1 
ATOM   873  C  C     . ILE C 3 54 ? -11.549 2.646   4.462   1.00 14.12 ? 154 ILE A C     1 
ATOM   874  O  O     . ILE C 3 54 ? -12.561 2.794   5.146   1.00 14.35 ? 154 ILE A O     1 
ATOM   875  C  CB    . ILE C 3 54 ? -10.864 4.739   3.217   1.00 19.39 ? 154 ILE A CB    1 
ATOM   876  C  CG1   . ILE C 3 54 ? -10.049 6.027   3.388   1.00 17.89 ? 154 ILE A CG1   1 
ATOM   877  C  CG2   . ILE C 3 54 ? -12.375 5.054   3.203   1.00 18.47 ? 154 ILE A CG2   1 
ATOM   878  C  CD1   . ILE C 3 54 ? -10.145 6.963   2.213   1.00 19.06 ? 154 ILE A CD1   1 
ATOM   879  N  N     . ARG C 3 55 ? -11.273 1.527   3.795   1.00 15.59 ? 155 ARG A N     1 
ATOM   880  C  CA    . ARG C 3 55 ? -12.161 0.371   3.819   1.00 15.29 ? 155 ARG A CA    1 
ATOM   881  C  C     . ARG C 3 55 ? -12.297 -0.223  5.219   1.00 17.87 ? 155 ARG A C     1 
ATOM   882  O  O     . ARG C 3 55 ? -13.269 -0.914  5.503   1.00 20.48 ? 155 ARG A O     1 
ATOM   883  C  CB    . ARG C 3 55 ? -11.694 -0.683  2.818   1.00 17.31 ? 155 ARG A CB    1 
ATOM   884  C  CG    . ARG C 3 55 ? -11.797 -0.199  1.388   1.00 16.61 ? 155 ARG A CG    1 
ATOM   885  C  CD    . ARG C 3 55 ? -11.427 -1.260  0.384   1.00 17.33 ? 155 ARG A CD    1 
ATOM   886  N  NE    . ARG C 3 55 ? -11.460 -0.725  -0.975  1.00 17.78 ? 155 ARG A NE    1 
ATOM   887  C  CZ    . ARG C 3 55 ? -10.614 -1.071  -1.940  1.00 18.58 ? 155 ARG A CZ    1 
ATOM   888  N  NH1   . ARG C 3 55 ? -9.659  -1.971  -1.712  1.00 18.40 ? 155 ARG A NH1   1 
ATOM   889  N  NH2   . ARG C 3 55 ? -10.687 -0.478  -3.125  1.00 19.48 ? 155 ARG A NH2   1 
ATOM   890  N  N     . THR C 3 56 ? -11.352 0.083   6.110   1.00 18.94 ? 156 THR A N     1 
ATOM   891  C  CA    . THR C 3 56 ? -11.420 -0.421  7.487   1.00 17.79 ? 156 THR A CA    1 
ATOM   892  C  C     . THR C 3 56 ? -12.550 0.272   8.270   1.00 17.11 ? 156 THR A C     1 
ATOM   893  O  O     . THR C 3 56 ? -13.071 -0.286  9.230   1.00 17.30 ? 156 THR A O     1 
ATOM   894  C  CB    . THR C 3 56 ? -10.033 -0.330  8.258   1.00 17.31 ? 156 THR A CB    1 
ATOM   895  O  OG1   . THR C 3 56 ? -9.710  1.031   8.589   1.00 18.73 ? 156 THR A OG1   1 
ATOM   896  C  CG2   . THR C 3 56 ? -8.908  -0.936  7.425   1.00 12.95 ? 156 THR A CG2   1 
ATOM   897  N  N     . HIS C 3 57 ? -12.985 1.435   7.778   1.00 17.33 ? 157 HIS A N     1 
ATOM   898  C  CA    . HIS C 3 57 ? -14.054 2.232   8.390   1.00 15.62 ? 157 HIS A CA    1 
ATOM   899  C  C     . HIS C 3 57 ? -15.428 1.909   7.794   1.00 15.90 ? 157 HIS A C     1 
ATOM   900  O  O     . HIS C 3 57 ? -16.415 1.788   8.511   1.00 18.52 ? 157 HIS A O     1 
ATOM   901  C  CB    . HIS C 3 57 ? -13.826 3.732   8.153   1.00 16.29 ? 157 HIS A CB    1 
ATOM   902  C  CG    . HIS C 3 57 ? -12.563 4.276   8.740   1.00 16.78 ? 157 HIS A CG    1 
ATOM   903  N  ND1   . HIS C 3 57 ? -12.210 4.091   10.060  1.00 19.45 ? 157 HIS A ND1   1 
ATOM   904  C  CD2   . HIS C 3 57 ? -11.598 5.051   8.197   1.00 16.19 ? 157 HIS A CD2   1 
ATOM   905  C  CE1   . HIS C 3 57 ? -11.081 4.729   10.307  1.00 17.53 ? 157 HIS A CE1   1 
ATOM   906  N  NE2   . HIS C 3 57 ? -10.690 5.322   9.192   1.00 19.07 ? 157 HIS A NE2   1 
ATOM   907  N  N     . THR C 3 58 ? -15.487 1.859   6.468   1.00 19.42 ? 158 THR A N     1 
ATOM   908  C  CA    . THR C 3 58 ? -16.727 1.597   5.747   1.00 20.21 ? 158 THR A CA    1 
ATOM   909  C  C     . THR C 3 58 ? -17.124 0.128   5.718   1.00 21.14 ? 158 THR A C     1 
ATOM   910  O  O     . THR C 3 58 ? -18.310 -0.186  5.641   1.00 21.94 ? 158 THR A O     1 
ATOM   911  C  CB    . THR C 3 58 ? -16.636 2.093   4.313   1.00 19.99 ? 158 THR A CB    1 
ATOM   912  O  OG1   . THR C 3 58 ? -15.677 1.306   3.598   1.00 22.82 ? 158 THR A OG1   1 
ATOM   913  C  CG2   . THR C 3 58 ? -16.214 3.564   4.289   1.00 21.24 ? 158 THR A CG2   1 
ATOM   914  N  N     . GLY C 3 59 ? -16.124 -0.752  5.794   1.00 17.40 ? 159 GLY A N     1 
ATOM   915  C  CA    . GLY C 3 59 ? -16.363 -2.176  5.775   1.00 15.24 ? 159 GLY A CA    1 
ATOM   916  C  C     . GLY C 3 59 ? -16.463 -2.684  4.360   1.00 17.62 ? 159 GLY A C     1 
ATOM   917  O  O     . GLY C 3 59 ? -16.918 -3.801  4.133   1.00 20.20 ? 159 GLY A O     1 
ATOM   918  N  N     . GLU C 3 60 ? -16.065 -1.862  3.394   1.00 18.29 ? 160 GLU A N     1 
ATOM   919  C  CA    . GLU C 3 60 ? -16.118 -2.263  1.998   1.00 18.60 ? 160 GLU A CA    1 
ATOM   920  C  C     . GLU C 3 60 ? -15.125 -3.408  1.751   1.00 19.76 ? 160 GLU A C     1 
ATOM   921  O  O     . GLU C 3 60 ? -13.968 -3.329  2.162   1.00 19.12 ? 160 GLU A O     1 
ATOM   922  C  CB    . GLU C 3 60 ? -15.774 -1.078  1.097   1.00 19.42 ? 160 GLU A CB    1 
ATOM   923  C  CG    . GLU C 3 60 ? -15.860 -1.417  -0.389  1.00 25.00 ? 160 GLU A CG    1 
ATOM   924  C  CD    . GLU C 3 60 ? -15.365 -0.305  -1.291  1.00 27.28 ? 160 GLU A CD    1 
ATOM   925  O  OE1   . GLU C 3 60 ? -15.234 0.832   -0.815  1.00 32.59 ? 160 GLU A OE1   1 
ATOM   926  O  OE2   . GLU C 3 60 ? -15.102 -0.563  -2.483  1.00 31.78 ? 160 GLU A OE2   1 
ATOM   927  N  N     . LYS C 3 61 ? -15.586 -4.474  1.095   1.00 19.34 ? 161 LYS A N     1 
ATOM   928  C  CA    . LYS C 3 61 ? -14.737 -5.638  0.793   1.00 21.18 ? 161 LYS A CA    1 
ATOM   929  C  C     . LYS C 3 61 ? -14.999 -6.117  -0.633  1.00 19.69 ? 161 LYS A C     1 
ATOM   930  O  O     . LYS C 3 61 ? -15.714 -7.097  -0.848  1.00 20.41 ? 161 LYS A O     1 
ATOM   931  C  CB    . LYS C 3 61 ? -14.995 -6.772  1.799   1.00 18.85 ? 161 LYS A CB    1 
ATOM   932  C  CG    . LYS C 3 61 ? -14.476 -6.481  3.185   1.00 19.12 ? 161 LYS A CG    1 
ATOM   933  C  CD    . LYS C 3 61 ? -14.898 -7.550  4.172   1.00 23.06 ? 161 LYS A CD    1 
ATOM   934  C  CE    . LYS C 3 61 ? -14.432 -7.196  5.583   1.00 24.86 ? 161 LYS A CE    1 
ATOM   935  N  NZ    . LYS C 3 61 ? -14.648 -8.298  6.575   1.00 26.43 ? 161 LYS A NZ    1 
ATOM   936  N  N     . PRO C 3 62 ? -14.319 -5.499  -1.616  1.00 18.93 ? 162 PRO A N     1 
ATOM   937  C  CA    . PRO C 3 62 ? -14.470 -5.825  -3.043  1.00 18.82 ? 162 PRO A CA    1 
ATOM   938  C  C     . PRO C 3 62 ? -13.958 -7.169  -3.570  1.00 20.20 ? 162 PRO A C     1 
ATOM   939  O  O     . PRO C 3 62 ? -14.306 -7.556  -4.688  1.00 20.27 ? 162 PRO A O     1 
ATOM   940  C  CB    . PRO C 3 62 ? -13.724 -4.670  -3.747  1.00 18.56 ? 162 PRO A CB    1 
ATOM   941  C  CG    . PRO C 3 62 ? -13.421 -3.651  -2.646  1.00 16.74 ? 162 PRO A CG    1 
ATOM   942  C  CD    . PRO C 3 62 ? -13.270 -4.484  -1.416  1.00 15.71 ? 162 PRO A CD    1 
ATOM   943  N  N     . PHE C 3 63 ? -13.174 -7.900  -2.782  1.00 19.23 ? 163 PHE A N     1 
ATOM   944  C  CA    . PHE C 3 63 ? -12.593 -9.147  -3.277  1.00 17.65 ? 163 PHE A CA    1 
ATOM   945  C  C     . PHE C 3 63 ? -13.085 -10.429 -2.615  1.00 18.07 ? 163 PHE A C     1 
ATOM   946  O  O     . PHE C 3 63 ? -12.762 -10.726 -1.470  1.00 19.58 ? 163 PHE A O     1 
ATOM   947  C  CB    . PHE C 3 63 ? -11.070 -9.015  -3.230  1.00 19.46 ? 163 PHE A CB    1 
ATOM   948  C  CG    . PHE C 3 63 ? -10.569 -7.702  -3.791  1.00 18.71 ? 163 PHE A CG    1 
ATOM   949  C  CD1   . PHE C 3 63 ? -10.491 -6.572  -2.985  1.00 19.76 ? 163 PHE A CD1   1 
ATOM   950  C  CD2   . PHE C 3 63 ? -10.254 -7.578  -5.140  1.00 20.28 ? 163 PHE A CD2   1 
ATOM   951  C  CE1   . PHE C 3 63 ? -10.114 -5.334  -3.517  1.00 21.07 ? 163 PHE A CE1   1 
ATOM   952  C  CE2   . PHE C 3 63 ? -9.875  -6.340  -5.684  1.00 19.37 ? 163 PHE A CE2   1 
ATOM   953  C  CZ    . PHE C 3 63 ? -9.809  -5.222  -4.872  1.00 18.91 ? 163 PHE A CZ    1 
ATOM   954  N  N     . ALA C 3 64 ? -13.861 -11.199 -3.368  1.00 16.82 ? 164 ALA A N     1 
ATOM   955  C  CA    . ALA C 3 64 ? -14.436 -12.445 -2.872  1.00 16.13 ? 164 ALA A CA    1 
ATOM   956  C  C     . ALA C 3 64 ? -13.707 -13.691 -3.366  1.00 14.25 ? 164 ALA A C     1 
ATOM   957  O  O     . ALA C 3 64 ? -13.322 -13.788 -4.537  1.00 15.33 ? 164 ALA A O     1 
ATOM   958  C  CB    . ALA C 3 64 ? -15.911 -12.522 -3.230  1.00 14.61 ? 164 ALA A CB    1 
ATOM   959  N  N     . CYS C 3 65 ? -13.528 -14.640 -2.453  1.00 15.02 ? 165 CYS A N     1 
ATOM   960  C  CA    . CYS C 3 65 ? -12.857 -15.895 -2.757  1.00 14.67 ? 165 CYS A CA    1 
ATOM   961  C  C     . CYS C 3 65 ? -13.700 -16.704 -3.751  1.00 14.31 ? 165 CYS A C     1 
ATOM   962  O  O     . CYS C 3 65 ? -14.913 -16.818 -3.597  1.00 14.22 ? 165 CYS A O     1 
ATOM   963  C  CB    . CYS C 3 65 ? -12.611 -16.684 -1.463  1.00 12.28 ? 165 CYS A CB    1 
ATOM   964  S  SG    . CYS C 3 65 ? -12.058 -18.400 -1.689  1.00 16.65 ? 165 CYS A SG    1 
ATOM   965  N  N     . ASP C 3 66 ? -13.050 -17.206 -4.795  1.00 12.21 ? 166 ASP A N     1 
ATOM   966  C  CA    . ASP C 3 66 ? -13.708 -17.994 -5.835  1.00 18.41 ? 166 ASP A CA    1 
ATOM   967  C  C     . ASP C 3 66 ? -14.273 -19.314 -5.314  1.00 19.23 ? 166 ASP A C     1 
ATOM   968  O  O     . ASP C 3 66 ? -15.284 -19.819 -5.826  1.00 17.54 ? 166 ASP A O     1 
ATOM   969  C  CB    . ASP C 3 66 ? -12.728 -18.290 -6.981  1.00 16.64 ? 166 ASP A CB    1 
ATOM   970  C  CG    . ASP C 3 66 ? -12.549 -17.113 -7.927  1.00 17.53 ? 166 ASP A CG    1 
ATOM   971  O  OD1   . ASP C 3 66 ? -11.539 -17.084 -8.645  1.00 20.16 ? 166 ASP A OD1   1 
ATOM   972  O  OD2   . ASP C 3 66 ? -13.418 -16.229 -7.988  1.00 19.35 ? 166 ASP A OD2   1 
ATOM   973  N  N     . ILE C 3 67 ? -13.623 -19.858 -4.293  1.00 18.61 ? 167 ILE A N     1 
ATOM   974  C  CA    . ILE C 3 67 ? -14.042 -21.128 -3.720  1.00 19.72 ? 167 ILE A CA    1 
ATOM   975  C  C     . ILE C 3 67 ? -15.154 -21.037 -2.663  1.00 19.81 ? 167 ILE A C     1 
ATOM   976  O  O     . ILE C 3 67 ? -16.164 -21.731 -2.786  1.00 21.61 ? 167 ILE A O     1 
ATOM   977  C  CB    . ILE C 3 67 ? -12.803 -21.915 -3.218  1.00 16.63 ? 167 ILE A CB    1 
ATOM   978  C  CG1   . ILE C 3 67 ? -11.903 -22.226 -4.420  1.00 14.58 ? 167 ILE A CG1   1 
ATOM   979  C  CG2   . ILE C 3 67 ? -13.218 -23.177 -2.472  1.00 16.07 ? 167 ILE A CG2   1 
ATOM   980  C  CD1   . ILE C 3 67 ? -10.609 -22.878 -4.077  1.00 17.56 ? 167 ILE A CD1   1 
ATOM   981  N  N     . CYS C 3 68 ? -15.023 -20.133 -1.693  1.00 17.63 ? 168 CYS A N     1 
ATOM   982  C  CA    . CYS C 3 68 ? -16.026 -20.011 -0.628  1.00 16.54 ? 168 CYS A CA    1 
ATOM   983  C  C     . CYS C 3 68 ? -16.798 -18.687 -0.584  1.00 16.62 ? 168 CYS A C     1 
ATOM   984  O  O     . CYS C 3 68 ? -17.724 -18.525 0.219   1.00 16.71 ? 168 CYS A O     1 
ATOM   985  C  CB    . CYS C 3 68 ? -15.376 -20.253 0.744   1.00 17.00 ? 168 CYS A CB    1 
ATOM   986  S  SG    . CYS C 3 68 ? -14.295 -18.905 1.311   1.00 16.14 ? 168 CYS A SG    1 
ATOM   987  N  N     . GLY C 3 69 ? -16.388 -17.724 -1.400  1.00 15.44 ? 169 GLY A N     1 
ATOM   988  C  CA    . GLY C 3 69 ? -17.070 -16.445 -1.414  1.00 15.84 ? 169 GLY A CA    1 
ATOM   989  C  C     . GLY C 3 69 ? -16.687 -15.467 -0.313  1.00 15.62 ? 169 GLY A C     1 
ATOM   990  O  O     . GLY C 3 69 ? -17.258 -14.382 -0.230  1.00 15.33 ? 169 GLY A O     1 
ATOM   991  N  N     . ARG C 3 70 ? -15.756 -15.843 0.559   1.00 17.39 ? 170 ARG A N     1 
ATOM   992  C  CA    . ARG C 3 70 ? -15.325 -14.936 1.627   1.00 17.06 ? 170 ARG A CA    1 
ATOM   993  C  C     . ARG C 3 70 ? -14.729 -13.664 1.008   1.00 14.51 ? 170 ARG A C     1 
ATOM   994  O  O     . ARG C 3 70 ? -13.889 -13.732 0.110   1.00 16.29 ? 170 ARG A O     1 
ATOM   995  C  CB    . ARG C 3 70 ? -14.304 -15.612 2.548   1.00 17.77 ? 170 ARG A CB    1 
ATOM   996  C  CG    . ARG C 3 70 ? -14.025 -14.803 3.785   1.00 18.11 ? 170 ARG A CG    1 
ATOM   997  C  CD    . ARG C 3 70 ? -13.184 -15.557 4.783   1.00 21.38 ? 170 ARG A CD    1 
ATOM   998  N  NE    . ARG C 3 70 ? -12.713 -14.659 5.833   1.00 22.71 ? 170 ARG A NE    1 
ATOM   999  C  CZ    . ARG C 3 70 ? -12.280 -15.045 7.026   1.00 21.51 ? 170 ARG A CZ    1 
ATOM   1000 N  NH1   . ARG C 3 70 ? -12.253 -16.331 7.341   1.00 19.75 ? 170 ARG A NH1   1 
ATOM   1001 N  NH2   . ARG C 3 70 ? -11.894 -14.132 7.910   1.00 21.23 ? 170 ARG A NH2   1 
ATOM   1002 N  N     . LYS C 3 71 ? -15.190 -12.513 1.487   1.00 15.53 ? 171 LYS A N     1 
ATOM   1003 C  CA    . LYS C 3 71 ? -14.758 -11.218 0.974   1.00 17.01 ? 171 LYS A CA    1 
ATOM   1004 C  C     . LYS C 3 71 ? -13.651 -10.558 1.794   1.00 16.98 ? 171 LYS A C     1 
ATOM   1005 O  O     . LYS C 3 71 ? -13.572 -10.736 3.014   1.00 14.86 ? 171 LYS A O     1 
ATOM   1006 C  CB    . LYS C 3 71 ? -15.948 -10.264 0.903   1.00 19.75 ? 171 LYS A CB    1 
ATOM   1007 C  CG    . LYS C 3 71 ? -17.030 -10.670 -0.076  1.00 23.56 ? 171 LYS A CG    1 
ATOM   1008 C  CD    . LYS C 3 71 ? -18.255 -9.822  0.138   1.00 28.34 ? 171 LYS A CD    1 
ATOM   1009 C  CE    . LYS C 3 71 ? -19.341 -10.189 -0.845  1.00 33.42 ? 171 LYS A CE    1 
ATOM   1010 N  NZ    . LYS C 3 71 ? -20.663 -9.685  -0.374  1.00 38.77 ? 171 LYS A NZ    1 
ATOM   1011 N  N     . PHE C 3 72 ? -12.855 -9.738  1.109   1.00 15.16 ? 172 PHE A N     1 
ATOM   1012 C  CA    . PHE C 3 72 ? -11.734 -9.016  1.711   1.00 14.54 ? 172 PHE A CA    1 
ATOM   1013 C  C     . PHE C 3 72 ? -11.597 -7.598  1.135   1.00 15.58 ? 172 PHE A C     1 
ATOM   1014 O  O     . PHE C 3 72 ? -11.996 -7.330  0.002   1.00 13.57 ? 172 PHE A O     1 
ATOM   1015 C  CB    . PHE C 3 72 ? -10.436 -9.779  1.461   1.00 12.20 ? 172 PHE A CB    1 
ATOM   1016 C  CG    . PHE C 3 72 ? -10.436 -11.175 2.016   1.00 13.09 ? 172 PHE A CG    1 
ATOM   1017 C  CD1   . PHE C 3 72 ? -10.811 -12.256 1.220   1.00 13.33 ? 172 PHE A CD1   1 
ATOM   1018 C  CD2   . PHE C 3 72 ? -10.072 -11.411 3.342   1.00 14.72 ? 172 PHE A CD2   1 
ATOM   1019 C  CE1   . PHE C 3 72 ? -10.823 -13.548 1.741   1.00 13.26 ? 172 PHE A CE1   1 
ATOM   1020 C  CE2   . PHE C 3 72 ? -10.080 -12.698 3.871   1.00 14.01 ? 172 PHE A CE2   1 
ATOM   1021 C  CZ    . PHE C 3 72 ? -10.457 -13.768 3.071   1.00 11.71 ? 172 PHE A CZ    1 
ATOM   1022 N  N     . ALA C 3 73 ? -11.025 -6.699  1.930   1.00 16.02 ? 173 ALA A N     1 
ATOM   1023 C  CA    . ALA C 3 73 ? -10.803 -5.318  1.522   1.00 16.45 ? 173 ALA A CA    1 
ATOM   1024 C  C     . ALA C 3 73 ? -9.750  -5.206  0.414   1.00 16.12 ? 173 ALA A C     1 
ATOM   1025 O  O     . ALA C 3 73 ? -9.896  -4.407  -0.504  1.00 18.06 ? 173 ALA A O     1 
ATOM   1026 C  CB    . ALA C 3 73 ? -10.389 -4.475  2.738   1.00 16.91 ? 173 ALA A CB    1 
ATOM   1027 N  N     . ARG C 3 74 ? -8.712  -6.036  0.472   1.00 14.56 ? 174 ARG A N     1 
ATOM   1028 C  CA    . ARG C 3 74 ? -7.646  -5.992  -0.521  1.00 15.27 ? 174 ARG A CA    1 
ATOM   1029 C  C     . ARG C 3 74 ? -7.474  -7.290  -1.287  1.00 18.20 ? 174 ARG A C     1 
ATOM   1030 O  O     . ARG C 3 74 ? -7.741  -8.386  -0.775  1.00 17.91 ? 174 ARG A O     1 
ATOM   1031 C  CB    . ARG C 3 74 ? -6.305  -5.624  0.130   1.00 16.45 ? 174 ARG A CB    1 
ATOM   1032 C  CG    . ARG C 3 74 ? -6.333  -4.414  1.059   1.00 18.08 ? 174 ARG A CG    1 
ATOM   1033 C  CD    . ARG C 3 74 ? -4.924  -3.836  1.314   1.00 18.29 ? 174 ARG A CD    1 
ATOM   1034 N  NE    . ARG C 3 74 ? -3.941  -4.840  1.738   1.00 18.48 ? 174 ARG A NE    1 
ATOM   1035 C  CZ    . ARG C 3 74 ? -3.231  -4.779  2.859   1.00 17.32 ? 174 ARG A CZ    1 
ATOM   1036 N  NH1   . ARG C 3 74 ? -3.392  -3.760  3.698   1.00 16.51 ? 174 ARG A NH1   1 
ATOM   1037 N  NH2   . ARG C 3 74 ? -2.324  -5.721  3.120   1.00 16.03 ? 174 ARG A NH2   1 
ATOM   1038 N  N     . SER C 3 75 ? -6.964  -7.161  -2.503  1.00 16.79 ? 175 SER A N     1 
ATOM   1039 C  CA    . SER C 3 75 ? -6.738  -8.305  -3.367  1.00 18.96 ? 175 SER A CA    1 
ATOM   1040 C  C     . SER C 3 75 ? -5.668  -9.226  -2.803  1.00 18.34 ? 175 SER A C     1 
ATOM   1041 O  O     . SER C 3 75 ? -5.714  -10.432 -3.040  1.00 18.20 ? 175 SER A O     1 
ATOM   1042 C  CB    . SER C 3 75 ? -6.330  -7.852  -4.763  1.00 18.03 ? 175 SER A CB    1 
ATOM   1043 O  OG    . SER C 3 75 ? -5.050  -7.245  -4.725  1.00 21.59 ? 175 SER A OG    1 
ATOM   1044 N  N     . ASP C 3 76 ? -4.690  -8.672  -2.085  1.00 18.98 ? 176 ASP A N     1 
ATOM   1045 C  CA    . ASP C 3 76 ? -3.622  -9.508  -1.512  1.00 16.70 ? 176 ASP A CA    1 
ATOM   1046 C  C     . ASP C 3 76 ? -4.126  -10.352 -0.333  1.00 14.64 ? 176 ASP A C     1 
ATOM   1047 O  O     . ASP C 3 76 ? -3.623  -11.454 -0.101  1.00 15.71 ? 176 ASP A O     1 
ATOM   1048 C  CB    . ASP C 3 76 ? -2.357  -8.692  -1.168  1.00 13.11 ? 176 ASP A CB    1 
ATOM   1049 C  CG    . ASP C 3 76 ? -2.590  -7.682  -0.082  1.00 13.65 ? 176 ASP A CG    1 
ATOM   1050 O  OD1   . ASP C 3 76 ? -2.032  -7.857  1.015   1.00 16.56 ? 176 ASP A OD1   1 
ATOM   1051 O  OD2   . ASP C 3 76 ? -3.336  -6.709  -0.317  1.00 15.69 ? 176 ASP A OD2   1 
ATOM   1052 N  N     . GLU C 3 77 ? -5.128  -9.854  0.390   1.00 12.47 ? 177 GLU A N     1 
ATOM   1053 C  CA    . GLU C 3 77 ? -5.738  -10.615 1.482   1.00 16.24 ? 177 GLU A CA    1 
ATOM   1054 C  C     . GLU C 3 77 ? -6.461  -11.824 0.877   1.00 13.28 ? 177 GLU A C     1 
ATOM   1055 O  O     . GLU C 3 77 ? -6.353  -12.929 1.390   1.00 13.07 ? 177 GLU A O     1 
ATOM   1056 C  CB    . GLU C 3 77 ? -6.753  -9.768  2.242   1.00 17.74 ? 177 GLU A CB    1 
ATOM   1057 C  CG    . GLU C 3 77 ? -6.145  -8.717  3.118   1.00 20.62 ? 177 GLU A CG    1 
ATOM   1058 C  CD    . GLU C 3 77 ? -7.185  -7.843  3.756   1.00 22.80 ? 177 GLU A CD    1 
ATOM   1059 O  OE1   . GLU C 3 77 ? -7.987  -7.228  3.028   1.00 25.57 ? 177 GLU A OE1   1 
ATOM   1060 O  OE2   . GLU C 3 77 ? -7.206  -7.757  4.993   1.00 27.08 ? 177 GLU A OE2   1 
ATOM   1061 N  N     . ARG C 3 78 ? -7.215  -11.590 -0.199  1.00 15.51 ? 178 ARG A N     1 
ATOM   1062 C  CA    . ARG C 3 78 ? -7.941  -12.667 -0.876  1.00 16.16 ? 178 ARG A CA    1 
ATOM   1063 C  C     . ARG C 3 78 ? -6.962  -13.692 -1.434  1.00 17.01 ? 178 ARG A C     1 
ATOM   1064 O  O     . ARG C 3 78 ? -7.195  -14.885 -1.277  1.00 18.11 ? 178 ARG A O     1 
ATOM   1065 C  CB    . ARG C 3 78 ? -8.850  -12.131 -1.996  1.00 18.17 ? 178 ARG A CB    1 
ATOM   1066 C  CG    . ARG C 3 78 ? -9.887  -13.155 -2.502  1.00 21.20 ? 178 ARG A CG    1 
ATOM   1067 C  CD    . ARG C 3 78 ? -10.256 -12.940 -3.978  1.00 24.94 ? 178 ARG A CD    1 
ATOM   1068 N  NE    . ARG C 3 78 ? -9.038  -12.818 -4.706  1.00 29.68 ? 178 ARG A NE    1 
ATOM   1069 C  CZ    . ARG C 3 78 ? -8.683  -11.896 -5.570  1.00 31.07 ? 178 ARG A CZ    1 
ATOM   1070 N  NH1   . ARG C 3 78 ? -9.638  -10.996 -5.950  1.00 31.24 ? 178 ARG A NH1   1 
ATOM   1071 N  NH2   . ARG C 3 78 ? -7.468  -11.803 -6.015  1.00 28.55 ? 178 ARG A NH2   1 
ATOM   1072 N  N     . LYS C 3 79 ? -5.849  -13.239 -2.022  1.00 16.57 ? 179 LYS A N     1 
ATOM   1073 C  CA    . LYS C 3 79 ? -4.832  -14.141 -2.566  1.00 16.12 ? 179 LYS A CA    1 
ATOM   1074 C  C     . LYS C 3 79 ? -4.243  -15.044 -1.485  1.00 16.94 ? 179 LYS A C     1 
ATOM   1075 O  O     . LYS C 3 79 ? -4.070  -16.242 -1.705  1.00 20.65 ? 179 LYS A O     1 
ATOM   1076 C  CB    . LYS C 3 79 ? -3.689  -13.385 -3.240  1.00 18.58 ? 179 LYS A CB    1 
ATOM   1077 C  CG    . LYS C 3 79 ? -2.572  -14.318 -3.696  1.00 19.44 ? 179 LYS A CG    1 
ATOM   1078 C  CD    . LYS C 3 79 ? -1.377  -13.590 -4.244  1.00 21.16 ? 179 LYS A CD    1 
ATOM   1079 C  CE    . LYS C 3 79 ? -1.667  -13.011 -5.600  1.00 22.84 ? 179 LYS A CE    1 
ATOM   1080 N  NZ    . LYS C 3 79 ? -0.511  -12.181 -6.034  1.00 27.11 ? 179 LYS A NZ    1 
ATOM   1081 N  N     . ARG C 3 80 ? -3.905  -14.456 -0.341  1.00 15.46 ? 180 ARG A N     1 
ATOM   1082 C  CA    . ARG C 3 80 ? -3.366  -15.205 0.791   1.00 13.33 ? 180 ARG A CA    1 
ATOM   1083 C  C     . ARG C 3 80 ? -4.396  -16.236 1.282   1.00 14.99 ? 180 ARG A C     1 
ATOM   1084 O  O     . ARG C 3 80 ? -4.034  -17.322 1.703   1.00 14.33 ? 180 ARG A O     1 
ATOM   1085 C  CB    . ARG C 3 80 ? -3.022  -14.241 1.920   1.00 12.89 ? 180 ARG A CB    1 
ATOM   1086 C  CG    . ARG C 3 80 ? -2.276  -14.877 3.085   1.00 11.65 ? 180 ARG A CG    1 
ATOM   1087 C  CD    . ARG C 3 80 ? -1.895  -13.855 4.143   1.00 8.95  ? 180 ARG A CD    1 
ATOM   1088 N  NE    . ARG C 3 80 ? -3.059  -13.223 4.747   1.00 8.55  ? 180 ARG A NE    1 
ATOM   1089 C  CZ    . ARG C 3 80 ? -3.003  -12.382 5.767   1.00 9.46  ? 180 ARG A CZ    1 
ATOM   1090 N  NH1   . ARG C 3 80 ? -1.835  -12.058 6.302   1.00 13.43 ? 180 ARG A NH1   1 
ATOM   1091 N  NH2   . ARG C 3 80 ? -4.112  -11.866 6.266   1.00 8.24  ? 180 ARG A NH2   1 
ATOM   1092 N  N     . HIS C 3 81 ? -5.678  -15.885 1.193   1.00 15.68 ? 181 HIS A N     1 
ATOM   1093 C  CA    . HIS C 3 81 ? -6.771  -16.758 1.624   1.00 15.55 ? 181 HIS A CA    1 
ATOM   1094 C  C     . HIS C 3 81 ? -7.071  -17.962 0.741   1.00 17.78 ? 181 HIS A C     1 
ATOM   1095 O  O     . HIS C 3 81 ? -7.204  -19.076 1.239   1.00 20.79 ? 181 HIS A O     1 
ATOM   1096 C  CB    . HIS C 3 81 ? -8.064  -15.943 1.776   1.00 15.04 ? 181 HIS A CB    1 
ATOM   1097 C  CG    . HIS C 3 81 ? -9.295  -16.781 1.972   1.00 13.36 ? 181 HIS A CG    1 
ATOM   1098 N  ND1   . HIS C 3 81 ? -9.730  -17.188 3.213   1.00 11.41 ? 181 HIS A ND1   1 
ATOM   1099 C  CD2   . HIS C 3 81 ? -10.166 -17.306 1.080   1.00 12.48 ? 181 HIS A CD2   1 
ATOM   1100 C  CE1   . HIS C 3 81 ? -10.810 -17.933 3.081   1.00 13.96 ? 181 HIS A CE1   1 
ATOM   1101 N  NE2   . HIS C 3 81 ? -11.098 -18.019 1.796   1.00 14.42 ? 181 HIS A NE2   1 
ATOM   1102 N  N     . THR C 3 82 ? -7.258  -17.722 -0.555  1.00 18.44 ? 182 THR A N     1 
ATOM   1103 C  CA    . THR C 3 82 ? -7.623  -18.774 -1.503  1.00 19.72 ? 182 THR A CA    1 
ATOM   1104 C  C     . THR C 3 82 ? -6.744  -20.001 -1.380  1.00 22.68 ? 182 THR A C     1 
ATOM   1105 O  O     . THR C 3 82 ? -7.227  -21.122 -1.490  1.00 20.93 ? 182 THR A O     1 
ATOM   1106 C  CB    . THR C 3 82 ? -7.576  -18.278 -2.962  1.00 20.97 ? 182 THR A CB    1 
ATOM   1107 O  OG1   . THR C 3 82 ? -8.275  -17.032 -3.066  1.00 20.91 ? 182 THR A OG1   1 
ATOM   1108 C  CG2   . THR C 3 82 ? -8.240  -19.291 -3.889  1.00 20.25 ? 182 THR A CG2   1 
ATOM   1109 N  N     . LYS C 3 83 ? -5.458  -19.768 -1.140  1.00 23.71 ? 183 LYS A N     1 
ATOM   1110 C  CA    . LYS C 3 83 ? -4.470  -20.825 -0.982  1.00 26.33 ? 183 LYS A CA    1 
ATOM   1111 C  C     . LYS C 3 83 ? -4.769  -21.811 0.146   1.00 25.71 ? 183 LYS A C     1 
ATOM   1112 O  O     . LYS C 3 83 ? -4.266  -22.929 0.123   1.00 28.52 ? 183 LYS A O     1 
ATOM   1113 C  CB    . LYS C 3 83 ? -3.096  -20.200 -0.787  1.00 28.22 ? 183 LYS A CB    1 
ATOM   1114 C  CG    . LYS C 3 83 ? -2.703  -19.376 -1.989  1.00 32.71 ? 183 LYS A CG    1 
ATOM   1115 C  CD    . LYS C 3 83 ? -1.553  -18.443 -1.713  1.00 35.29 ? 183 LYS A CD    1 
ATOM   1116 C  CE    . LYS C 3 83 ? -1.182  -17.738 -3.004  1.00 36.38 ? 183 LYS A CE    1 
ATOM   1117 N  NZ    . LYS C 3 83 ? -0.053  -16.787 -2.842  1.00 36.65 ? 183 LYS A NZ    1 
ATOM   1118 N  N     . ILE C 3 84 ? -5.599  -21.415 1.111   1.00 23.82 ? 184 ILE A N     1 
ATOM   1119 C  CA    . ILE C 3 84 ? -5.954  -22.297 2.222   1.00 22.06 ? 184 ILE A CA    1 
ATOM   1120 C  C     . ILE C 3 84 ? -6.902  -23.437 1.833   1.00 22.58 ? 184 ILE A C     1 
ATOM   1121 O  O     . ILE C 3 84 ? -7.120  -24.346 2.624   1.00 24.15 ? 184 ILE A O     1 
ATOM   1122 C  CB    . ILE C 3 84 ? -6.580  -21.534 3.407   1.00 20.62 ? 184 ILE A CB    1 
ATOM   1123 C  CG1   . ILE C 3 84 ? -8.043  -21.169 3.114   1.00 20.59 ? 184 ILE A CG1   1 
ATOM   1124 C  CG2   . ILE C 3 84 ? -5.741  -20.311 3.751   1.00 20.65 ? 184 ILE A CG2   1 
ATOM   1125 C  CD1   . ILE C 3 84 ? -8.819  -20.695 4.338   1.00 20.27 ? 184 ILE A CD1   1 
ATOM   1126 N  N     . HIS C 3 85 ? -7.471  -23.382 0.629   1.00 22.21 ? 185 HIS A N     1 
ATOM   1127 C  CA    . HIS C 3 85 ? -8.394  -24.418 0.162   1.00 24.89 ? 185 HIS A CA    1 
ATOM   1128 C  C     . HIS C 3 85 ? -7.667  -25.620 -0.449  1.00 27.31 ? 185 HIS A C     1 
ATOM   1129 O  O     . HIS C 3 85 ? -8.298  -26.552 -0.947  1.00 28.41 ? 185 HIS A O     1 
ATOM   1130 C  CB    . HIS C 3 85 ? -9.414  -23.839 -0.828  1.00 20.20 ? 185 HIS A CB    1 
ATOM   1131 C  CG    . HIS C 3 85 ? -10.292 -22.775 -0.238  1.00 18.39 ? 185 HIS A CG    1 
ATOM   1132 N  ND1   . HIS C 3 85 ? -11.058 -22.976 0.892   1.00 15.89 ? 185 HIS A ND1   1 
ATOM   1133 C  CD2   . HIS C 3 85 ? -10.504 -21.489 -0.610  1.00 15.75 ? 185 HIS A CD2   1 
ATOM   1134 C  CE1   . HIS C 3 85 ? -11.697 -21.859 1.192   1.00 17.13 ? 185 HIS A CE1   1 
ATOM   1135 N  NE2   . HIS C 3 85 ? -11.378 -20.943 0.295   1.00 14.24 ? 185 HIS A NE2   1 
ATOM   1136 N  N     . LEU C 3 86 ? -6.339  -25.549 -0.458  1.00 33.12 ? 186 LEU A N     1 
ATOM   1137 C  CA    . LEU C 3 86 ? -5.482  -26.628 -0.947  1.00 38.10 ? 186 LEU A CA    1 
ATOM   1138 C  C     . LEU C 3 86 ? -5.229  -27.540 0.264   1.00 44.45 ? 186 LEU A C     1 
ATOM   1139 O  O     . LEU C 3 86 ? -5.146  -28.766 0.134   1.00 44.58 ? 186 LEU A O     1 
ATOM   1140 C  CB    . LEU C 3 86 ? -4.145  -26.065 -1.430  1.00 32.97 ? 186 LEU A CB    1 
ATOM   1141 C  CG    . LEU C 3 86 ? -4.100  -25.101 -2.612  1.00 29.89 ? 186 LEU A CG    1 
ATOM   1142 C  CD1   . LEU C 3 86 ? -2.659  -24.750 -2.851  1.00 30.76 ? 186 LEU A CD1   1 
ATOM   1143 C  CD2   . LEU C 3 86 ? -4.690  -25.720 -3.859  1.00 28.03 ? 186 LEU A CD2   1 
ATOM   1144 N  N     . ARG C 3 87 ? -5.059  -26.890 1.423   1.00 52.20 ? 187 ARG A N     1 
ATOM   1145 C  CA    . ARG C 3 87 ? -4.827  -27.513 2.734   1.00 57.56 ? 187 ARG A CA    1 
ATOM   1146 C  C     . ARG C 3 87 ? -4.679  -26.426 3.809   1.00 56.72 ? 187 ARG A C     1 
ATOM   1147 O  O     . ARG C 3 87 ? -5.653  -25.909 4.354   1.00 55.68 ? 187 ARG A O     1 
ATOM   1148 C  CB    . ARG C 3 87 ? -3.557  -28.381 2.749   1.00 62.15 ? 187 ARG A CB    1 
ATOM   1149 C  CG    . ARG C 3 87 ? -3.378  -29.141 4.072   1.00 66.03 ? 187 ARG A CG    1 
ATOM   1150 C  CD    . ARG C 3 87 ? -2.002  -28.933 4.711   1.00 69.81 ? 187 ARG A CD    1 
ATOM   1151 N  NE    . ARG C 3 87 ? -1.699  -27.544 5.091   1.00 73.00 ? 187 ARG A NE    1 
ATOM   1152 C  CZ    . ARG C 3 87 ? -2.264  -26.872 6.098   1.00 74.66 ? 187 ARG A CZ    1 
ATOM   1153 N  NH1   . ARG C 3 87 ? -3.197  -27.436 6.860   1.00 75.14 ? 187 ARG A NH1   1 
ATOM   1154 N  NH2   . ARG C 3 87 ? -1.849  -25.640 6.384   1.00 74.45 ? 187 ARG A NH2   1 
HETATM 1155 ZN ZN    . ZN  D 4 .  ? 17.011  6.586   0.757   1.00 39.76 ? 201 ZN  A ZN    1 
HETATM 1156 ZN ZN    . ZN  E 4 .  ? -8.985  6.477   8.829   1.00 23.41 ? 202 ZN  A ZN    1 
HETATM 1157 ZN ZN    . ZN  F 4 .  ? -12.287 -19.139 0.413   1.00 19.19 ? 203 ZN  A ZN    1 
HETATM 1158 O  O     . HOH G 5 .  ? -3.173  5.543   -21.975 1.00 13.88 ? 310 HOH B O     1 
HETATM 1159 O  O     . HOH G 5 .  ? -7.055  -12.495 5.907   1.00 22.99 ? 316 HOH B O     1 
HETATM 1160 O  O     . HOH G 5 .  ? -2.750  -9.856  3.106   1.00 13.58 ? 322 HOH B O     1 
HETATM 1161 O  O     . HOH G 5 .  ? -3.261  2.146   -15.668 1.00 36.51 ? 323 HOH B O     1 
HETATM 1162 O  O     . HOH G 5 .  ? 4.216   1.637   10.354  1.00 39.04 ? 333 HOH B O     1 
HETATM 1163 O  O     . HOH G 5 .  ? 0.170   2.896   4.808   1.00 13.61 ? 335 HOH B O     1 
HETATM 1164 O  O     . HOH G 5 .  ? -1.992  -3.423  10.858  1.00 34.48 ? 336 HOH B O     1 
HETATM 1165 O  O     . HOH G 5 .  ? -4.757  -1.330  3.912   1.00 15.39 ? 337 HOH B O     1 
HETATM 1166 O  O     . HOH G 5 .  ? -3.744  -2.100  -21.861 1.00 36.59 ? 339 HOH B O     1 
HETATM 1167 O  O     . HOH G 5 .  ? -2.858  5.552   -15.508 1.00 29.08 ? 340 HOH B O     1 
HETATM 1168 O  O     . HOH G 5 .  ? 8.785   -3.493  -0.274  1.00 26.13 ? 343 HOH B O     1 
HETATM 1169 O  O     . HOH G 5 .  ? -0.492  5.927   -22.655 1.00 15.82 ? 347 HOH B O     1 
HETATM 1170 O  O     . HOH G 5 .  ? -3.693  -17.688 5.441   1.00 31.62 ? 348 HOH B O     1 
HETATM 1171 O  O     . HOH G 5 .  ? -1.736  -3.126  -0.154  1.00 23.89 ? 350 HOH B O     1 
HETATM 1172 O  O     . HOH G 5 .  ? 5.569   -4.659  -10.510 1.00 33.66 ? 355 HOH B O     1 
HETATM 1173 O  O     . HOH G 5 .  ? -5.735  2.206   -19.614 1.00 19.83 ? 366 HOH B O     1 
HETATM 1174 O  O     . HOH G 5 .  ? 4.812   5.819   5.872   1.00 24.59 ? 367 HOH B O     1 
HETATM 1175 O  O     . HOH G 5 .  ? -5.915  0.551   10.629  1.00 29.29 ? 368 HOH B O     1 
HETATM 1176 O  O     . HOH G 5 .  ? 13.556  -5.713  -10.247 1.00 33.17 ? 371 HOH B O     1 
HETATM 1177 O  O     . HOH G 5 .  ? 5.146   4.301   -18.301 1.00 38.15 ? 375 HOH B O     1 
HETATM 1178 O  O     . HOH G 5 .  ? 6.587   -2.045  3.766   1.00 32.66 ? 380 HOH B O     1 
HETATM 1179 O  O     . HOH G 5 .  ? 7.186   7.059   2.580   1.00 25.52 ? 382 HOH B O     1 
HETATM 1180 O  O     . HOH G 5 .  ? -1.186  -16.157 6.970   1.00 28.85 ? 387 HOH B O     1 
HETATM 1181 O  O     . HOH G 5 .  ? -3.100  -19.910 6.865   1.00 29.54 ? 388 HOH B O     1 
HETATM 1182 O  O     . HOH G 5 .  ? 1.920   -1.968  -13.579 1.00 29.13 ? 396 HOH B O     1 
HETATM 1183 O  O     . HOH G 5 .  ? -13.610 -11.059 8.419   1.00 50.47 ? 402 HOH B O     1 
HETATM 1184 O  O     . HOH G 5 .  ? 10.717  0.889   -8.408  1.00 28.33 ? 410 HOH B O     1 
HETATM 1185 O  O     . HOH G 5 .  ? -11.536 -5.317  6.502   1.00 45.71 ? 416 HOH B O     1 
HETATM 1186 O  O     . HOH G 5 .  ? -1.287  0.013   -15.598 1.00 31.52 ? 419 HOH B O     1 
HETATM 1187 O  O     . HOH G 5 .  ? 1.879   -5.504  -11.622 1.00 57.56 ? 420 HOH B O     1 
HETATM 1188 O  O     . HOH G 5 .  ? 5.096   5.364   8.636   1.00 29.69 ? 421 HOH B O     1 
HETATM 1189 O  O     . HOH G 5 .  ? 8.407   -5.066  -5.924  1.00 40.77 ? 428 HOH B O     1 
HETATM 1190 O  O     . HOH G 5 .  ? 13.684  0.174   -9.465  1.00 54.62 ? 432 HOH B O     1 
HETATM 1191 O  O     . HOH G 5 .  ? -4.966  -0.628  13.074  1.00 56.77 ? 435 HOH B O     1 
HETATM 1192 O  O     . HOH H 5 .  ? 2.879   4.974   -6.387  1.00 22.78 ? 314 HOH C O     1 
HETATM 1193 O  O     . HOH H 5 .  ? -4.508  11.199  -4.574  1.00 29.28 ? 328 HOH C O     1 
HETATM 1194 O  O     . HOH H 5 .  ? 4.074   -6.679  -9.536  1.00 27.08 ? 334 HOH C O     1 
HETATM 1195 O  O     . HOH H 5 .  ? -1.471  9.102   -6.535  1.00 24.57 ? 341 HOH C O     1 
HETATM 1196 O  O     . HOH H 5 .  ? 4.152   -4.561  10.122  1.00 26.87 ? 342 HOH C O     1 
HETATM 1197 O  O     . HOH H 5 .  ? 2.694   -12.062 -2.492  1.00 21.50 ? 345 HOH C O     1 
HETATM 1198 O  O     . HOH H 5 .  ? 7.530   -6.267  0.751   1.00 23.36 ? 346 HOH C O     1 
HETATM 1199 O  O     . HOH H 5 .  ? 6.965   -6.820  -4.520  1.00 25.77 ? 351 HOH C O     1 
HETATM 1200 O  O     . HOH H 5 .  ? -0.023  -10.694 2.244   1.00 26.30 ? 352 HOH C O     1 
HETATM 1201 O  O     . HOH H 5 .  ? -3.985  -4.223  -4.408  1.00 24.29 ? 353 HOH C O     1 
HETATM 1202 O  O     . HOH H 5 .  ? 0.485   -10.380 -2.044  1.00 27.21 ? 356 HOH C O     1 
HETATM 1203 O  O     . HOH H 5 .  ? 0.826   -11.806 5.351   1.00 21.02 ? 358 HOH C O     1 
HETATM 1204 O  O     . HOH H 5 .  ? -3.166  1.242   -11.668 1.00 30.36 ? 360 HOH C O     1 
HETATM 1205 O  O     . HOH H 5 .  ? -3.973  5.599   -12.727 1.00 36.28 ? 362 HOH C O     1 
HETATM 1206 O  O     . HOH H 5 .  ? -1.776  -0.651  -12.834 1.00 33.90 ? 369 HOH C O     1 
HETATM 1207 O  O     . HOH H 5 .  ? -10.195 4.864   -8.717  1.00 34.39 ? 376 HOH C O     1 
HETATM 1208 O  O     . HOH H 5 .  ? 1.740   -3.118  10.601  1.00 36.99 ? 379 HOH C O     1 
HETATM 1209 O  O     . HOH H 5 .  ? 7.594   -4.574  4.523   1.00 45.26 ? 381 HOH C O     1 
HETATM 1210 O  O     . HOH H 5 .  ? -5.767  -9.281  -8.374  1.00 42.40 ? 384 HOH C O     1 
HETATM 1211 O  O     . HOH H 5 .  ? 2.778   -12.952 7.903   1.00 57.90 ? 389 HOH C O     1 
HETATM 1212 O  O     . HOH H 5 .  ? 1.989   -13.674 -6.572  1.00 28.58 ? 394 HOH C O     1 
HETATM 1213 O  O     . HOH H 5 .  ? 6.822   -10.813 12.124  1.00 47.46 ? 395 HOH C O     1 
HETATM 1214 O  O     . HOH H 5 .  ? -3.572  -10.794 -7.729  1.00 34.55 ? 397 HOH C O     1 
HETATM 1215 O  O     . HOH H 5 .  ? 7.299   -13.264 6.261   1.00 59.78 ? 398 HOH C O     1 
HETATM 1216 O  O     . HOH H 5 .  ? -1.815  -13.546 -9.478  1.00 46.10 ? 399 HOH C O     1 
HETATM 1217 O  O     . HOH H 5 .  ? -0.116  -3.258  -11.796 1.00 31.72 ? 400 HOH C O     1 
HETATM 1218 O  O     . HOH H 5 .  ? -8.148  7.283   -4.680  1.00 29.32 ? 404 HOH C O     1 
HETATM 1219 O  O     . HOH H 5 .  ? 0.488   13.471  -13.356 1.00 50.83 ? 407 HOH C O     1 
HETATM 1220 O  O     . HOH H 5 .  ? 3.994   7.535   -7.442  1.00 35.34 ? 408 HOH C O     1 
HETATM 1221 O  O     . HOH H 5 .  ? -6.207  10.236  -6.502  1.00 25.13 ? 411 HOH C O     1 
HETATM 1222 O  O     . HOH H 5 .  ? 7.152   10.543  -8.661  1.00 38.25 ? 425 HOH C O     1 
HETATM 1223 O  O     . HOH H 5 .  ? -0.113  13.809  -5.117  1.00 48.25 ? 429 HOH C O     1 
HETATM 1224 O  O     . HOH I 5 .  ? -11.745 3.066   0.134   1.00 17.78 ? 301 HOH A O     1 
HETATM 1225 O  O     . HOH I 5 .  ? -6.232  4.115   -4.641  1.00 18.90 ? 302 HOH A O     1 
HETATM 1226 O  O     . HOH I 5 .  ? -10.888 -25.454 2.448   1.00 14.98 ? 303 HOH A O     1 
HETATM 1227 O  O     . HOH I 5 .  ? -12.638 1.956   -2.377  1.00 15.78 ? 304 HOH A O     1 
HETATM 1228 O  O     . HOH I 5 .  ? -2.543  2.045   4.689   1.00 14.65 ? 305 HOH A O     1 
HETATM 1229 O  O     . HOH I 5 .  ? -15.011 -14.799 -6.394  1.00 19.49 ? 306 HOH A O     1 
HETATM 1230 O  O     . HOH I 5 .  ? -14.899 -10.185 -5.920  1.00 21.27 ? 307 HOH A O     1 
HETATM 1231 O  O     . HOH I 5 .  ? -7.359  -2.602  4.077   1.00 17.61 ? 308 HOH A O     1 
HETATM 1232 O  O     . HOH I 5 .  ? -10.432 -7.563  4.688   1.00 14.35 ? 309 HOH A O     1 
HETATM 1233 O  O     . HOH I 5 .  ? -13.323 -3.729  4.712   1.00 23.48 ? 311 HOH A O     1 
HETATM 1234 O  O     . HOH I 5 .  ? -17.713 -5.978  5.750   1.00 31.58 ? 312 HOH A O     1 
HETATM 1235 O  O     . HOH I 5 .  ? -5.967  -13.564 3.775   1.00 18.68 ? 313 HOH A O     1 
HETATM 1236 O  O     . HOH I 5 .  ? 2.250   6.117   5.684   1.00 19.60 ? 315 HOH A O     1 
HETATM 1237 O  O     . HOH I 5 .  ? -6.475  7.857   -2.334  1.00 18.44 ? 317 HOH A O     1 
HETATM 1238 O  O     . HOH I 5 .  ? -7.828  -4.874  5.607   1.00 17.66 ? 318 HOH A O     1 
HETATM 1239 O  O     . HOH I 5 .  ? -17.678 -12.463 3.611   1.00 28.60 ? 319 HOH A O     1 
HETATM 1240 O  O     . HOH I 5 .  ? 0.118   6.341   8.717   1.00 22.34 ? 320 HOH A O     1 
HETATM 1241 O  O     . HOH I 5 .  ? -2.960  -0.593  -0.137  1.00 20.50 ? 321 HOH A O     1 
HETATM 1242 O  O     . HOH I 5 .  ? -6.589  -4.348  -2.956  1.00 18.99 ? 324 HOH A O     1 
HETATM 1243 O  O     . HOH I 5 .  ? -4.214  5.813   -5.708  1.00 13.40 ? 325 HOH A O     1 
HETATM 1244 O  O     . HOH I 5 .  ? -3.056  -9.133  -5.181  1.00 27.79 ? 326 HOH A O     1 
HETATM 1245 O  O     . HOH I 5 .  ? -15.954 -13.383 7.720   1.00 58.75 ? 327 HOH A O     1 
HETATM 1246 O  O     . HOH I 5 .  ? -2.447  -4.793  -2.150  1.00 15.07 ? 329 HOH A O     1 
HETATM 1247 O  O     . HOH I 5 .  ? 1.061   4.688   2.705   1.00 13.97 ? 330 HOH A O     1 
HETATM 1248 O  O     . HOH I 5 .  ? -1.707  -18.729 2.041   1.00 29.63 ? 331 HOH A O     1 
HETATM 1249 O  O     . HOH I 5 .  ? -10.226 -16.626 -4.958  1.00 12.53 ? 332 HOH A O     1 
HETATM 1250 O  O     . HOH I 5 .  ? -18.111 -23.440 -1.430  1.00 27.78 ? 338 HOH A O     1 
HETATM 1251 O  O     . HOH I 5 .  ? -0.517  -9.601  -4.554  1.00 23.84 ? 344 HOH A O     1 
HETATM 1252 O  O     . HOH I 5 .  ? 6.538   3.878   -0.971  1.00 22.07 ? 349 HOH A O     1 
HETATM 1253 O  O     . HOH I 5 .  ? 1.111   8.016   -3.607  1.00 29.47 ? 354 HOH A O     1 
HETATM 1254 O  O     . HOH I 5 .  ? 9.044   14.274  0.211   1.00 37.09 ? 357 HOH A O     1 
HETATM 1255 O  O     . HOH I 5 .  ? -7.985  -10.198 6.603   1.00 24.53 ? 359 HOH A O     1 
HETATM 1256 O  O     . HOH I 5 .  ? -1.070  -12.238 -0.579  1.00 24.04 ? 361 HOH A O     1 
HETATM 1257 O  O     . HOH I 5 .  ? -1.118  10.135  11.472  1.00 31.39 ? 363 HOH A O     1 
HETATM 1258 O  O     . HOH I 5 .  ? -13.270 2.040   12.389  1.00 26.54 ? 364 HOH A O     1 
HETATM 1259 O  O     . HOH I 5 .  ? 0.465   5.502   -5.142  1.00 29.32 ? 365 HOH A O     1 
HETATM 1260 O  O     . HOH I 5 .  ? -19.219 -13.512 -1.944  1.00 27.34 ? 370 HOH A O     1 
HETATM 1261 O  O     . HOH I 5 .  ? -12.251 -9.745  5.666   1.00 26.01 ? 372 HOH A O     1 
HETATM 1262 O  O     . HOH I 5 .  ? -13.446 5.045   -3.317  1.00 43.65 ? 373 HOH A O     1 
HETATM 1263 O  O     . HOH I 5 .  ? 9.600   3.837   -4.758  1.00 26.43 ? 374 HOH A O     1 
HETATM 1264 O  O     . HOH I 5 .  ? -1.715  -0.648  -3.220  1.00 22.22 ? 377 HOH A O     1 
HETATM 1265 O  O     . HOH I 5 .  ? -4.126  -1.041  -4.804  1.00 23.60 ? 378 HOH A O     1 
HETATM 1266 O  O     . HOH I 5 .  ? -8.014  -2.020  -4.053  1.00 32.32 ? 383 HOH A O     1 
HETATM 1267 O  O     . HOH I 5 .  ? -14.860 2.776   1.242   1.00 24.84 ? 385 HOH A O     1 
HETATM 1268 O  O     . HOH I 5 .  ? -0.248  -14.913 -0.776  1.00 24.16 ? 386 HOH A O     1 
HETATM 1269 O  O     . HOH I 5 .  ? -14.369 -11.761 5.623   1.00 36.85 ? 390 HOH A O     1 
HETATM 1270 O  O     . HOH I 5 .  ? -14.207 -19.683 4.483   1.00 46.84 ? 391 HOH A O     1 
HETATM 1271 O  O     . HOH I 5 .  ? -12.151 -18.488 5.775   1.00 29.06 ? 392 HOH A O     1 
HETATM 1272 O  O     . HOH I 5 .  ? -2.925  -24.375 2.929   1.00 37.25 ? 393 HOH A O     1 
HETATM 1273 O  O     . HOH I 5 .  ? -17.786 -9.619  -5.599  1.00 32.41 ? 401 HOH A O     1 
HETATM 1274 O  O     . HOH I 5 .  ? -13.404 -6.778  8.939   1.00 60.29 ? 403 HOH A O     1 
HETATM 1275 O  O     . HOH I 5 .  ? 14.986  0.026   -5.225  1.00 34.70 ? 405 HOH A O     1 
HETATM 1276 O  O     . HOH I 5 .  ? 2.855   15.214  6.207   1.00 33.34 ? 406 HOH A O     1 
HETATM 1277 O  O     . HOH I 5 .  ? 14.102  -2.075  -11.512 1.00 39.47 ? 409 HOH A O     1 
HETATM 1278 O  O     . HOH I 5 .  ? 6.455   8.726   6.874   1.00 46.76 ? 412 HOH A O     1 
HETATM 1279 O  O     . HOH I 5 .  ? 6.376   9.404   3.935   1.00 48.11 ? 413 HOH A O     1 
HETATM 1280 O  O     . HOH I 5 .  ? -5.324  3.321   11.798  1.00 25.51 ? 414 HOH A O     1 
HETATM 1281 O  O     . HOH I 5 .  ? -7.735  4.911   12.573  1.00 41.91 ? 415 HOH A O     1 
HETATM 1282 O  O     . HOH I 5 .  ? -12.387 -14.823 11.378  1.00 36.02 ? 417 HOH A O     1 
HETATM 1283 O  O     . HOH I 5 .  ? -11.152 -16.941 10.034  1.00 35.10 ? 418 HOH A O     1 
HETATM 1284 O  O     . HOH I 5 .  ? -10.561 10.107  3.104   1.00 24.49 ? 422 HOH A O     1 
HETATM 1285 O  O     . HOH I 5 .  ? 0.623   1.504   12.597  1.00 32.12 ? 423 HOH A O     1 
HETATM 1286 O  O     . HOH I 5 .  ? -9.385  6.802   -1.160  1.00 46.05 ? 424 HOH A O     1 
HETATM 1287 O  O     . HOH I 5 .  ? 11.804  2.740   -10.585 1.00 34.92 ? 426 HOH A O     1 
HETATM 1288 O  O     . HOH I 5 .  ? 4.847   8.226   -1.478  1.00 34.70 ? 427 HOH A O     1 
HETATM 1289 O  O     . HOH I 5 .  ? -9.876  10.513  0.502   1.00 29.37 ? 430 HOH A O     1 
HETATM 1290 O  O     . HOH I 5 .  ? -17.660 -22.836 1.485   1.00 33.12 ? 431 HOH A O     1 
HETATM 1291 O  O     . HOH I 5 .  ? 6.785   6.813   -0.040  1.00 36.17 ? 433 HOH A O     1 
HETATM 1292 O  O     . HOH I 5 .  ? -2.107  0.926   12.981  1.00 43.97 ? 434 HOH A O     1 
HETATM 1293 O  O     . HOH I 5 .  ? -5.640  -30.917 1.801   1.00 46.38 ? 436 HOH A O     1 
# 
loop_
_pdbx_poly_seq_scheme.asym_id 
_pdbx_poly_seq_scheme.entity_id 
_pdbx_poly_seq_scheme.seq_id 
_pdbx_poly_seq_scheme.mon_id 
_pdbx_poly_seq_scheme.ndb_seq_num 
_pdbx_poly_seq_scheme.pdb_seq_num 
_pdbx_poly_seq_scheme.auth_seq_num 
_pdbx_poly_seq_scheme.pdb_mon_id 
_pdbx_poly_seq_scheme.auth_mon_id 
_pdbx_poly_seq_scheme.pdb_strand_id 
_pdbx_poly_seq_scheme.pdb_ins_code 
_pdbx_poly_seq_scheme.hetero 
A 1 1  DA  1  1   1   DA  A   B . n 
A 1 2  DG  2  2   2   DG  G   B . n 
A 1 3  DC  3  3   3   DC  C   B . n 
A 1 4  DG  4  4   4   DG  G   B . n 
A 1 5  DT  5  5   5   DT  T   B . n 
A 1 6  DG  6  6   6   DG  G   B . n 
A 1 7  DG  7  7   7   DG  G   B . n 
A 1 8  DG  8  8   8   DG  G   B . n 
A 1 9  DC  9  9   9   DC  C   B . n 
A 1 10 DG  10 10  10  DG  G   B . n 
A 1 11 DG  11 11  11  DG  G   B . n 
B 2 1  DT  1  51  51  DT  T   C . n 
B 2 2  DC  2  52  52  DC  C   C . n 
B 2 3  DC  3  53  53  DC  C   C . n 
B 2 4  DG  4  54  54  DG  G   C . n 
B 2 5  DC  5  55  55  DC  C   C . n 
B 2 6  DC  6  56  56  DC  C   C . n 
B 2 7  DC  7  57  57  DC  C   C . n 
B 2 8  DA  8  58  58  DA  A   C . n 
B 2 9  DC  9  59  59  DC  C   C . n 
B 2 10 DG  10 60  60  DG  G   C . n 
B 2 11 DC  11 61  61  DC  C   C . n 
C 3 1  MET 1  101 ?   ?   ?   A . n 
C 3 2  GLU 2  102 ?   ?   ?   A . n 
C 3 3  ARG 3  103 103 ARG ARG A . n 
C 3 4  PRO 4  104 104 PRO PRO A . n 
C 3 5  TYR 5  105 105 TYR TYR A . n 
C 3 6  ALA 6  106 106 ALA ALA A . n 
C 3 7  CYS 7  107 107 CYS CYS A . n 
C 3 8  PRO 8  108 108 PRO PRO A . n 
C 3 9  VAL 9  109 109 VAL VAL A . n 
C 3 10 GLU 10 110 110 GLU GLU A . n 
C 3 11 SER 11 111 111 SER SER A . n 
C 3 12 CYS 12 112 112 CYS CYS A . n 
C 3 13 ASP 13 113 113 ASP ASP A . n 
C 3 14 ARG 14 114 114 ARG ARG A . n 
C 3 15 ARG 15 115 115 ARG ARG A . n 
C 3 16 PHE 16 116 116 PHE PHE A . n 
C 3 17 SER 17 117 117 SER SER A . n 
C 3 18 ARG 18 118 118 ARG ARG A . n 
C 3 19 SER 19 119 119 SER SER A . n 
C 3 20 ALA 20 120 120 ALA ALA A . n 
C 3 21 GLU 21 121 121 GLU GLU A . n 
C 3 22 LEU 22 122 122 LEU LEU A . n 
C 3 23 THR 23 123 123 THR THR A . n 
C 3 24 ARG 24 124 124 ARG ARG A . n 
C 3 25 HIS 25 125 125 HIS HIS A . n 
C 3 26 ILE 26 126 126 ILE ILE A . n 
C 3 27 ARG 27 127 127 ARG ARG A . n 
C 3 28 ILE 28 128 128 ILE ILE A . n 
C 3 29 HIS 29 129 129 HIS HIS A . n 
C 3 30 THR 30 130 130 THR THR A . n 
C 3 31 GLY 31 131 131 GLY GLY A . n 
C 3 32 GLN 32 132 132 GLN GLN A . n 
C 3 33 LYS 33 133 133 LYS LYS A . n 
C 3 34 PRO 34 134 134 PRO PRO A . n 
C 3 35 PHE 35 135 135 PHE PHE A . n 
C 3 36 GLN 36 136 136 GLN GLN A . n 
C 3 37 CYS 37 137 137 CYS CYS A . n 
C 3 38 ARG 38 138 138 ARG ARG A . n 
C 3 39 ILE 39 139 139 ILE ILE A . n 
C 3 40 CYS 40 140 140 CYS CYS A . n 
C 3 41 MET 41 141 141 MET MET A . n 
C 3 42 ARG 42 142 142 ARG ARG A . n 
C 3 43 ASN 43 143 143 ASN ASN A . n 
C 3 44 PHE 44 144 144 PHE PHE A . n 
C 3 45 SER 45 145 145 SER SER A . n 
C 3 46 ARG 46 146 146 ARG ARG A . n 
C 3 47 SER 47 147 147 SER SER A . n 
C 3 48 ASP 48 148 148 ASP ASP A . n 
C 3 49 HIS 49 149 149 HIS HIS A . n 
C 3 50 LEU 50 150 150 LEU LEU A . n 
C 3 51 THR 51 151 151 THR THR A . n 
C 3 52 THR 52 152 152 THR THR A . n 
C 3 53 HIS 53 153 153 HIS HIS A . n 
C 3 54 ILE 54 154 154 ILE ILE A . n 
C 3 55 ARG 55 155 155 ARG ARG A . n 
C 3 56 THR 56 156 156 THR THR A . n 
C 3 57 HIS 57 157 157 HIS HIS A . n 
C 3 58 THR 58 158 158 THR THR A . n 
C 3 59 GLY 59 159 159 GLY GLY A . n 
C 3 60 GLU 60 160 160 GLU GLU A . n 
C 3 61 LYS 61 161 161 LYS LYS A . n 
C 3 62 PRO 62 162 162 PRO PRO A . n 
C 3 63 PHE 63 163 163 PHE PHE A . n 
C 3 64 ALA 64 164 164 ALA ALA A . n 
C 3 65 CYS 65 165 165 CYS CYS A . n 
C 3 66 ASP 66 166 166 ASP ASP A . n 
C 3 67 ILE 67 167 167 ILE ILE A . n 
C 3 68 CYS 68 168 168 CYS CYS A . n 
C 3 69 GLY 69 169 169 GLY GLY A . n 
C 3 70 ARG 70 170 170 ARG ARG A . n 
C 3 71 LYS 71 171 171 LYS LYS A . n 
C 3 72 PHE 72 172 172 PHE PHE A . n 
C 3 73 ALA 73 173 173 ALA ALA A . n 
C 3 74 ARG 74 174 174 ARG ARG A . n 
C 3 75 SER 75 175 175 SER SER A . n 
C 3 76 ASP 76 176 176 ASP ASP A . n 
C 3 77 GLU 77 177 177 GLU GLU A . n 
C 3 78 ARG 78 178 178 ARG ARG A . n 
C 3 79 LYS 79 179 179 LYS LYS A . n 
C 3 80 ARG 80 180 180 ARG ARG A . n 
C 3 81 HIS 81 181 181 HIS HIS A . n 
C 3 82 THR 82 182 182 THR THR A . n 
C 3 83 LYS 83 183 183 LYS LYS A . n 
C 3 84 ILE 84 184 184 ILE ILE A . n 
C 3 85 HIS 85 185 185 HIS HIS A . n 
C 3 86 LEU 86 186 186 LEU LEU A . n 
C 3 87 ARG 87 187 187 ARG ARG A . n 
C 3 88 GLN 88 188 ?   ?   ?   A . n 
C 3 89 LYS 89 189 ?   ?   ?   A . n 
C 3 90 ASP 90 190 ?   ?   ?   A . n 
# 
loop_
_pdbx_nonpoly_scheme.asym_id 
_pdbx_nonpoly_scheme.entity_id 
_pdbx_nonpoly_scheme.mon_id 
_pdbx_nonpoly_scheme.ndb_seq_num 
_pdbx_nonpoly_scheme.pdb_seq_num 
_pdbx_nonpoly_scheme.auth_seq_num 
_pdbx_nonpoly_scheme.pdb_mon_id 
_pdbx_nonpoly_scheme.auth_mon_id 
_pdbx_nonpoly_scheme.pdb_strand_id 
_pdbx_nonpoly_scheme.pdb_ins_code 
D 4 ZN  1  201 201 ZN  ZN  A . 
E 4 ZN  1  202 202 ZN  ZN  A . 
F 4 ZN  1  203 203 ZN  ZN  A . 
G 5 HOH 1  310 310 HOH HOH B . 
G 5 HOH 2  316 316 HOH HOH B . 
G 5 HOH 3  322 322 HOH HOH B . 
G 5 HOH 4  323 323 HOH HOH B . 
G 5 HOH 5  333 333 HOH HOH B . 
G 5 HOH 6  335 335 HOH HOH B . 
G 5 HOH 7  336 336 HOH HOH B . 
G 5 HOH 8  337 337 HOH HOH B . 
G 5 HOH 9  339 339 HOH HOH B . 
G 5 HOH 10 340 340 HOH HOH B . 
G 5 HOH 11 343 343 HOH HOH B . 
G 5 HOH 12 347 347 HOH HOH B . 
G 5 HOH 13 348 348 HOH HOH B . 
G 5 HOH 14 350 350 HOH HOH B . 
G 5 HOH 15 355 355 HOH HOH B . 
G 5 HOH 16 366 366 HOH HOH B . 
G 5 HOH 17 367 367 HOH HOH B . 
G 5 HOH 18 368 368 HOH HOH B . 
G 5 HOH 19 371 371 HOH HOH B . 
G 5 HOH 20 375 375 HOH HOH B . 
G 5 HOH 21 380 380 HOH HOH B . 
G 5 HOH 22 382 382 HOH HOH B . 
G 5 HOH 23 387 387 HOH HOH B . 
G 5 HOH 24 388 388 HOH HOH B . 
G 5 HOH 25 396 396 HOH HOH B . 
G 5 HOH 26 402 402 HOH HOH B . 
G 5 HOH 27 410 410 HOH HOH B . 
G 5 HOH 28 416 416 HOH HOH B . 
G 5 HOH 29 419 419 HOH HOH B . 
G 5 HOH 30 420 420 HOH HOH B . 
G 5 HOH 31 421 421 HOH HOH B . 
G 5 HOH 32 428 428 HOH HOH B . 
G 5 HOH 33 432 432 HOH HOH B . 
G 5 HOH 34 435 435 HOH HOH B . 
H 5 HOH 1  314 314 HOH HOH C . 
H 5 HOH 2  328 328 HOH HOH C . 
H 5 HOH 3  334 334 HOH HOH C . 
H 5 HOH 4  341 341 HOH HOH C . 
H 5 HOH 5  342 342 HOH HOH C . 
H 5 HOH 6  345 345 HOH HOH C . 
H 5 HOH 7  346 346 HOH HOH C . 
H 5 HOH 8  351 351 HOH HOH C . 
H 5 HOH 9  352 352 HOH HOH C . 
H 5 HOH 10 353 353 HOH HOH C . 
H 5 HOH 11 356 356 HOH HOH C . 
H 5 HOH 12 358 358 HOH HOH C . 
H 5 HOH 13 360 360 HOH HOH C . 
H 5 HOH 14 362 362 HOH HOH C . 
H 5 HOH 15 369 369 HOH HOH C . 
H 5 HOH 16 376 376 HOH HOH C . 
H 5 HOH 17 379 379 HOH HOH C . 
H 5 HOH 18 381 381 HOH HOH C . 
H 5 HOH 19 384 384 HOH HOH C . 
H 5 HOH 20 389 389 HOH HOH C . 
H 5 HOH 21 394 394 HOH HOH C . 
H 5 HOH 22 395 395 HOH HOH C . 
H 5 HOH 23 397 397 HOH HOH C . 
H 5 HOH 24 398 398 HOH HOH C . 
H 5 HOH 25 399 399 HOH HOH C . 
H 5 HOH 26 400 400 HOH HOH C . 
H 5 HOH 27 404 404 HOH HOH C . 
H 5 HOH 28 407 407 HOH HOH C . 
H 5 HOH 29 408 408 HOH HOH C . 
H 5 HOH 30 411 411 HOH HOH C . 
H 5 HOH 31 425 425 HOH HOH C . 
H 5 HOH 32 429 429 HOH HOH C . 
I 5 HOH 1  301 301 HOH HOH A . 
I 5 HOH 2  302 302 HOH HOH A . 
I 5 HOH 3  303 303 HOH HOH A . 
I 5 HOH 4  304 304 HOH HOH A . 
I 5 HOH 5  305 305 HOH HOH A . 
I 5 HOH 6  306 306 HOH HOH A . 
I 5 HOH 7  307 307 HOH HOH A . 
I 5 HOH 8  308 308 HOH HOH A . 
I 5 HOH 9  309 309 HOH HOH A . 
I 5 HOH 10 311 311 HOH HOH A . 
I 5 HOH 11 312 312 HOH HOH A . 
I 5 HOH 12 313 313 HOH HOH A . 
I 5 HOH 13 315 315 HOH HOH A . 
I 5 HOH 14 317 317 HOH HOH A . 
I 5 HOH 15 318 318 HOH HOH A . 
I 5 HOH 16 319 319 HOH HOH A . 
I 5 HOH 17 320 320 HOH HOH A . 
I 5 HOH 18 321 321 HOH HOH A . 
I 5 HOH 19 324 324 HOH HOH A . 
I 5 HOH 20 325 325 HOH HOH A . 
I 5 HOH 21 326 326 HOH HOH A . 
I 5 HOH 22 327 327 HOH HOH A . 
I 5 HOH 23 329 329 HOH HOH A . 
I 5 HOH 24 330 330 HOH HOH A . 
I 5 HOH 25 331 331 HOH HOH A . 
I 5 HOH 26 332 332 HOH HOH A . 
I 5 HOH 27 338 338 HOH HOH A . 
I 5 HOH 28 344 344 HOH HOH A . 
I 5 HOH 29 349 349 HOH HOH A . 
I 5 HOH 30 354 354 HOH HOH A . 
I 5 HOH 31 357 357 HOH HOH A . 
I 5 HOH 32 359 359 HOH HOH A . 
I 5 HOH 33 361 361 HOH HOH A . 
I 5 HOH 34 363 363 HOH HOH A . 
I 5 HOH 35 364 364 HOH HOH A . 
I 5 HOH 36 365 365 HOH HOH A . 
I 5 HOH 37 370 370 HOH HOH A . 
I 5 HOH 38 372 372 HOH HOH A . 
I 5 HOH 39 373 373 HOH HOH A . 
I 5 HOH 40 374 374 HOH HOH A . 
I 5 HOH 41 377 377 HOH HOH A . 
I 5 HOH 42 378 378 HOH HOH A . 
I 5 HOH 43 383 383 HOH HOH A . 
I 5 HOH 44 385 385 HOH HOH A . 
I 5 HOH 45 386 386 HOH HOH A . 
I 5 HOH 46 390 390 HOH HOH A . 
I 5 HOH 47 391 391 HOH HOH A . 
I 5 HOH 48 392 392 HOH HOH A . 
I 5 HOH 49 393 393 HOH HOH A . 
I 5 HOH 50 401 401 HOH HOH A . 
I 5 HOH 51 403 403 HOH HOH A . 
I 5 HOH 52 405 405 HOH HOH A . 
I 5 HOH 53 406 406 HOH HOH A . 
I 5 HOH 54 409 409 HOH HOH A . 
I 5 HOH 55 412 412 HOH HOH A . 
I 5 HOH 56 413 413 HOH HOH A . 
I 5 HOH 57 414 414 HOH HOH A . 
I 5 HOH 58 415 415 HOH HOH A . 
I 5 HOH 59 417 417 HOH HOH A . 
I 5 HOH 60 418 418 HOH HOH A . 
I 5 HOH 61 422 422 HOH HOH A . 
I 5 HOH 62 423 423 HOH HOH A . 
I 5 HOH 63 424 424 HOH HOH A . 
I 5 HOH 64 426 426 HOH HOH A . 
I 5 HOH 65 427 427 HOH HOH A . 
I 5 HOH 66 430 430 HOH HOH A . 
I 5 HOH 67 431 431 HOH HOH A . 
I 5 HOH 68 433 433 HOH HOH A . 
I 5 HOH 69 434 434 HOH HOH A . 
I 5 HOH 70 436 436 HOH HOH A . 
# 
_pdbx_struct_assembly.id                   1 
_pdbx_struct_assembly.details              author_defined_assembly 
_pdbx_struct_assembly.method_details       ? 
_pdbx_struct_assembly.oligomeric_details   trimeric 
_pdbx_struct_assembly.oligomeric_count     3 
# 
_pdbx_struct_assembly_gen.assembly_id       1 
_pdbx_struct_assembly_gen.oper_expression   1 
_pdbx_struct_assembly_gen.asym_id_list      A,B,C,D,E,F,G,H,I 
# 
_pdbx_struct_oper_list.id                   1 
_pdbx_struct_oper_list.type                 'identity operation' 
_pdbx_struct_oper_list.name                 1_555 
_pdbx_struct_oper_list.symmetry_operation   x,y,z 
_pdbx_struct_oper_list.matrix[1][1]         1.0000000000 
_pdbx_struct_oper_list.matrix[1][2]         0.0000000000 
_pdbx_struct_oper_list.matrix[1][3]         0.0000000000 
_pdbx_struct_oper_list.vector[1]            0.0000000000 
_pdbx_struct_oper_list.matrix[2][1]         0.0000000000 
_pdbx_struct_oper_list.matrix[2][2]         1.0000000000 
_pdbx_struct_oper_list.matrix[2][3]         0.0000000000 
_pdbx_struct_oper_list.vector[2]            0.0000000000 
_pdbx_struct_oper_list.matrix[3][1]         0.0000000000 
_pdbx_struct_oper_list.matrix[3][2]         0.0000000000 
_pdbx_struct_oper_list.matrix[3][3]         1.0000000000 
_pdbx_struct_oper_list.vector[3]            0.0000000000 
# 
loop_
_pdbx_struct_conn_angle.id 
_pdbx_struct_conn_angle.ptnr1_label_atom_id 
_pdbx_struct_conn_angle.ptnr1_label_alt_id 
_pdbx_struct_conn_angle.ptnr1_label_asym_id 
_pdbx_struct_conn_angle.ptnr1_label_comp_id 
_pdbx_struct_conn_angle.ptnr1_label_seq_id 
_pdbx_struct_conn_angle.ptnr1_auth_atom_id 
_pdbx_struct_conn_angle.ptnr1_auth_asym_id 
_pdbx_struct_conn_angle.ptnr1_auth_comp_id 
_pdbx_struct_conn_angle.ptnr1_auth_seq_id 
_pdbx_struct_conn_angle.ptnr1_PDB_ins_code 
_pdbx_struct_conn_angle.ptnr1_symmetry 
_pdbx_struct_conn_angle.ptnr2_label_atom_id 
_pdbx_struct_conn_angle.ptnr2_label_alt_id 
_pdbx_struct_conn_angle.ptnr2_label_asym_id 
_pdbx_struct_conn_angle.ptnr2_label_comp_id 
_pdbx_struct_conn_angle.ptnr2_label_seq_id 
_pdbx_struct_conn_angle.ptnr2_auth_atom_id 
_pdbx_struct_conn_angle.ptnr2_auth_asym_id 
_pdbx_struct_conn_angle.ptnr2_auth_comp_id 
_pdbx_struct_conn_angle.ptnr2_auth_seq_id 
_pdbx_struct_conn_angle.ptnr2_PDB_ins_code 
_pdbx_struct_conn_angle.ptnr2_symmetry 
_pdbx_struct_conn_angle.ptnr3_label_atom_id 
_pdbx_struct_conn_angle.ptnr3_label_alt_id 
_pdbx_struct_conn_angle.ptnr3_label_asym_id 
_pdbx_struct_conn_angle.ptnr3_label_comp_id 
_pdbx_struct_conn_angle.ptnr3_label_seq_id 
_pdbx_struct_conn_angle.ptnr3_auth_atom_id 
_pdbx_struct_conn_angle.ptnr3_auth_asym_id 
_pdbx_struct_conn_angle.ptnr3_auth_comp_id 
_pdbx_struct_conn_angle.ptnr3_auth_seq_id 
_pdbx_struct_conn_angle.ptnr3_PDB_ins_code 
_pdbx_struct_conn_angle.ptnr3_symmetry 
_pdbx_struct_conn_angle.value 
_pdbx_struct_conn_angle.value_esd 
1  SG  ? C CYS 7  ? A CYS 107 ? 1_555 ZN ? D ZN . ? A ZN 201 ? 1_555 SG  ? C CYS 12 ? A CYS 112 ? 1_555 106.9 ? 
2  SG  ? C CYS 7  ? A CYS 107 ? 1_555 ZN ? D ZN . ? A ZN 201 ? 1_555 NE2 ? C HIS 25 ? A HIS 125 ? 1_555 95.1  ? 
3  SG  ? C CYS 12 ? A CYS 112 ? 1_555 ZN ? D ZN . ? A ZN 201 ? 1_555 NE2 ? C HIS 25 ? A HIS 125 ? 1_555 92.5  ? 
4  SG  ? C CYS 7  ? A CYS 107 ? 1_555 ZN ? D ZN . ? A ZN 201 ? 1_555 NE2 ? C HIS 29 ? A HIS 129 ? 1_555 123.5 ? 
5  SG  ? C CYS 12 ? A CYS 112 ? 1_555 ZN ? D ZN . ? A ZN 201 ? 1_555 NE2 ? C HIS 29 ? A HIS 129 ? 1_555 118.4 ? 
6  NE2 ? C HIS 25 ? A HIS 125 ? 1_555 ZN ? D ZN . ? A ZN 201 ? 1_555 NE2 ? C HIS 29 ? A HIS 129 ? 1_555 113.8 ? 
7  SG  ? C CYS 37 ? A CYS 137 ? 1_555 ZN ? E ZN . ? A ZN 202 ? 1_555 SG  ? C CYS 40 ? A CYS 140 ? 1_555 117.9 ? 
8  SG  ? C CYS 37 ? A CYS 137 ? 1_555 ZN ? E ZN . ? A ZN 202 ? 1_555 NE2 ? C HIS 53 ? A HIS 153 ? 1_555 107.6 ? 
9  SG  ? C CYS 40 ? A CYS 140 ? 1_555 ZN ? E ZN . ? A ZN 202 ? 1_555 NE2 ? C HIS 53 ? A HIS 153 ? 1_555 108.9 ? 
10 SG  ? C CYS 37 ? A CYS 137 ? 1_555 ZN ? E ZN . ? A ZN 202 ? 1_555 NE2 ? C HIS 57 ? A HIS 157 ? 1_555 103.6 ? 
11 SG  ? C CYS 40 ? A CYS 140 ? 1_555 ZN ? E ZN . ? A ZN 202 ? 1_555 NE2 ? C HIS 57 ? A HIS 157 ? 1_555 115.1 ? 
12 NE2 ? C HIS 53 ? A HIS 153 ? 1_555 ZN ? E ZN . ? A ZN 202 ? 1_555 NE2 ? C HIS 57 ? A HIS 157 ? 1_555 102.5 ? 
13 SG  ? C CYS 65 ? A CYS 165 ? 1_555 ZN ? F ZN . ? A ZN 203 ? 1_555 SG  ? C CYS 68 ? A CYS 168 ? 1_555 116.1 ? 
14 SG  ? C CYS 65 ? A CYS 165 ? 1_555 ZN ? F ZN . ? A ZN 203 ? 1_555 NE2 ? C HIS 81 ? A HIS 181 ? 1_555 112.1 ? 
15 SG  ? C CYS 68 ? A CYS 168 ? 1_555 ZN ? F ZN . ? A ZN 203 ? 1_555 NE2 ? C HIS 81 ? A HIS 181 ? 1_555 100.8 ? 
16 SG  ? C CYS 65 ? A CYS 165 ? 1_555 ZN ? F ZN . ? A ZN 203 ? 1_555 NE2 ? C HIS 85 ? A HIS 185 ? 1_555 101.2 ? 
17 SG  ? C CYS 68 ? A CYS 168 ? 1_555 ZN ? F ZN . ? A ZN 203 ? 1_555 NE2 ? C HIS 85 ? A HIS 185 ? 1_555 121.7 ? 
18 NE2 ? C HIS 81 ? A HIS 181 ? 1_555 ZN ? F ZN . ? A ZN 203 ? 1_555 NE2 ? C HIS 85 ? A HIS 185 ? 1_555 104.7 ? 
# 
loop_
_pdbx_audit_revision_history.ordinal 
_pdbx_audit_revision_history.data_content_type 
_pdbx_audit_revision_history.major_revision 
_pdbx_audit_revision_history.minor_revision 
_pdbx_audit_revision_history.revision_date 
1 'Structure model' 1 0 2001-10-19 
2 'Structure model' 1 1 2008-04-27 
3 'Structure model' 1 2 2011-07-13 
4 'Structure model' 1 3 2021-10-27 
5 'Structure model' 1 4 2023-08-16 
# 
_pdbx_audit_revision_details.ordinal             1 
_pdbx_audit_revision_details.revision_ordinal    1 
_pdbx_audit_revision_details.data_content_type   'Structure model' 
_pdbx_audit_revision_details.provider            repository 
_pdbx_audit_revision_details.type                'Initial release' 
_pdbx_audit_revision_details.description         ? 
_pdbx_audit_revision_details.details             ? 
# 
loop_
_pdbx_audit_revision_group.ordinal 
_pdbx_audit_revision_group.revision_ordinal 
_pdbx_audit_revision_group.data_content_type 
_pdbx_audit_revision_group.group 
1 2 'Structure model' 'Version format compliance' 
2 3 'Structure model' 'Version format compliance' 
3 4 'Structure model' 'Database references'       
4 4 'Structure model' 'Derived calculations'      
5 5 'Structure model' 'Data collection'           
6 5 'Structure model' 'Refinement description'    
# 
loop_
_pdbx_audit_revision_category.ordinal 
_pdbx_audit_revision_category.revision_ordinal 
_pdbx_audit_revision_category.data_content_type 
_pdbx_audit_revision_category.category 
1 4 'Structure model' database_2                    
2 4 'Structure model' struct_conn                   
3 4 'Structure model' struct_ref_seq_dif            
4 4 'Structure model' struct_site                   
5 5 'Structure model' chem_comp_atom                
6 5 'Structure model' chem_comp_bond                
7 5 'Structure model' pdbx_initial_refinement_model 
# 
loop_
_pdbx_audit_revision_item.ordinal 
_pdbx_audit_revision_item.revision_ordinal 
_pdbx_audit_revision_item.data_content_type 
_pdbx_audit_revision_item.item 
1  4 'Structure model' '_database_2.pdbx_DOI'                
2  4 'Structure model' '_database_2.pdbx_database_accession' 
3  4 'Structure model' '_struct_conn.ptnr1_auth_comp_id'     
4  4 'Structure model' '_struct_conn.ptnr1_auth_seq_id'      
5  4 'Structure model' '_struct_conn.ptnr1_label_asym_id'    
6  4 'Structure model' '_struct_conn.ptnr1_label_atom_id'    
7  4 'Structure model' '_struct_conn.ptnr1_label_comp_id'    
8  4 'Structure model' '_struct_conn.ptnr1_label_seq_id'     
9  4 'Structure model' '_struct_conn.ptnr2_auth_comp_id'     
10 4 'Structure model' '_struct_conn.ptnr2_auth_seq_id'      
11 4 'Structure model' '_struct_conn.ptnr2_label_asym_id'    
12 4 'Structure model' '_struct_conn.ptnr2_label_atom_id'    
13 4 'Structure model' '_struct_conn.ptnr2_label_comp_id'    
14 4 'Structure model' '_struct_conn.ptnr2_label_seq_id'     
15 4 'Structure model' '_struct_ref_seq_dif.details'         
16 4 'Structure model' '_struct_site.pdbx_auth_asym_id'      
17 4 'Structure model' '_struct_site.pdbx_auth_comp_id'      
18 4 'Structure model' '_struct_site.pdbx_auth_seq_id'       
# 
loop_
_software.name 
_software.classification 
_software.version 
_software.citation_id 
_software.pdbx_ordinal 
X-PLOR    'model building' .     ? 1 
X-PLOR    refinement       3.851 ? 2 
DENZO     'data reduction' .     ? 3 
SCALEPACK 'data scaling'   .     ? 4 
X-PLOR    phasing          .     ? 5 
# 
_pdbx_database_remark.id     650 
_pdbx_database_remark.text   
;HELIX
DETERMINATION METHOD: AUTHOR
;
# 
loop_
_pdbx_validate_rmsd_angle.id 
_pdbx_validate_rmsd_angle.PDB_model_num 
_pdbx_validate_rmsd_angle.auth_atom_id_1 
_pdbx_validate_rmsd_angle.auth_asym_id_1 
_pdbx_validate_rmsd_angle.auth_comp_id_1 
_pdbx_validate_rmsd_angle.auth_seq_id_1 
_pdbx_validate_rmsd_angle.PDB_ins_code_1 
_pdbx_validate_rmsd_angle.label_alt_id_1 
_pdbx_validate_rmsd_angle.auth_atom_id_2 
_pdbx_validate_rmsd_angle.auth_asym_id_2 
_pdbx_validate_rmsd_angle.auth_comp_id_2 
_pdbx_validate_rmsd_angle.auth_seq_id_2 
_pdbx_validate_rmsd_angle.PDB_ins_code_2 
_pdbx_validate_rmsd_angle.label_alt_id_2 
_pdbx_validate_rmsd_angle.auth_atom_id_3 
_pdbx_validate_rmsd_angle.auth_asym_id_3 
_pdbx_validate_rmsd_angle.auth_comp_id_3 
_pdbx_validate_rmsd_angle.auth_seq_id_3 
_pdbx_validate_rmsd_angle.PDB_ins_code_3 
_pdbx_validate_rmsd_angle.label_alt_id_3 
_pdbx_validate_rmsd_angle.angle_value 
_pdbx_validate_rmsd_angle.angle_target_value 
_pdbx_validate_rmsd_angle.angle_deviation 
_pdbx_validate_rmsd_angle.angle_standard_deviation 
_pdbx_validate_rmsd_angle.linker_flag 
1 1 C  A LYS 133 ? ? N  A PRO 134 ? ? CA  A PRO 134 ? ? 130.94 119.30 11.64 1.50 Y 
2 1 NE A ARG 178 ? ? CZ A ARG 178 ? ? NH1 A ARG 178 ? ? 117.21 120.30 -3.09 0.50 N 
# 
_pdbx_validate_planes.id              1 
_pdbx_validate_planes.PDB_model_num   1 
_pdbx_validate_planes.auth_comp_id    DC 
_pdbx_validate_planes.auth_asym_id    B 
_pdbx_validate_planes.auth_seq_id     3 
_pdbx_validate_planes.PDB_ins_code    ? 
_pdbx_validate_planes.label_alt_id    ? 
_pdbx_validate_planes.rmsd            0.061 
_pdbx_validate_planes.type            'SIDE CHAIN' 
# 
loop_
_pdbx_unobs_or_zero_occ_residues.id 
_pdbx_unobs_or_zero_occ_residues.PDB_model_num 
_pdbx_unobs_or_zero_occ_residues.polymer_flag 
_pdbx_unobs_or_zero_occ_residues.occupancy_flag 
_pdbx_unobs_or_zero_occ_residues.auth_asym_id 
_pdbx_unobs_or_zero_occ_residues.auth_comp_id 
_pdbx_unobs_or_zero_occ_residues.auth_seq_id 
_pdbx_unobs_or_zero_occ_residues.PDB_ins_code 
_pdbx_unobs_or_zero_occ_residues.label_asym_id 
_pdbx_unobs_or_zero_occ_residues.label_comp_id 
_pdbx_unobs_or_zero_occ_residues.label_seq_id 
1 1 Y 1 A MET 101 ? C MET 1  
2 1 Y 1 A GLU 102 ? C GLU 2  
3 1 Y 1 A GLN 188 ? C GLN 88 
4 1 Y 1 A LYS 189 ? C LYS 89 
5 1 Y 1 A ASP 190 ? C ASP 90 
# 
loop_
_chem_comp_atom.comp_id 
_chem_comp_atom.atom_id 
_chem_comp_atom.type_symbol 
_chem_comp_atom.pdbx_aromatic_flag 
_chem_comp_atom.pdbx_stereo_config 
_chem_comp_atom.pdbx_ordinal 
ALA N      N  N N 1   
ALA CA     C  N S 2   
ALA C      C  N N 3   
ALA O      O  N N 4   
ALA CB     C  N N 5   
ALA OXT    O  N N 6   
ALA H      H  N N 7   
ALA H2     H  N N 8   
ALA HA     H  N N 9   
ALA HB1    H  N N 10  
ALA HB2    H  N N 11  
ALA HB3    H  N N 12  
ALA HXT    H  N N 13  
ARG N      N  N N 14  
ARG CA     C  N S 15  
ARG C      C  N N 16  
ARG O      O  N N 17  
ARG CB     C  N N 18  
ARG CG     C  N N 19  
ARG CD     C  N N 20  
ARG NE     N  N N 21  
ARG CZ     C  N N 22  
ARG NH1    N  N N 23  
ARG NH2    N  N N 24  
ARG OXT    O  N N 25  
ARG H      H  N N 26  
ARG H2     H  N N 27  
ARG HA     H  N N 28  
ARG HB2    H  N N 29  
ARG HB3    H  N N 30  
ARG HG2    H  N N 31  
ARG HG3    H  N N 32  
ARG HD2    H  N N 33  
ARG HD3    H  N N 34  
ARG HE     H  N N 35  
ARG HH11   H  N N 36  
ARG HH12   H  N N 37  
ARG HH21   H  N N 38  
ARG HH22   H  N N 39  
ARG HXT    H  N N 40  
ASN N      N  N N 41  
ASN CA     C  N S 42  
ASN C      C  N N 43  
ASN O      O  N N 44  
ASN CB     C  N N 45  
ASN CG     C  N N 46  
ASN OD1    O  N N 47  
ASN ND2    N  N N 48  
ASN OXT    O  N N 49  
ASN H      H  N N 50  
ASN H2     H  N N 51  
ASN HA     H  N N 52  
ASN HB2    H  N N 53  
ASN HB3    H  N N 54  
ASN HD21   H  N N 55  
ASN HD22   H  N N 56  
ASN HXT    H  N N 57  
ASP N      N  N N 58  
ASP CA     C  N S 59  
ASP C      C  N N 60  
ASP O      O  N N 61  
ASP CB     C  N N 62  
ASP CG     C  N N 63  
ASP OD1    O  N N 64  
ASP OD2    O  N N 65  
ASP OXT    O  N N 66  
ASP H      H  N N 67  
ASP H2     H  N N 68  
ASP HA     H  N N 69  
ASP HB2    H  N N 70  
ASP HB3    H  N N 71  
ASP HD2    H  N N 72  
ASP HXT    H  N N 73  
CYS N      N  N N 74  
CYS CA     C  N R 75  
CYS C      C  N N 76  
CYS O      O  N N 77  
CYS CB     C  N N 78  
CYS SG     S  N N 79  
CYS OXT    O  N N 80  
CYS H      H  N N 81  
CYS H2     H  N N 82  
CYS HA     H  N N 83  
CYS HB2    H  N N 84  
CYS HB3    H  N N 85  
CYS HG     H  N N 86  
CYS HXT    H  N N 87  
DA  OP3    O  N N 88  
DA  P      P  N N 89  
DA  OP1    O  N N 90  
DA  OP2    O  N N 91  
DA  "O5'"  O  N N 92  
DA  "C5'"  C  N N 93  
DA  "C4'"  C  N R 94  
DA  "O4'"  O  N N 95  
DA  "C3'"  C  N S 96  
DA  "O3'"  O  N N 97  
DA  "C2'"  C  N N 98  
DA  "C1'"  C  N R 99  
DA  N9     N  Y N 100 
DA  C8     C  Y N 101 
DA  N7     N  Y N 102 
DA  C5     C  Y N 103 
DA  C6     C  Y N 104 
DA  N6     N  N N 105 
DA  N1     N  Y N 106 
DA  C2     C  Y N 107 
DA  N3     N  Y N 108 
DA  C4     C  Y N 109 
DA  HOP3   H  N N 110 
DA  HOP2   H  N N 111 
DA  "H5'"  H  N N 112 
DA  "H5''" H  N N 113 
DA  "H4'"  H  N N 114 
DA  "H3'"  H  N N 115 
DA  "HO3'" H  N N 116 
DA  "H2'"  H  N N 117 
DA  "H2''" H  N N 118 
DA  "H1'"  H  N N 119 
DA  H8     H  N N 120 
DA  H61    H  N N 121 
DA  H62    H  N N 122 
DA  H2     H  N N 123 
DC  OP3    O  N N 124 
DC  P      P  N N 125 
DC  OP1    O  N N 126 
DC  OP2    O  N N 127 
DC  "O5'"  O  N N 128 
DC  "C5'"  C  N N 129 
DC  "C4'"  C  N R 130 
DC  "O4'"  O  N N 131 
DC  "C3'"  C  N S 132 
DC  "O3'"  O  N N 133 
DC  "C2'"  C  N N 134 
DC  "C1'"  C  N R 135 
DC  N1     N  N N 136 
DC  C2     C  N N 137 
DC  O2     O  N N 138 
DC  N3     N  N N 139 
DC  C4     C  N N 140 
DC  N4     N  N N 141 
DC  C5     C  N N 142 
DC  C6     C  N N 143 
DC  HOP3   H  N N 144 
DC  HOP2   H  N N 145 
DC  "H5'"  H  N N 146 
DC  "H5''" H  N N 147 
DC  "H4'"  H  N N 148 
DC  "H3'"  H  N N 149 
DC  "HO3'" H  N N 150 
DC  "H2'"  H  N N 151 
DC  "H2''" H  N N 152 
DC  "H1'"  H  N N 153 
DC  H41    H  N N 154 
DC  H42    H  N N 155 
DC  H5     H  N N 156 
DC  H6     H  N N 157 
DG  OP3    O  N N 158 
DG  P      P  N N 159 
DG  OP1    O  N N 160 
DG  OP2    O  N N 161 
DG  "O5'"  O  N N 162 
DG  "C5'"  C  N N 163 
DG  "C4'"  C  N R 164 
DG  "O4'"  O  N N 165 
DG  "C3'"  C  N S 166 
DG  "O3'"  O  N N 167 
DG  "C2'"  C  N N 168 
DG  "C1'"  C  N R 169 
DG  N9     N  Y N 170 
DG  C8     C  Y N 171 
DG  N7     N  Y N 172 
DG  C5     C  Y N 173 
DG  C6     C  N N 174 
DG  O6     O  N N 175 
DG  N1     N  N N 176 
DG  C2     C  N N 177 
DG  N2     N  N N 178 
DG  N3     N  N N 179 
DG  C4     C  Y N 180 
DG  HOP3   H  N N 181 
DG  HOP2   H  N N 182 
DG  "H5'"  H  N N 183 
DG  "H5''" H  N N 184 
DG  "H4'"  H  N N 185 
DG  "H3'"  H  N N 186 
DG  "HO3'" H  N N 187 
DG  "H2'"  H  N N 188 
DG  "H2''" H  N N 189 
DG  "H1'"  H  N N 190 
DG  H8     H  N N 191 
DG  H1     H  N N 192 
DG  H21    H  N N 193 
DG  H22    H  N N 194 
DT  OP3    O  N N 195 
DT  P      P  N N 196 
DT  OP1    O  N N 197 
DT  OP2    O  N N 198 
DT  "O5'"  O  N N 199 
DT  "C5'"  C  N N 200 
DT  "C4'"  C  N R 201 
DT  "O4'"  O  N N 202 
DT  "C3'"  C  N S 203 
DT  "O3'"  O  N N 204 
DT  "C2'"  C  N N 205 
DT  "C1'"  C  N R 206 
DT  N1     N  N N 207 
DT  C2     C  N N 208 
DT  O2     O  N N 209 
DT  N3     N  N N 210 
DT  C4     C  N N 211 
DT  O4     O  N N 212 
DT  C5     C  N N 213 
DT  C7     C  N N 214 
DT  C6     C  N N 215 
DT  HOP3   H  N N 216 
DT  HOP2   H  N N 217 
DT  "H5'"  H  N N 218 
DT  "H5''" H  N N 219 
DT  "H4'"  H  N N 220 
DT  "H3'"  H  N N 221 
DT  "HO3'" H  N N 222 
DT  "H2'"  H  N N 223 
DT  "H2''" H  N N 224 
DT  "H1'"  H  N N 225 
DT  H3     H  N N 226 
DT  H71    H  N N 227 
DT  H72    H  N N 228 
DT  H73    H  N N 229 
DT  H6     H  N N 230 
GLN N      N  N N 231 
GLN CA     C  N S 232 
GLN C      C  N N 233 
GLN O      O  N N 234 
GLN CB     C  N N 235 
GLN CG     C  N N 236 
GLN CD     C  N N 237 
GLN OE1    O  N N 238 
GLN NE2    N  N N 239 
GLN OXT    O  N N 240 
GLN H      H  N N 241 
GLN H2     H  N N 242 
GLN HA     H  N N 243 
GLN HB2    H  N N 244 
GLN HB3    H  N N 245 
GLN HG2    H  N N 246 
GLN HG3    H  N N 247 
GLN HE21   H  N N 248 
GLN HE22   H  N N 249 
GLN HXT    H  N N 250 
GLU N      N  N N 251 
GLU CA     C  N S 252 
GLU C      C  N N 253 
GLU O      O  N N 254 
GLU CB     C  N N 255 
GLU CG     C  N N 256 
GLU CD     C  N N 257 
GLU OE1    O  N N 258 
GLU OE2    O  N N 259 
GLU OXT    O  N N 260 
GLU H      H  N N 261 
GLU H2     H  N N 262 
GLU HA     H  N N 263 
GLU HB2    H  N N 264 
GLU HB3    H  N N 265 
GLU HG2    H  N N 266 
GLU HG3    H  N N 267 
GLU HE2    H  N N 268 
GLU HXT    H  N N 269 
GLY N      N  N N 270 
GLY CA     C  N N 271 
GLY C      C  N N 272 
GLY O      O  N N 273 
GLY OXT    O  N N 274 
GLY H      H  N N 275 
GLY H2     H  N N 276 
GLY HA2    H  N N 277 
GLY HA3    H  N N 278 
GLY HXT    H  N N 279 
HIS N      N  N N 280 
HIS CA     C  N S 281 
HIS C      C  N N 282 
HIS O      O  N N 283 
HIS CB     C  N N 284 
HIS CG     C  Y N 285 
HIS ND1    N  Y N 286 
HIS CD2    C  Y N 287 
HIS CE1    C  Y N 288 
HIS NE2    N  Y N 289 
HIS OXT    O  N N 290 
HIS H      H  N N 291 
HIS H2     H  N N 292 
HIS HA     H  N N 293 
HIS HB2    H  N N 294 
HIS HB3    H  N N 295 
HIS HD1    H  N N 296 
HIS HD2    H  N N 297 
HIS HE1    H  N N 298 
HIS HE2    H  N N 299 
HIS HXT    H  N N 300 
HOH O      O  N N 301 
HOH H1     H  N N 302 
HOH H2     H  N N 303 
ILE N      N  N N 304 
ILE CA     C  N S 305 
ILE C      C  N N 306 
ILE O      O  N N 307 
ILE CB     C  N S 308 
ILE CG1    C  N N 309 
ILE CG2    C  N N 310 
ILE CD1    C  N N 311 
ILE OXT    O  N N 312 
ILE H      H  N N 313 
ILE H2     H  N N 314 
ILE HA     H  N N 315 
ILE HB     H  N N 316 
ILE HG12   H  N N 317 
ILE HG13   H  N N 318 
ILE HG21   H  N N 319 
ILE HG22   H  N N 320 
ILE HG23   H  N N 321 
ILE HD11   H  N N 322 
ILE HD12   H  N N 323 
ILE HD13   H  N N 324 
ILE HXT    H  N N 325 
LEU N      N  N N 326 
LEU CA     C  N S 327 
LEU C      C  N N 328 
LEU O      O  N N 329 
LEU CB     C  N N 330 
LEU CG     C  N N 331 
LEU CD1    C  N N 332 
LEU CD2    C  N N 333 
LEU OXT    O  N N 334 
LEU H      H  N N 335 
LEU H2     H  N N 336 
LEU HA     H  N N 337 
LEU HB2    H  N N 338 
LEU HB3    H  N N 339 
LEU HG     H  N N 340 
LEU HD11   H  N N 341 
LEU HD12   H  N N 342 
LEU HD13   H  N N 343 
LEU HD21   H  N N 344 
LEU HD22   H  N N 345 
LEU HD23   H  N N 346 
LEU HXT    H  N N 347 
LYS N      N  N N 348 
LYS CA     C  N S 349 
LYS C      C  N N 350 
LYS O      O  N N 351 
LYS CB     C  N N 352 
LYS CG     C  N N 353 
LYS CD     C  N N 354 
LYS CE     C  N N 355 
LYS NZ     N  N N 356 
LYS OXT    O  N N 357 
LYS H      H  N N 358 
LYS H2     H  N N 359 
LYS HA     H  N N 360 
LYS HB2    H  N N 361 
LYS HB3    H  N N 362 
LYS HG2    H  N N 363 
LYS HG3    H  N N 364 
LYS HD2    H  N N 365 
LYS HD3    H  N N 366 
LYS HE2    H  N N 367 
LYS HE3    H  N N 368 
LYS HZ1    H  N N 369 
LYS HZ2    H  N N 370 
LYS HZ3    H  N N 371 
LYS HXT    H  N N 372 
MET N      N  N N 373 
MET CA     C  N S 374 
MET C      C  N N 375 
MET O      O  N N 376 
MET CB     C  N N 377 
MET CG     C  N N 378 
MET SD     S  N N 379 
MET CE     C  N N 380 
MET OXT    O  N N 381 
MET H      H  N N 382 
MET H2     H  N N 383 
MET HA     H  N N 384 
MET HB2    H  N N 385 
MET HB3    H  N N 386 
MET HG2    H  N N 387 
MET HG3    H  N N 388 
MET HE1    H  N N 389 
MET HE2    H  N N 390 
MET HE3    H  N N 391 
MET HXT    H  N N 392 
PHE N      N  N N 393 
PHE CA     C  N S 394 
PHE C      C  N N 395 
PHE O      O  N N 396 
PHE CB     C  N N 397 
PHE CG     C  Y N 398 
PHE CD1    C  Y N 399 
PHE CD2    C  Y N 400 
PHE CE1    C  Y N 401 
PHE CE2    C  Y N 402 
PHE CZ     C  Y N 403 
PHE OXT    O  N N 404 
PHE H      H  N N 405 
PHE H2     H  N N 406 
PHE HA     H  N N 407 
PHE HB2    H  N N 408 
PHE HB3    H  N N 409 
PHE HD1    H  N N 410 
PHE HD2    H  N N 411 
PHE HE1    H  N N 412 
PHE HE2    H  N N 413 
PHE HZ     H  N N 414 
PHE HXT    H  N N 415 
PRO N      N  N N 416 
PRO CA     C  N S 417 
PRO C      C  N N 418 
PRO O      O  N N 419 
PRO CB     C  N N 420 
PRO CG     C  N N 421 
PRO CD     C  N N 422 
PRO OXT    O  N N 423 
PRO H      H  N N 424 
PRO HA     H  N N 425 
PRO HB2    H  N N 426 
PRO HB3    H  N N 427 
PRO HG2    H  N N 428 
PRO HG3    H  N N 429 
PRO HD2    H  N N 430 
PRO HD3    H  N N 431 
PRO HXT    H  N N 432 
SER N      N  N N 433 
SER CA     C  N S 434 
SER C      C  N N 435 
SER O      O  N N 436 
SER CB     C  N N 437 
SER OG     O  N N 438 
SER OXT    O  N N 439 
SER H      H  N N 440 
SER H2     H  N N 441 
SER HA     H  N N 442 
SER HB2    H  N N 443 
SER HB3    H  N N 444 
SER HG     H  N N 445 
SER HXT    H  N N 446 
THR N      N  N N 447 
THR CA     C  N S 448 
THR C      C  N N 449 
THR O      O  N N 450 
THR CB     C  N R 451 
THR OG1    O  N N 452 
THR CG2    C  N N 453 
THR OXT    O  N N 454 
THR H      H  N N 455 
THR H2     H  N N 456 
THR HA     H  N N 457 
THR HB     H  N N 458 
THR HG1    H  N N 459 
THR HG21   H  N N 460 
THR HG22   H  N N 461 
THR HG23   H  N N 462 
THR HXT    H  N N 463 
TYR N      N  N N 464 
TYR CA     C  N S 465 
TYR C      C  N N 466 
TYR O      O  N N 467 
TYR CB     C  N N 468 
TYR CG     C  Y N 469 
TYR CD1    C  Y N 470 
TYR CD2    C  Y N 471 
TYR CE1    C  Y N 472 
TYR CE2    C  Y N 473 
TYR CZ     C  Y N 474 
TYR OH     O  N N 475 
TYR OXT    O  N N 476 
TYR H      H  N N 477 
TYR H2     H  N N 478 
TYR HA     H  N N 479 
TYR HB2    H  N N 480 
TYR HB3    H  N N 481 
TYR HD1    H  N N 482 
TYR HD2    H  N N 483 
TYR HE1    H  N N 484 
TYR HE2    H  N N 485 
TYR HH     H  N N 486 
TYR HXT    H  N N 487 
VAL N      N  N N 488 
VAL CA     C  N S 489 
VAL C      C  N N 490 
VAL O      O  N N 491 
VAL CB     C  N N 492 
VAL CG1    C  N N 493 
VAL CG2    C  N N 494 
VAL OXT    O  N N 495 
VAL H      H  N N 496 
VAL H2     H  N N 497 
VAL HA     H  N N 498 
VAL HB     H  N N 499 
VAL HG11   H  N N 500 
VAL HG12   H  N N 501 
VAL HG13   H  N N 502 
VAL HG21   H  N N 503 
VAL HG22   H  N N 504 
VAL HG23   H  N N 505 
VAL HXT    H  N N 506 
ZN  ZN     ZN N N 507 
# 
loop_
_chem_comp_bond.comp_id 
_chem_comp_bond.atom_id_1 
_chem_comp_bond.atom_id_2 
_chem_comp_bond.value_order 
_chem_comp_bond.pdbx_aromatic_flag 
_chem_comp_bond.pdbx_stereo_config 
_chem_comp_bond.pdbx_ordinal 
ALA N     CA     sing N N 1   
ALA N     H      sing N N 2   
ALA N     H2     sing N N 3   
ALA CA    C      sing N N 4   
ALA CA    CB     sing N N 5   
ALA CA    HA     sing N N 6   
ALA C     O      doub N N 7   
ALA C     OXT    sing N N 8   
ALA CB    HB1    sing N N 9   
ALA CB    HB2    sing N N 10  
ALA CB    HB3    sing N N 11  
ALA OXT   HXT    sing N N 12  
ARG N     CA     sing N N 13  
ARG N     H      sing N N 14  
ARG N     H2     sing N N 15  
ARG CA    C      sing N N 16  
ARG CA    CB     sing N N 17  
ARG CA    HA     sing N N 18  
ARG C     O      doub N N 19  
ARG C     OXT    sing N N 20  
ARG CB    CG     sing N N 21  
ARG CB    HB2    sing N N 22  
ARG CB    HB3    sing N N 23  
ARG CG    CD     sing N N 24  
ARG CG    HG2    sing N N 25  
ARG CG    HG3    sing N N 26  
ARG CD    NE     sing N N 27  
ARG CD    HD2    sing N N 28  
ARG CD    HD3    sing N N 29  
ARG NE    CZ     sing N N 30  
ARG NE    HE     sing N N 31  
ARG CZ    NH1    sing N N 32  
ARG CZ    NH2    doub N N 33  
ARG NH1   HH11   sing N N 34  
ARG NH1   HH12   sing N N 35  
ARG NH2   HH21   sing N N 36  
ARG NH2   HH22   sing N N 37  
ARG OXT   HXT    sing N N 38  
ASN N     CA     sing N N 39  
ASN N     H      sing N N 40  
ASN N     H2     sing N N 41  
ASN CA    C      sing N N 42  
ASN CA    CB     sing N N 43  
ASN CA    HA     sing N N 44  
ASN C     O      doub N N 45  
ASN C     OXT    sing N N 46  
ASN CB    CG     sing N N 47  
ASN CB    HB2    sing N N 48  
ASN CB    HB3    sing N N 49  
ASN CG    OD1    doub N N 50  
ASN CG    ND2    sing N N 51  
ASN ND2   HD21   sing N N 52  
ASN ND2   HD22   sing N N 53  
ASN OXT   HXT    sing N N 54  
ASP N     CA     sing N N 55  
ASP N     H      sing N N 56  
ASP N     H2     sing N N 57  
ASP CA    C      sing N N 58  
ASP CA    CB     sing N N 59  
ASP CA    HA     sing N N 60  
ASP C     O      doub N N 61  
ASP C     OXT    sing N N 62  
ASP CB    CG     sing N N 63  
ASP CB    HB2    sing N N 64  
ASP CB    HB3    sing N N 65  
ASP CG    OD1    doub N N 66  
ASP CG    OD2    sing N N 67  
ASP OD2   HD2    sing N N 68  
ASP OXT   HXT    sing N N 69  
CYS N     CA     sing N N 70  
CYS N     H      sing N N 71  
CYS N     H2     sing N N 72  
CYS CA    C      sing N N 73  
CYS CA    CB     sing N N 74  
CYS CA    HA     sing N N 75  
CYS C     O      doub N N 76  
CYS C     OXT    sing N N 77  
CYS CB    SG     sing N N 78  
CYS CB    HB2    sing N N 79  
CYS CB    HB3    sing N N 80  
CYS SG    HG     sing N N 81  
CYS OXT   HXT    sing N N 82  
DA  OP3   P      sing N N 83  
DA  OP3   HOP3   sing N N 84  
DA  P     OP1    doub N N 85  
DA  P     OP2    sing N N 86  
DA  P     "O5'"  sing N N 87  
DA  OP2   HOP2   sing N N 88  
DA  "O5'" "C5'"  sing N N 89  
DA  "C5'" "C4'"  sing N N 90  
DA  "C5'" "H5'"  sing N N 91  
DA  "C5'" "H5''" sing N N 92  
DA  "C4'" "O4'"  sing N N 93  
DA  "C4'" "C3'"  sing N N 94  
DA  "C4'" "H4'"  sing N N 95  
DA  "O4'" "C1'"  sing N N 96  
DA  "C3'" "O3'"  sing N N 97  
DA  "C3'" "C2'"  sing N N 98  
DA  "C3'" "H3'"  sing N N 99  
DA  "O3'" "HO3'" sing N N 100 
DA  "C2'" "C1'"  sing N N 101 
DA  "C2'" "H2'"  sing N N 102 
DA  "C2'" "H2''" sing N N 103 
DA  "C1'" N9     sing N N 104 
DA  "C1'" "H1'"  sing N N 105 
DA  N9    C8     sing Y N 106 
DA  N9    C4     sing Y N 107 
DA  C8    N7     doub Y N 108 
DA  C8    H8     sing N N 109 
DA  N7    C5     sing Y N 110 
DA  C5    C6     sing Y N 111 
DA  C5    C4     doub Y N 112 
DA  C6    N6     sing N N 113 
DA  C6    N1     doub Y N 114 
DA  N6    H61    sing N N 115 
DA  N6    H62    sing N N 116 
DA  N1    C2     sing Y N 117 
DA  C2    N3     doub Y N 118 
DA  C2    H2     sing N N 119 
DA  N3    C4     sing Y N 120 
DC  OP3   P      sing N N 121 
DC  OP3   HOP3   sing N N 122 
DC  P     OP1    doub N N 123 
DC  P     OP2    sing N N 124 
DC  P     "O5'"  sing N N 125 
DC  OP2   HOP2   sing N N 126 
DC  "O5'" "C5'"  sing N N 127 
DC  "C5'" "C4'"  sing N N 128 
DC  "C5'" "H5'"  sing N N 129 
DC  "C5'" "H5''" sing N N 130 
DC  "C4'" "O4'"  sing N N 131 
DC  "C4'" "C3'"  sing N N 132 
DC  "C4'" "H4'"  sing N N 133 
DC  "O4'" "C1'"  sing N N 134 
DC  "C3'" "O3'"  sing N N 135 
DC  "C3'" "C2'"  sing N N 136 
DC  "C3'" "H3'"  sing N N 137 
DC  "O3'" "HO3'" sing N N 138 
DC  "C2'" "C1'"  sing N N 139 
DC  "C2'" "H2'"  sing N N 140 
DC  "C2'" "H2''" sing N N 141 
DC  "C1'" N1     sing N N 142 
DC  "C1'" "H1'"  sing N N 143 
DC  N1    C2     sing N N 144 
DC  N1    C6     sing N N 145 
DC  C2    O2     doub N N 146 
DC  C2    N3     sing N N 147 
DC  N3    C4     doub N N 148 
DC  C4    N4     sing N N 149 
DC  C4    C5     sing N N 150 
DC  N4    H41    sing N N 151 
DC  N4    H42    sing N N 152 
DC  C5    C6     doub N N 153 
DC  C5    H5     sing N N 154 
DC  C6    H6     sing N N 155 
DG  OP3   P      sing N N 156 
DG  OP3   HOP3   sing N N 157 
DG  P     OP1    doub N N 158 
DG  P     OP2    sing N N 159 
DG  P     "O5'"  sing N N 160 
DG  OP2   HOP2   sing N N 161 
DG  "O5'" "C5'"  sing N N 162 
DG  "C5'" "C4'"  sing N N 163 
DG  "C5'" "H5'"  sing N N 164 
DG  "C5'" "H5''" sing N N 165 
DG  "C4'" "O4'"  sing N N 166 
DG  "C4'" "C3'"  sing N N 167 
DG  "C4'" "H4'"  sing N N 168 
DG  "O4'" "C1'"  sing N N 169 
DG  "C3'" "O3'"  sing N N 170 
DG  "C3'" "C2'"  sing N N 171 
DG  "C3'" "H3'"  sing N N 172 
DG  "O3'" "HO3'" sing N N 173 
DG  "C2'" "C1'"  sing N N 174 
DG  "C2'" "H2'"  sing N N 175 
DG  "C2'" "H2''" sing N N 176 
DG  "C1'" N9     sing N N 177 
DG  "C1'" "H1'"  sing N N 178 
DG  N9    C8     sing Y N 179 
DG  N9    C4     sing Y N 180 
DG  C8    N7     doub Y N 181 
DG  C8    H8     sing N N 182 
DG  N7    C5     sing Y N 183 
DG  C5    C6     sing N N 184 
DG  C5    C4     doub Y N 185 
DG  C6    O6     doub N N 186 
DG  C6    N1     sing N N 187 
DG  N1    C2     sing N N 188 
DG  N1    H1     sing N N 189 
DG  C2    N2     sing N N 190 
DG  C2    N3     doub N N 191 
DG  N2    H21    sing N N 192 
DG  N2    H22    sing N N 193 
DG  N3    C4     sing N N 194 
DT  OP3   P      sing N N 195 
DT  OP3   HOP3   sing N N 196 
DT  P     OP1    doub N N 197 
DT  P     OP2    sing N N 198 
DT  P     "O5'"  sing N N 199 
DT  OP2   HOP2   sing N N 200 
DT  "O5'" "C5'"  sing N N 201 
DT  "C5'" "C4'"  sing N N 202 
DT  "C5'" "H5'"  sing N N 203 
DT  "C5'" "H5''" sing N N 204 
DT  "C4'" "O4'"  sing N N 205 
DT  "C4'" "C3'"  sing N N 206 
DT  "C4'" "H4'"  sing N N 207 
DT  "O4'" "C1'"  sing N N 208 
DT  "C3'" "O3'"  sing N N 209 
DT  "C3'" "C2'"  sing N N 210 
DT  "C3'" "H3'"  sing N N 211 
DT  "O3'" "HO3'" sing N N 212 
DT  "C2'" "C1'"  sing N N 213 
DT  "C2'" "H2'"  sing N N 214 
DT  "C2'" "H2''" sing N N 215 
DT  "C1'" N1     sing N N 216 
DT  "C1'" "H1'"  sing N N 217 
DT  N1    C2     sing N N 218 
DT  N1    C6     sing N N 219 
DT  C2    O2     doub N N 220 
DT  C2    N3     sing N N 221 
DT  N3    C4     sing N N 222 
DT  N3    H3     sing N N 223 
DT  C4    O4     doub N N 224 
DT  C4    C5     sing N N 225 
DT  C5    C7     sing N N 226 
DT  C5    C6     doub N N 227 
DT  C7    H71    sing N N 228 
DT  C7    H72    sing N N 229 
DT  C7    H73    sing N N 230 
DT  C6    H6     sing N N 231 
GLN N     CA     sing N N 232 
GLN N     H      sing N N 233 
GLN N     H2     sing N N 234 
GLN CA    C      sing N N 235 
GLN CA    CB     sing N N 236 
GLN CA    HA     sing N N 237 
GLN C     O      doub N N 238 
GLN C     OXT    sing N N 239 
GLN CB    CG     sing N N 240 
GLN CB    HB2    sing N N 241 
GLN CB    HB3    sing N N 242 
GLN CG    CD     sing N N 243 
GLN CG    HG2    sing N N 244 
GLN CG    HG3    sing N N 245 
GLN CD    OE1    doub N N 246 
GLN CD    NE2    sing N N 247 
GLN NE2   HE21   sing N N 248 
GLN NE2   HE22   sing N N 249 
GLN OXT   HXT    sing N N 250 
GLU N     CA     sing N N 251 
GLU N     H      sing N N 252 
GLU N     H2     sing N N 253 
GLU CA    C      sing N N 254 
GLU CA    CB     sing N N 255 
GLU CA    HA     sing N N 256 
GLU C     O      doub N N 257 
GLU C     OXT    sing N N 258 
GLU CB    CG     sing N N 259 
GLU CB    HB2    sing N N 260 
GLU CB    HB3    sing N N 261 
GLU CG    CD     sing N N 262 
GLU CG    HG2    sing N N 263 
GLU CG    HG3    sing N N 264 
GLU CD    OE1    doub N N 265 
GLU CD    OE2    sing N N 266 
GLU OE2   HE2    sing N N 267 
GLU OXT   HXT    sing N N 268 
GLY N     CA     sing N N 269 
GLY N     H      sing N N 270 
GLY N     H2     sing N N 271 
GLY CA    C      sing N N 272 
GLY CA    HA2    sing N N 273 
GLY CA    HA3    sing N N 274 
GLY C     O      doub N N 275 
GLY C     OXT    sing N N 276 
GLY OXT   HXT    sing N N 277 
HIS N     CA     sing N N 278 
HIS N     H      sing N N 279 
HIS N     H2     sing N N 280 
HIS CA    C      sing N N 281 
HIS CA    CB     sing N N 282 
HIS CA    HA     sing N N 283 
HIS C     O      doub N N 284 
HIS C     OXT    sing N N 285 
HIS CB    CG     sing N N 286 
HIS CB    HB2    sing N N 287 
HIS CB    HB3    sing N N 288 
HIS CG    ND1    sing Y N 289 
HIS CG    CD2    doub Y N 290 
HIS ND1   CE1    doub Y N 291 
HIS ND1   HD1    sing N N 292 
HIS CD2   NE2    sing Y N 293 
HIS CD2   HD2    sing N N 294 
HIS CE1   NE2    sing Y N 295 
HIS CE1   HE1    sing N N 296 
HIS NE2   HE2    sing N N 297 
HIS OXT   HXT    sing N N 298 
HOH O     H1     sing N N 299 
HOH O     H2     sing N N 300 
ILE N     CA     sing N N 301 
ILE N     H      sing N N 302 
ILE N     H2     sing N N 303 
ILE CA    C      sing N N 304 
ILE CA    CB     sing N N 305 
ILE CA    HA     sing N N 306 
ILE C     O      doub N N 307 
ILE C     OXT    sing N N 308 
ILE CB    CG1    sing N N 309 
ILE CB    CG2    sing N N 310 
ILE CB    HB     sing N N 311 
ILE CG1   CD1    sing N N 312 
ILE CG1   HG12   sing N N 313 
ILE CG1   HG13   sing N N 314 
ILE CG2   HG21   sing N N 315 
ILE CG2   HG22   sing N N 316 
ILE CG2   HG23   sing N N 317 
ILE CD1   HD11   sing N N 318 
ILE CD1   HD12   sing N N 319 
ILE CD1   HD13   sing N N 320 
ILE OXT   HXT    sing N N 321 
LEU N     CA     sing N N 322 
LEU N     H      sing N N 323 
LEU N     H2     sing N N 324 
LEU CA    C      sing N N 325 
LEU CA    CB     sing N N 326 
LEU CA    HA     sing N N 327 
LEU C     O      doub N N 328 
LEU C     OXT    sing N N 329 
LEU CB    CG     sing N N 330 
LEU CB    HB2    sing N N 331 
LEU CB    HB3    sing N N 332 
LEU CG    CD1    sing N N 333 
LEU CG    CD2    sing N N 334 
LEU CG    HG     sing N N 335 
LEU CD1   HD11   sing N N 336 
LEU CD1   HD12   sing N N 337 
LEU CD1   HD13   sing N N 338 
LEU CD2   HD21   sing N N 339 
LEU CD2   HD22   sing N N 340 
LEU CD2   HD23   sing N N 341 
LEU OXT   HXT    sing N N 342 
LYS N     CA     sing N N 343 
LYS N     H      sing N N 344 
LYS N     H2     sing N N 345 
LYS CA    C      sing N N 346 
LYS CA    CB     sing N N 347 
LYS CA    HA     sing N N 348 
LYS C     O      doub N N 349 
LYS C     OXT    sing N N 350 
LYS CB    CG     sing N N 351 
LYS CB    HB2    sing N N 352 
LYS CB    HB3    sing N N 353 
LYS CG    CD     sing N N 354 
LYS CG    HG2    sing N N 355 
LYS CG    HG3    sing N N 356 
LYS CD    CE     sing N N 357 
LYS CD    HD2    sing N N 358 
LYS CD    HD3    sing N N 359 
LYS CE    NZ     sing N N 360 
LYS CE    HE2    sing N N 361 
LYS CE    HE3    sing N N 362 
LYS NZ    HZ1    sing N N 363 
LYS NZ    HZ2    sing N N 364 
LYS NZ    HZ3    sing N N 365 
LYS OXT   HXT    sing N N 366 
MET N     CA     sing N N 367 
MET N     H      sing N N 368 
MET N     H2     sing N N 369 
MET CA    C      sing N N 370 
MET CA    CB     sing N N 371 
MET CA    HA     sing N N 372 
MET C     O      doub N N 373 
MET C     OXT    sing N N 374 
MET CB    CG     sing N N 375 
MET CB    HB2    sing N N 376 
MET CB    HB3    sing N N 377 
MET CG    SD     sing N N 378 
MET CG    HG2    sing N N 379 
MET CG    HG3    sing N N 380 
MET SD    CE     sing N N 381 
MET CE    HE1    sing N N 382 
MET CE    HE2    sing N N 383 
MET CE    HE3    sing N N 384 
MET OXT   HXT    sing N N 385 
PHE N     CA     sing N N 386 
PHE N     H      sing N N 387 
PHE N     H2     sing N N 388 
PHE CA    C      sing N N 389 
PHE CA    CB     sing N N 390 
PHE CA    HA     sing N N 391 
PHE C     O      doub N N 392 
PHE C     OXT    sing N N 393 
PHE CB    CG     sing N N 394 
PHE CB    HB2    sing N N 395 
PHE CB    HB3    sing N N 396 
PHE CG    CD1    doub Y N 397 
PHE CG    CD2    sing Y N 398 
PHE CD1   CE1    sing Y N 399 
PHE CD1   HD1    sing N N 400 
PHE CD2   CE2    doub Y N 401 
PHE CD2   HD2    sing N N 402 
PHE CE1   CZ     doub Y N 403 
PHE CE1   HE1    sing N N 404 
PHE CE2   CZ     sing Y N 405 
PHE CE2   HE2    sing N N 406 
PHE CZ    HZ     sing N N 407 
PHE OXT   HXT    sing N N 408 
PRO N     CA     sing N N 409 
PRO N     CD     sing N N 410 
PRO N     H      sing N N 411 
PRO CA    C      sing N N 412 
PRO CA    CB     sing N N 413 
PRO CA    HA     sing N N 414 
PRO C     O      doub N N 415 
PRO C     OXT    sing N N 416 
PRO CB    CG     sing N N 417 
PRO CB    HB2    sing N N 418 
PRO CB    HB3    sing N N 419 
PRO CG    CD     sing N N 420 
PRO CG    HG2    sing N N 421 
PRO CG    HG3    sing N N 422 
PRO CD    HD2    sing N N 423 
PRO CD    HD3    sing N N 424 
PRO OXT   HXT    sing N N 425 
SER N     CA     sing N N 426 
SER N     H      sing N N 427 
SER N     H2     sing N N 428 
SER CA    C      sing N N 429 
SER CA    CB     sing N N 430 
SER CA    HA     sing N N 431 
SER C     O      doub N N 432 
SER C     OXT    sing N N 433 
SER CB    OG     sing N N 434 
SER CB    HB2    sing N N 435 
SER CB    HB3    sing N N 436 
SER OG    HG     sing N N 437 
SER OXT   HXT    sing N N 438 
THR N     CA     sing N N 439 
THR N     H      sing N N 440 
THR N     H2     sing N N 441 
THR CA    C      sing N N 442 
THR CA    CB     sing N N 443 
THR CA    HA     sing N N 444 
THR C     O      doub N N 445 
THR C     OXT    sing N N 446 
THR CB    OG1    sing N N 447 
THR CB    CG2    sing N N 448 
THR CB    HB     sing N N 449 
THR OG1   HG1    sing N N 450 
THR CG2   HG21   sing N N 451 
THR CG2   HG22   sing N N 452 
THR CG2   HG23   sing N N 453 
THR OXT   HXT    sing N N 454 
TYR N     CA     sing N N 455 
TYR N     H      sing N N 456 
TYR N     H2     sing N N 457 
TYR CA    C      sing N N 458 
TYR CA    CB     sing N N 459 
TYR CA    HA     sing N N 460 
TYR C     O      doub N N 461 
TYR C     OXT    sing N N 462 
TYR CB    CG     sing N N 463 
TYR CB    HB2    sing N N 464 
TYR CB    HB3    sing N N 465 
TYR CG    CD1    doub Y N 466 
TYR CG    CD2    sing Y N 467 
TYR CD1   CE1    sing Y N 468 
TYR CD1   HD1    sing N N 469 
TYR CD2   CE2    doub Y N 470 
TYR CD2   HD2    sing N N 471 
TYR CE1   CZ     doub Y N 472 
TYR CE1   HE1    sing N N 473 
TYR CE2   CZ     sing Y N 474 
TYR CE2   HE2    sing N N 475 
TYR CZ    OH     sing N N 476 
TYR OH    HH     sing N N 477 
TYR OXT   HXT    sing N N 478 
VAL N     CA     sing N N 479 
VAL N     H      sing N N 480 
VAL N     H2     sing N N 481 
VAL CA    C      sing N N 482 
VAL CA    CB     sing N N 483 
VAL CA    HA     sing N N 484 
VAL C     O      doub N N 485 
VAL C     OXT    sing N N 486 
VAL CB    CG1    sing N N 487 
VAL CB    CG2    sing N N 488 
VAL CB    HB     sing N N 489 
VAL CG1   HG11   sing N N 490 
VAL CG1   HG12   sing N N 491 
VAL CG1   HG13   sing N N 492 
VAL CG2   HG21   sing N N 493 
VAL CG2   HG22   sing N N 494 
VAL CG2   HG23   sing N N 495 
VAL OXT   HXT    sing N N 496 
# 
loop_
_ndb_struct_conf_na.entry_id 
_ndb_struct_conf_na.feature 
1JK1 'double helix'        
1JK1 'b-form double helix' 
# 
loop_
_ndb_struct_na_base_pair.model_number 
_ndb_struct_na_base_pair.i_label_asym_id 
_ndb_struct_na_base_pair.i_label_comp_id 
_ndb_struct_na_base_pair.i_label_seq_id 
_ndb_struct_na_base_pair.i_symmetry 
_ndb_struct_na_base_pair.j_label_asym_id 
_ndb_struct_na_base_pair.j_label_comp_id 
_ndb_struct_na_base_pair.j_label_seq_id 
_ndb_struct_na_base_pair.j_symmetry 
_ndb_struct_na_base_pair.shear 
_ndb_struct_na_base_pair.stretch 
_ndb_struct_na_base_pair.stagger 
_ndb_struct_na_base_pair.buckle 
_ndb_struct_na_base_pair.propeller 
_ndb_struct_na_base_pair.opening 
_ndb_struct_na_base_pair.pair_number 
_ndb_struct_na_base_pair.pair_name 
_ndb_struct_na_base_pair.i_auth_asym_id 
_ndb_struct_na_base_pair.i_auth_seq_id 
_ndb_struct_na_base_pair.i_PDB_ins_code 
_ndb_struct_na_base_pair.j_auth_asym_id 
_ndb_struct_na_base_pair.j_auth_seq_id 
_ndb_struct_na_base_pair.j_PDB_ins_code 
_ndb_struct_na_base_pair.hbond_type_28 
_ndb_struct_na_base_pair.hbond_type_12 
1 A DG 2  1_555 B DC 11 1_555 -0.257 -0.132 -0.096 -5.139 1.854   0.039  1  B_DG2:DC61_C  B 2  ? C 61 ? 19 1 
1 A DC 3  1_555 B DG 10 1_555 0.394  -0.192 -0.304 15.412 -5.936  2.629  2  B_DC3:DG60_C  B 3  ? C 60 ? 19 1 
1 A DG 4  1_555 B DC 9  1_555 -0.261 -0.161 0.026  -3.723 -2.882  -2.323 3  B_DG4:DC59_C  B 4  ? C 59 ? 19 1 
1 A DT 5  1_555 B DA 8  1_555 -0.116 -0.079 0.152  2.467  -2.572  3.636  4  B_DT5:DA58_C  B 5  ? C 58 ? 20 1 
1 A DG 6  1_555 B DC 7  1_555 -0.214 -0.214 0.198  2.822  -8.702  -0.790 5  B_DG6:DC57_C  B 6  ? C 57 ? 19 1 
1 A DG 7  1_555 B DC 6  1_555 -0.206 -0.182 -0.106 -3.704 -6.433  -1.270 6  B_DG7:DC56_C  B 7  ? C 56 ? 19 1 
1 A DG 8  1_555 B DC 5  1_555 -0.389 -0.209 -0.123 -0.322 -10.597 0.359  7  B_DG8:DC55_C  B 8  ? C 55 ? 19 1 
1 A DC 9  1_555 B DG 4  1_555 0.255  -0.067 -0.062 0.452  -6.078  -2.386 8  B_DC9:DG54_C  B 9  ? C 54 ? 19 1 
1 A DG 10 1_555 B DC 3  1_555 -0.281 -0.279 0.142  2.285  -7.088  0.753  9  B_DG10:DC53_C B 10 ? C 53 ? 19 1 
1 A DG 11 1_555 B DC 2  1_555 -0.204 -0.102 -0.329 -5.104 -16.613 2.612  10 B_DG11:DC52_C B 11 ? C 52 ? 19 1 
# 
loop_
_ndb_struct_na_base_pair_step.model_number 
_ndb_struct_na_base_pair_step.i_label_asym_id_1 
_ndb_struct_na_base_pair_step.i_label_comp_id_1 
_ndb_struct_na_base_pair_step.i_label_seq_id_1 
_ndb_struct_na_base_pair_step.i_symmetry_1 
_ndb_struct_na_base_pair_step.j_label_asym_id_1 
_ndb_struct_na_base_pair_step.j_label_comp_id_1 
_ndb_struct_na_base_pair_step.j_label_seq_id_1 
_ndb_struct_na_base_pair_step.j_symmetry_1 
_ndb_struct_na_base_pair_step.i_label_asym_id_2 
_ndb_struct_na_base_pair_step.i_label_comp_id_2 
_ndb_struct_na_base_pair_step.i_label_seq_id_2 
_ndb_struct_na_base_pair_step.i_symmetry_2 
_ndb_struct_na_base_pair_step.j_label_asym_id_2 
_ndb_struct_na_base_pair_step.j_label_comp_id_2 
_ndb_struct_na_base_pair_step.j_label_seq_id_2 
_ndb_struct_na_base_pair_step.j_symmetry_2 
_ndb_struct_na_base_pair_step.shift 
_ndb_struct_na_base_pair_step.slide 
_ndb_struct_na_base_pair_step.rise 
_ndb_struct_na_base_pair_step.tilt 
_ndb_struct_na_base_pair_step.roll 
_ndb_struct_na_base_pair_step.twist 
_ndb_struct_na_base_pair_step.x_displacement 
_ndb_struct_na_base_pair_step.y_displacement 
_ndb_struct_na_base_pair_step.helical_rise 
_ndb_struct_na_base_pair_step.inclination 
_ndb_struct_na_base_pair_step.tip 
_ndb_struct_na_base_pair_step.helical_twist 
_ndb_struct_na_base_pair_step.step_number 
_ndb_struct_na_base_pair_step.step_name 
_ndb_struct_na_base_pair_step.i_auth_asym_id_1 
_ndb_struct_na_base_pair_step.i_auth_seq_id_1 
_ndb_struct_na_base_pair_step.i_PDB_ins_code_1 
_ndb_struct_na_base_pair_step.j_auth_asym_id_1 
_ndb_struct_na_base_pair_step.j_auth_seq_id_1 
_ndb_struct_na_base_pair_step.j_PDB_ins_code_1 
_ndb_struct_na_base_pair_step.i_auth_asym_id_2 
_ndb_struct_na_base_pair_step.i_auth_seq_id_2 
_ndb_struct_na_base_pair_step.i_PDB_ins_code_2 
_ndb_struct_na_base_pair_step.j_auth_asym_id_2 
_ndb_struct_na_base_pair_step.j_auth_seq_id_2 
_ndb_struct_na_base_pair_step.j_PDB_ins_code_2 
1 A DG 2  1_555 B DC 11 1_555 A DC 3  1_555 B DG 10 1_555 0.873  -0.208 2.845 2.456  7.316 23.621 -2.413 -1.382 2.733 17.291 
-5.804 24.833 1 BB_DG2DC3:DG60DC61_CC   B 2  ? C 61 ? B 3  ? C 60 ? 
1 A DC 3  1_555 B DG 10 1_555 A DG 4  1_555 B DC 9  1_555 -0.901 -0.515 3.603 -5.669 9.718 37.637 -2.049 0.595  3.466 14.667 8.556 
39.224 2 BB_DC3DG4:DC59DG60_CC   B 3  ? C 60 ? B 4  ? C 59 ? 
1 A DG 4  1_555 B DC 9  1_555 A DT 5  1_555 B DA 8  1_555 0.378  -0.790 3.357 -1.667 7.224 25.721 -3.565 -1.246 2.997 15.815 3.650 
26.751 3 BB_DG4DT5:DA58DC59_CC   B 4  ? C 59 ? B 5  ? C 58 ? 
1 A DT 5  1_555 B DA 8  1_555 A DG 6  1_555 B DC 7  1_555 -1.295 -0.231 3.296 -4.904 0.991 35.482 -0.522 1.378  3.431 1.617  7.998 
35.821 4 BB_DT5DG6:DC57DA58_CC   B 5  ? C 58 ? B 6  ? C 57 ? 
1 A DG 6  1_555 B DC 7  1_555 A DG 7  1_555 B DC 6  1_555 -0.943 -0.863 3.363 -2.478 5.482 32.594 -2.453 1.230  3.240 9.664  4.369 
33.130 5 BB_DG6DG7:DC56DC57_CC   B 6  ? C 57 ? B 7  ? C 56 ? 
1 A DG 7  1_555 B DC 6  1_555 A DG 8  1_555 B DC 5  1_555 -0.258 -0.373 3.364 -2.344 3.613 35.032 -1.165 0.069  3.320 5.975  3.877 
35.288 6 BB_DG7DG8:DC55DC56_CC   B 7  ? C 56 ? B 8  ? C 55 ? 
1 A DG 8  1_555 B DC 5  1_555 A DC 9  1_555 B DG 4  1_555 0.536  -0.598 3.262 0.983  0.314 32.926 -1.107 -0.778 3.271 0.553  
-1.733 32.941 7 BB_DG8DC9:DG54DC55_CC   B 8  ? C 55 ? B 9  ? C 54 ? 
1 A DC 9  1_555 B DG 4  1_555 A DG 10 1_555 B DC 3  1_555 -0.671 0.402  3.326 -0.957 5.060 29.704 -0.289 1.089  3.366 9.777  1.848 
30.138 8 BB_DC9DG10:DC53DG54_CC  B 9  ? C 54 ? B 10 ? C 53 ? 
1 A DG 10 1_555 B DC 3  1_555 A DG 11 1_555 B DC 2  1_555 0.223  -0.341 3.552 2.365  9.193 31.501 -2.295 0.042  3.331 16.471 
-4.237 32.865 9 BB_DG10DG11:DC52DC53_CC B 10 ? C 53 ? B 11 ? C 52 ? 
# 
loop_
_pdbx_entity_nonpoly.entity_id 
_pdbx_entity_nonpoly.name 
_pdbx_entity_nonpoly.comp_id 
4 'ZINC ION' ZN  
5 water      HOH 
# 
_pdbx_initial_refinement_model.id               1 
_pdbx_initial_refinement_model.entity_id_list   ? 
_pdbx_initial_refinement_model.type             'experimental model' 
_pdbx_initial_refinement_model.source_name      PDB 
_pdbx_initial_refinement_model.accession_code   1AAY 
_pdbx_initial_refinement_model.details          '1AAY.pdb with waters and sidechains for residues 18,20, and 21 removed' 
# 
